data_2GB3
#
_entry.id   2GB3
#
_cell.length_a   75.094
_cell.length_b   214.051
_cell.length_c   76.839
_cell.angle_alpha   90.000
_cell.angle_beta   112.310
_cell.angle_gamma   90.000
#
_symmetry.space_group_name_H-M   'P 1 21 1'
#
loop_
_entity.id
_entity.type
_entity.pdbx_description
1 polymer 'aspartate aminotransferase'
2 water water
#
_entity_poly.entity_id   1
_entity_poly.type   'polypeptide(L)'
_entity_poly.pdbx_seq_one_letter_code
;(MSE)GSDKIHHHHHH(MSE)DVFSDRVLLTEESPIRKLVPFAE(MSE)AKKRGVRIHHLNIGQPDLKTPEVFFERIYEN
KPEVVYYSHSAGIWELREAFASYYKRRQRVDVKPENVLVTNGGSEAILFSFAVIANPGDEILVLEPFYANYNAFAKIAGV
KLIPVTRR(MSE)EEGFAIPQNLESFINERTKGIVLSNPCNPTGVVYGKDE(MSE)RYLVEIAERHGLFLIVDEVYSEIV
FRGEFASALSIESDKVVVIDSVS(LLP)KFSACGARVGCLITRNEELISHA(MSE)KLAQGRLAPPLLEQIGSVGLLNLD
DSFFDFVRETYRERVETVLKKLEEHGLKRFTKPSGAFYITAELPVEDAEEFARW(MSE)LTDFN(MSE)DGETT(MSE)V
APLRGFYLTPGLGKKEIRIACVLEKDLLSRAIDVL(MSE)EGLK(MSE)FCSSRISC
;
_entity_poly.pdbx_strand_id   A,B,C,D,E,F
#
# COMPACT_ATOMS: atom_id res chain seq x y z
N PHE A 16 7.91 39.64 -13.02
CA PHE A 16 7.08 38.51 -12.50
C PHE A 16 7.45 37.23 -13.20
N SER A 17 6.96 36.12 -12.67
CA SER A 17 7.25 34.81 -13.23
C SER A 17 6.57 34.56 -14.58
N ASP A 18 7.23 33.79 -15.45
CA ASP A 18 6.69 33.43 -16.77
C ASP A 18 5.35 32.73 -16.56
N ARG A 19 5.36 31.87 -15.55
CA ARG A 19 4.22 31.11 -15.09
C ARG A 19 2.92 31.96 -15.09
N VAL A 20 3.00 33.18 -14.56
CA VAL A 20 1.83 34.06 -14.50
C VAL A 20 1.73 35.08 -15.64
N LEU A 21 2.85 35.39 -16.29
CA LEU A 21 2.85 36.34 -17.43
C LEU A 21 2.23 35.71 -18.67
N LEU A 22 2.51 34.42 -18.89
CA LEU A 22 1.99 33.69 -20.05
C LEU A 22 0.50 33.33 -19.89
N THR A 23 -0.01 33.34 -18.65
CA THR A 23 -1.41 33.03 -18.40
C THR A 23 -2.37 34.18 -18.74
N GLU A 24 -3.16 34.00 -19.81
CA GLU A 24 -4.17 35.00 -20.20
C GLU A 24 -5.34 34.72 -19.26
N GLU A 25 -6.23 35.70 -19.07
CA GLU A 25 -7.36 35.48 -18.17
C GLU A 25 -8.45 34.64 -18.86
N SER A 26 -9.12 33.81 -18.06
CA SER A 26 -10.18 32.91 -18.52
C SER A 26 -11.25 33.59 -19.39
N PRO A 27 -11.63 32.94 -20.52
CA PRO A 27 -12.67 33.49 -21.41
C PRO A 27 -13.98 33.73 -20.67
N ILE A 28 -14.22 32.95 -19.61
CA ILE A 28 -15.43 33.09 -18.79
C ILE A 28 -15.28 34.39 -17.99
N ARG A 29 -14.15 34.53 -17.29
CA ARG A 29 -13.87 35.74 -16.50
C ARG A 29 -13.89 37.02 -17.33
N LYS A 30 -13.47 36.92 -18.59
CA LYS A 30 -13.44 38.07 -19.50
C LYS A 30 -14.84 38.61 -19.85
N LEU A 31 -15.88 37.82 -19.55
CA LEU A 31 -17.27 38.21 -19.81
C LEU A 31 -17.91 38.91 -18.60
N VAL A 32 -17.28 38.82 -17.43
CA VAL A 32 -17.77 39.45 -16.20
C VAL A 32 -17.97 40.97 -16.32
N PRO A 33 -16.98 41.70 -16.89
CA PRO A 33 -17.17 43.15 -17.04
C PRO A 33 -18.39 43.49 -17.89
N PHE A 34 -18.62 42.71 -18.95
CA PHE A 34 -19.76 42.94 -19.84
C PHE A 34 -21.08 42.57 -19.14
N ALA A 35 -21.01 41.57 -18.26
CA ALA A 35 -22.17 41.12 -17.49
C ALA A 35 -22.57 42.17 -16.45
N GLU A 36 -21.58 42.67 -15.71
CA GLU A 36 -21.82 43.68 -14.68
C GLU A 36 -22.46 44.94 -15.30
N MSE A 37 -22.01 45.30 -16.50
CA MSE A 37 -22.52 46.44 -17.24
C MSE A 37 -23.98 46.23 -17.69
O MSE A 37 -24.74 47.20 -17.86
CB MSE A 37 -21.63 46.63 -18.46
CG MSE A 37 -22.04 47.72 -19.43
SE MSE A 37 -20.70 47.88 -20.87
CE MSE A 37 -20.80 46.03 -21.66
N ALA A 38 -24.35 44.96 -17.91
CA ALA A 38 -25.71 44.60 -18.32
C ALA A 38 -26.68 44.70 -17.15
N LYS A 39 -26.24 44.32 -15.95
CA LYS A 39 -27.06 44.40 -14.75
C LYS A 39 -27.38 45.86 -14.44
N LYS A 40 -26.42 46.75 -14.73
CA LYS A 40 -26.61 48.19 -14.52
C LYS A 40 -27.72 48.72 -15.42
N ARG A 41 -27.86 48.13 -16.61
CA ARG A 41 -28.91 48.53 -17.56
C ARG A 41 -30.29 47.95 -17.21
N GLY A 42 -30.36 47.14 -16.15
CA GLY A 42 -31.61 46.54 -15.69
C GLY A 42 -31.95 45.27 -16.44
N VAL A 43 -31.00 44.35 -16.50
CA VAL A 43 -31.19 43.08 -17.20
C VAL A 43 -30.98 41.91 -16.25
N ARG A 44 -31.97 41.02 -16.18
CA ARG A 44 -31.89 39.85 -15.32
C ARG A 44 -31.09 38.80 -16.11
N ILE A 45 -29.92 38.42 -15.61
CA ILE A 45 -29.08 37.45 -16.32
C ILE A 45 -29.19 36.03 -15.75
N HIS A 46 -29.37 35.06 -16.64
CA HIS A 46 -29.45 33.65 -16.24
C HIS A 46 -28.05 33.07 -16.35
N HIS A 47 -27.42 32.82 -15.20
CA HIS A 47 -26.06 32.28 -15.16
C HIS A 47 -25.95 30.78 -15.36
N LEU A 48 -25.57 30.36 -16.57
CA LEU A 48 -25.38 28.96 -16.90
C LEU A 48 -23.91 28.73 -17.24
N ASN A 49 -23.07 29.68 -16.81
CA ASN A 49 -21.63 29.66 -17.09
C ASN A 49 -20.75 29.14 -15.97
N ILE A 50 -21.28 29.04 -14.76
CA ILE A 50 -20.49 28.58 -13.61
C ILE A 50 -21.04 27.31 -13.00
N GLY A 51 -20.16 26.45 -12.52
CA GLY A 51 -20.57 25.19 -11.90
C GLY A 51 -20.92 25.30 -10.42
N GLN A 52 -21.55 26.40 -10.02
CA GLN A 52 -21.95 26.62 -8.63
C GLN A 52 -23.35 26.07 -8.42
N PRO A 53 -23.49 24.97 -7.64
CA PRO A 53 -24.82 24.44 -7.41
C PRO A 53 -25.73 25.43 -6.67
N ASP A 54 -27.01 25.41 -6.97
CA ASP A 54 -27.98 26.30 -6.31
C ASP A 54 -28.75 25.58 -5.19
N LEU A 55 -28.50 24.29 -5.03
CA LEU A 55 -29.20 23.50 -4.02
C LEU A 55 -28.82 23.88 -2.59
N LYS A 56 -29.79 23.83 -1.68
CA LYS A 56 -29.56 24.15 -0.27
C LYS A 56 -28.59 23.16 0.34
N THR A 57 -27.62 23.67 1.09
CA THR A 57 -26.64 22.82 1.74
C THR A 57 -27.42 22.08 2.84
N PRO A 58 -27.32 20.74 2.91
CA PRO A 58 -28.05 20.00 3.93
C PRO A 58 -27.83 20.57 5.34
N GLU A 59 -28.90 20.66 6.10
CA GLU A 59 -28.84 21.23 7.47
C GLU A 59 -27.88 20.50 8.43
N VAL A 60 -27.65 19.19 8.21
CA VAL A 60 -26.74 18.41 9.06
C VAL A 60 -25.34 19.05 9.14
N PHE A 61 -24.91 19.70 8.05
CA PHE A 61 -23.63 20.39 8.01
C PHE A 61 -23.54 21.45 9.10
N PHE A 62 -24.58 22.27 9.22
CA PHE A 62 -24.61 23.32 10.23
C PHE A 62 -24.88 22.80 11.63
N GLU A 63 -25.75 21.78 11.73
CA GLU A 63 -26.10 21.17 13.00
C GLU A 63 -24.87 20.57 13.67
N ARG A 64 -24.14 19.72 12.94
CA ARG A 64 -22.89 19.12 13.45
C ARG A 64 -21.89 20.16 13.98
N ILE A 65 -21.76 21.26 13.25
CA ILE A 65 -20.86 22.35 13.63
C ILE A 65 -21.33 23.01 14.92
N TYR A 66 -22.63 23.29 15.02
CA TYR A 66 -23.22 23.91 16.21
C TYR A 66 -23.13 22.99 17.44
N GLU A 67 -23.36 21.71 17.25
CA GLU A 67 -23.30 20.74 18.35
C GLU A 67 -21.89 20.44 18.85
N ASN A 68 -20.90 20.56 17.97
CA ASN A 68 -19.49 20.30 18.32
C ASN A 68 -18.64 21.56 18.19
N LYS A 69 -19.13 22.65 18.74
CA LYS A 69 -18.43 23.93 18.75
C LYS A 69 -17.21 23.79 19.66
N PRO A 70 -15.98 23.88 19.11
CA PRO A 70 -14.82 23.76 19.98
C PRO A 70 -14.50 25.10 20.64
N GLU A 71 -13.96 25.06 21.86
CA GLU A 71 -13.62 26.30 22.56
C GLU A 71 -12.47 27.03 21.86
N VAL A 72 -11.59 26.26 21.23
CA VAL A 72 -10.45 26.80 20.49
C VAL A 72 -10.50 26.28 19.06
N VAL A 73 -10.48 27.18 18.08
CA VAL A 73 -10.49 26.78 16.68
C VAL A 73 -9.03 26.49 16.34
N TYR A 74 -8.61 25.27 16.64
CA TYR A 74 -7.22 24.80 16.45
C TYR A 74 -6.89 24.15 15.11
N TYR A 75 -5.60 23.98 14.84
CA TYR A 75 -5.16 23.30 13.64
C TYR A 75 -5.44 21.82 13.89
N SER A 76 -6.14 21.15 13.00
CA SER A 76 -6.40 19.74 13.19
C SER A 76 -5.15 18.99 12.77
N HIS A 77 -5.20 17.67 12.83
CA HIS A 77 -4.10 16.84 12.38
C HIS A 77 -3.94 17.20 10.89
N SER A 78 -2.71 17.26 10.39
CA SER A 78 -2.47 17.63 8.98
C SER A 78 -3.25 16.81 7.96
N ALA A 79 -3.42 15.52 8.19
CA ALA A 79 -4.19 14.69 7.27
C ALA A 79 -5.71 14.86 7.43
N GLY A 80 -6.14 15.61 8.43
CA GLY A 80 -7.57 15.86 8.69
C GLY A 80 -8.00 15.26 9.99
N ILE A 81 -9.17 15.65 10.48
CA ILE A 81 -9.70 15.10 11.73
C ILE A 81 -9.89 13.63 11.47
N TRP A 82 -9.51 12.78 12.42
CA TRP A 82 -9.65 11.34 12.26
C TRP A 82 -11.07 10.91 11.86
N GLU A 83 -12.09 11.50 12.49
CA GLU A 83 -13.49 11.17 12.18
C GLU A 83 -13.87 11.46 10.73
N LEU A 84 -13.31 12.51 10.15
CA LEU A 84 -13.60 12.86 8.77
C LEU A 84 -12.91 11.87 7.83
N ARG A 85 -11.71 11.41 8.22
CA ARG A 85 -10.98 10.43 7.42
C ARG A 85 -11.80 9.15 7.42
N GLU A 86 -12.41 8.82 8.57
CA GLU A 86 -13.29 7.65 8.68
C GLU A 86 -14.55 7.88 7.85
N ALA A 87 -15.10 9.09 7.91
CA ALA A 87 -16.31 9.45 7.18
C ALA A 87 -16.10 9.25 5.67
N PHE A 88 -14.96 9.68 5.13
CA PHE A 88 -14.68 9.47 3.70
C PHE A 88 -14.52 7.98 3.42
N ALA A 89 -13.81 7.28 4.29
CA ALA A 89 -13.59 5.84 4.12
C ALA A 89 -14.94 5.09 4.07
N SER A 90 -15.82 5.37 5.03
CA SER A 90 -17.13 4.74 5.09
C SER A 90 -18.01 5.08 3.89
N TYR A 91 -17.91 6.32 3.40
CA TYR A 91 -18.68 6.73 2.24
C TYR A 91 -18.31 5.85 1.04
N TYR A 92 -17.01 5.69 0.77
CA TYR A 92 -16.54 4.85 -0.34
C TYR A 92 -16.95 3.38 -0.24
N LYS A 93 -17.02 2.83 0.97
CA LYS A 93 -17.44 1.44 1.15
C LYS A 93 -18.94 1.32 0.97
N ARG A 94 -19.69 2.21 1.62
N ARG A 94 -19.68 2.22 1.60
CA ARG A 94 -21.15 2.19 1.58
CA ARG A 94 -21.15 2.21 1.57
C ARG A 94 -21.73 2.64 0.23
C ARG A 94 -21.68 2.60 0.19
N ARG A 95 -21.23 3.73 -0.33
CA ARG A 95 -21.73 4.24 -1.63
C ARG A 95 -20.99 3.81 -2.90
N GLN A 96 -19.66 3.79 -2.88
CA GLN A 96 -18.89 3.41 -4.07
C GLN A 96 -18.47 1.92 -4.06
N ARG A 97 -18.82 1.20 -2.99
CA ARG A 97 -18.49 -0.22 -2.83
C ARG A 97 -16.99 -0.50 -3.01
N VAL A 98 -16.19 0.35 -2.40
CA VAL A 98 -14.73 0.27 -2.45
C VAL A 98 -14.20 0.18 -1.02
N ASP A 99 -13.25 -0.74 -0.79
CA ASP A 99 -12.68 -0.93 0.53
C ASP A 99 -11.49 0.02 0.72
N VAL A 100 -11.73 1.08 1.47
CA VAL A 100 -10.71 2.09 1.76
C VAL A 100 -10.57 2.21 3.27
N LYS A 101 -9.34 2.42 3.74
CA LYS A 101 -9.08 2.57 5.16
C LYS A 101 -8.87 4.05 5.43
N PRO A 102 -9.14 4.51 6.66
CA PRO A 102 -8.90 5.93 6.93
C PRO A 102 -7.45 6.35 6.63
N GLU A 103 -6.50 5.45 6.81
CA GLU A 103 -5.07 5.71 6.54
C GLU A 103 -4.80 6.02 5.06
N ASN A 104 -5.72 5.63 4.18
CA ASN A 104 -5.60 5.89 2.73
C ASN A 104 -6.14 7.27 2.34
N VAL A 105 -6.79 7.96 3.28
CA VAL A 105 -7.40 9.25 3.04
C VAL A 105 -6.57 10.39 3.60
N LEU A 106 -6.42 11.45 2.82
CA LEU A 106 -5.68 12.63 3.23
C LEU A 106 -6.65 13.79 2.97
N VAL A 107 -7.15 14.43 4.03
CA VAL A 107 -8.09 15.53 3.86
C VAL A 107 -7.34 16.78 3.43
N THR A 108 -7.91 17.47 2.45
CA THR A 108 -7.30 18.67 1.89
C THR A 108 -8.29 19.84 1.76
N ASN A 109 -7.77 21.01 1.40
CA ASN A 109 -8.59 22.20 1.18
C ASN A 109 -9.27 22.04 -0.18
N GLY A 110 -10.33 21.24 -0.19
CA GLY A 110 -11.09 20.95 -1.41
C GLY A 110 -10.27 20.05 -2.32
N GLY A 111 -10.87 19.64 -3.43
CA GLY A 111 -10.18 18.82 -4.40
C GLY A 111 -9.03 19.60 -5.03
N SER A 112 -9.19 20.91 -5.13
CA SER A 112 -8.18 21.79 -5.69
C SER A 112 -6.79 21.51 -5.13
N GLU A 113 -6.68 21.46 -3.81
CA GLU A 113 -5.39 21.22 -3.17
C GLU A 113 -4.90 19.78 -3.33
N ALA A 114 -5.83 18.81 -3.31
CA ALA A 114 -5.47 17.41 -3.49
C ALA A 114 -4.79 17.23 -4.85
N ILE A 115 -5.26 17.98 -5.85
CA ILE A 115 -4.71 17.93 -7.19
C ILE A 115 -3.31 18.54 -7.19
N LEU A 116 -3.18 19.70 -6.56
CA LEU A 116 -1.87 20.37 -6.46
C LEU A 116 -0.83 19.46 -5.79
N PHE A 117 -1.23 18.82 -4.69
CA PHE A 117 -0.33 17.89 -3.96
C PHE A 117 0.07 16.72 -4.83
N SER A 118 -0.91 16.12 -5.50
CA SER A 118 -0.66 14.99 -6.39
C SER A 118 0.39 15.36 -7.42
N PHE A 119 0.18 16.49 -8.08
CA PHE A 119 1.10 17.01 -9.10
C PHE A 119 2.53 17.20 -8.55
N ALA A 120 2.64 17.86 -7.40
CA ALA A 120 3.94 18.13 -6.79
C ALA A 120 4.65 16.85 -6.29
N VAL A 121 3.90 15.88 -5.80
CA VAL A 121 4.48 14.62 -5.31
C VAL A 121 5.01 13.70 -6.43
N ILE A 122 4.30 13.62 -7.56
CA ILE A 122 4.72 12.74 -8.65
C ILE A 122 5.64 13.36 -9.72
N ALA A 123 5.54 14.67 -9.94
CA ALA A 123 6.34 15.34 -10.97
C ALA A 123 7.24 16.45 -10.46
N ASN A 124 8.38 16.60 -11.14
CA ASN A 124 9.36 17.65 -10.86
C ASN A 124 9.00 18.86 -11.71
N PRO A 125 9.58 20.03 -11.39
CA PRO A 125 9.28 21.16 -12.26
C PRO A 125 9.87 20.84 -13.64
N GLY A 126 9.08 20.99 -14.69
CA GLY A 126 9.53 20.69 -16.05
C GLY A 126 9.04 19.34 -16.55
N ASP A 127 8.56 18.48 -15.65
CA ASP A 127 8.03 17.16 -16.03
C ASP A 127 6.67 17.34 -16.67
N GLU A 128 6.14 16.27 -17.24
CA GLU A 128 4.87 16.30 -17.94
C GLU A 128 3.79 15.39 -17.35
N ILE A 129 2.55 15.85 -17.44
CA ILE A 129 1.38 15.11 -17.00
C ILE A 129 0.37 15.18 -18.12
N LEU A 130 -0.08 14.02 -18.58
CA LEU A 130 -1.04 13.94 -19.66
C LEU A 130 -2.43 14.29 -19.15
N VAL A 131 -3.20 15.00 -19.98
CA VAL A 131 -4.55 15.38 -19.63
C VAL A 131 -5.44 15.17 -20.85
N LEU A 132 -6.65 14.69 -20.61
CA LEU A 132 -7.62 14.44 -21.67
C LEU A 132 -8.41 15.71 -21.97
N GLU A 133 -8.17 16.27 -23.16
CA GLU A 133 -8.84 17.50 -23.64
C GLU A 133 -10.21 17.25 -24.25
N PRO A 134 -11.19 18.12 -23.99
CA PRO A 134 -11.18 19.31 -23.17
C PRO A 134 -11.22 18.90 -21.71
N PHE A 135 -10.65 19.72 -20.84
CA PHE A 135 -10.61 19.39 -19.42
C PHE A 135 -10.88 20.57 -18.52
N TYR A 136 -11.11 20.26 -17.25
CA TYR A 136 -11.36 21.25 -16.21
C TYR A 136 -10.16 22.21 -16.13
N ALA A 137 -10.32 23.37 -16.76
CA ALA A 137 -9.27 24.41 -16.88
C ALA A 137 -8.41 24.67 -15.66
N ASN A 138 -8.99 24.59 -14.48
CA ASN A 138 -8.23 24.85 -13.24
C ASN A 138 -7.04 23.92 -12.99
N TYR A 139 -7.01 22.75 -13.62
CA TYR A 139 -5.84 21.84 -13.45
C TYR A 139 -4.60 22.54 -13.93
N ASN A 140 -4.76 23.34 -14.99
CA ASN A 140 -3.65 24.07 -15.57
C ASN A 140 -3.08 25.09 -14.57
N ALA A 141 -3.94 25.60 -13.69
CA ALA A 141 -3.50 26.55 -12.65
C ALA A 141 -2.62 25.83 -11.61
N PHE A 142 -3.04 24.64 -11.19
CA PHE A 142 -2.27 23.87 -10.19
C PHE A 142 -0.96 23.37 -10.81
N ALA A 143 -1.00 23.04 -12.11
CA ALA A 143 0.19 22.61 -12.81
C ALA A 143 1.21 23.73 -12.85
N LYS A 144 0.74 24.92 -13.19
CA LYS A 144 1.61 26.08 -13.32
C LYS A 144 2.24 26.44 -11.96
N ILE A 145 1.50 26.29 -10.86
CA ILE A 145 2.02 26.55 -9.51
C ILE A 145 3.09 25.52 -9.15
N ALA A 146 2.87 24.25 -9.52
CA ALA A 146 3.83 23.19 -9.25
C ALA A 146 4.97 23.16 -10.27
N GLY A 147 4.90 23.96 -11.32
CA GLY A 147 5.94 24.00 -12.36
C GLY A 147 5.92 22.79 -13.29
N VAL A 148 4.79 22.11 -13.33
CA VAL A 148 4.61 20.93 -14.17
C VAL A 148 3.93 21.34 -15.48
N LYS A 149 4.38 20.71 -16.57
CA LYS A 149 3.83 20.97 -17.90
C LYS A 149 2.66 20.02 -18.11
N LEU A 150 1.54 20.55 -18.58
CA LEU A 150 0.35 19.75 -18.77
C LEU A 150 0.28 19.48 -20.29
N ILE A 151 0.25 18.21 -20.68
CA ILE A 151 0.23 17.79 -22.09
C ILE A 151 -1.16 17.30 -22.54
N PRO A 152 -1.76 17.99 -23.51
CA PRO A 152 -3.09 17.60 -23.95
C PRO A 152 -3.17 16.38 -24.87
N VAL A 153 -4.22 15.58 -24.66
CA VAL A 153 -4.51 14.41 -25.47
C VAL A 153 -5.95 14.66 -25.91
N THR A 154 -6.07 15.19 -27.12
CA THR A 154 -7.34 15.58 -27.71
C THR A 154 -8.39 14.48 -27.90
N ARG A 155 -9.63 14.81 -27.55
CA ARG A 155 -10.77 13.92 -27.71
C ARG A 155 -11.76 14.70 -28.55
N ARG A 156 -12.53 14.00 -29.36
CA ARG A 156 -13.49 14.62 -30.26
C ARG A 156 -14.93 14.33 -29.85
N MSE A 157 -15.81 15.31 -30.07
CA MSE A 157 -17.24 15.15 -29.78
C MSE A 157 -17.82 14.05 -30.69
O MSE A 157 -18.67 13.27 -30.27
CB MSE A 157 -18.00 16.45 -30.01
CG MSE A 157 -19.53 16.34 -29.79
SE MSE A 157 -20.55 18.00 -30.06
CE MSE A 157 -19.76 19.10 -28.59
N GLU A 158 -17.37 14.04 -31.93
CA GLU A 158 -17.80 13.07 -32.94
C GLU A 158 -17.46 11.61 -32.57
N GLU A 159 -16.47 11.42 -31.68
CA GLU A 159 -16.08 10.10 -31.21
C GLU A 159 -16.70 9.86 -29.83
N GLY A 160 -17.59 10.76 -29.39
CA GLY A 160 -18.22 10.68 -28.09
C GLY A 160 -17.22 10.96 -26.97
N PHE A 161 -16.21 11.79 -27.28
CA PHE A 161 -15.13 12.15 -26.35
C PHE A 161 -14.48 10.92 -25.72
N ALA A 162 -14.22 9.91 -26.55
CA ALA A 162 -13.60 8.68 -26.07
C ALA A 162 -12.11 8.87 -25.88
N ILE A 163 -11.51 7.92 -25.19
CA ILE A 163 -10.07 7.93 -24.94
C ILE A 163 -9.46 7.58 -26.29
N PRO A 164 -8.60 8.45 -26.83
CA PRO A 164 -8.02 8.17 -28.14
C PRO A 164 -7.03 7.02 -28.15
N GLN A 165 -6.94 6.34 -29.29
CA GLN A 165 -6.05 5.21 -29.45
C GLN A 165 -4.57 5.58 -29.46
N ASN A 166 -4.25 6.84 -29.75
CA ASN A 166 -2.85 7.28 -29.79
C ASN A 166 -2.36 7.82 -28.44
N LEU A 167 -3.00 7.44 -27.35
CA LEU A 167 -2.64 7.90 -26.01
C LEU A 167 -1.18 7.63 -25.63
N GLU A 168 -0.73 6.40 -25.92
CA GLU A 168 0.63 5.98 -25.62
C GLU A 168 1.72 6.79 -26.32
N SER A 169 1.41 7.29 -27.52
CA SER A 169 2.37 8.06 -28.31
C SER A 169 2.82 9.37 -27.66
N PHE A 170 2.01 9.91 -26.76
CA PHE A 170 2.35 11.16 -26.06
C PHE A 170 3.28 10.95 -24.86
N ILE A 171 3.52 9.70 -24.48
CA ILE A 171 4.39 9.38 -23.34
C ILE A 171 5.88 9.47 -23.72
N ASN A 172 6.67 10.04 -22.82
CA ASN A 172 8.12 10.18 -23.03
C ASN A 172 8.84 10.08 -21.69
N GLU A 173 10.16 10.32 -21.68
CA GLU A 173 10.94 10.24 -20.44
C GLU A 173 10.49 11.23 -19.36
N ARG A 174 9.91 12.36 -19.76
CA ARG A 174 9.45 13.35 -18.77
C ARG A 174 8.02 13.16 -18.29
N THR A 175 7.28 12.24 -18.91
CA THR A 175 5.89 11.97 -18.52
C THR A 175 5.85 11.25 -17.17
N LYS A 176 5.13 11.82 -16.21
CA LYS A 176 5.03 11.24 -14.86
C LYS A 176 3.62 10.83 -14.41
N GLY A 177 2.60 11.21 -15.17
CA GLY A 177 1.24 10.86 -14.80
C GLY A 177 0.20 11.22 -15.83
N ILE A 178 -1.05 10.86 -15.53
CA ILE A 178 -2.19 11.14 -16.38
C ILE A 178 -3.29 11.61 -15.43
N VAL A 179 -4.02 12.63 -15.84
CA VAL A 179 -5.08 13.17 -15.00
C VAL A 179 -6.36 13.41 -15.80
N LEU A 180 -7.49 13.11 -15.16
CA LEU A 180 -8.80 13.29 -15.79
C LEU A 180 -9.86 13.30 -14.71
N SER A 181 -11.08 13.69 -15.11
CA SER A 181 -12.23 13.71 -14.22
C SER A 181 -13.23 12.66 -14.70
N ASN A 182 -13.87 11.96 -13.77
CA ASN A 182 -14.85 10.92 -14.10
C ASN A 182 -15.91 10.86 -13.00
N PRO A 183 -17.15 11.33 -13.28
CA PRO A 183 -17.66 11.93 -14.51
C PRO A 183 -16.86 13.17 -14.90
N CYS A 184 -16.77 13.41 -16.20
CA CYS A 184 -15.97 14.52 -16.72
C CYS A 184 -16.63 15.89 -16.82
N ASN A 185 -15.84 16.93 -16.51
CA ASN A 185 -16.21 18.33 -16.62
C ASN A 185 -15.25 18.75 -17.73
N PRO A 186 -15.75 19.34 -18.84
CA PRO A 186 -17.10 19.73 -19.25
C PRO A 186 -17.89 18.78 -20.15
N THR A 187 -17.29 17.68 -20.59
CA THR A 187 -17.98 16.77 -21.53
C THR A 187 -19.13 15.97 -20.96
N GLY A 188 -19.05 15.63 -19.67
CA GLY A 188 -20.09 14.85 -19.02
C GLY A 188 -19.97 13.38 -19.34
N VAL A 189 -18.82 12.93 -19.86
CA VAL A 189 -18.64 11.51 -20.17
C VAL A 189 -18.36 10.77 -18.87
N VAL A 190 -18.73 9.49 -18.86
CA VAL A 190 -18.53 8.63 -17.71
C VAL A 190 -17.85 7.38 -18.20
N TYR A 191 -16.57 7.21 -17.84
CA TYR A 191 -15.83 6.04 -18.24
C TYR A 191 -16.17 4.87 -17.32
N GLY A 192 -16.57 3.75 -17.91
CA GLY A 192 -16.96 2.56 -17.15
C GLY A 192 -15.77 1.79 -16.65
N LYS A 193 -16.03 0.67 -15.98
CA LYS A 193 -15.00 -0.17 -15.41
C LYS A 193 -13.96 -0.62 -16.45
N ASP A 194 -14.41 -1.08 -17.61
CA ASP A 194 -13.50 -1.53 -18.68
C ASP A 194 -12.56 -0.43 -19.16
N GLU A 195 -13.10 0.75 -19.40
CA GLU A 195 -12.33 1.89 -19.86
C GLU A 195 -11.32 2.36 -18.81
N MSE A 196 -11.70 2.30 -17.54
CA MSE A 196 -10.81 2.70 -16.47
C MSE A 196 -9.69 1.69 -16.28
O MSE A 196 -8.55 2.08 -16.05
CB MSE A 196 -11.55 2.90 -15.14
CG MSE A 196 -12.47 4.09 -15.10
SE MSE A 196 -11.60 5.78 -15.62
CE MSE A 196 -10.13 5.77 -14.42
N ARG A 197 -10.01 0.40 -16.39
CA ARG A 197 -8.99 -0.62 -16.21
CA ARG A 197 -9.03 -0.65 -16.25
C ARG A 197 -7.94 -0.46 -17.31
N TYR A 198 -8.39 -0.20 -18.54
CA TYR A 198 -7.48 0.03 -19.66
C TYR A 198 -6.52 1.18 -19.37
N LEU A 199 -7.08 2.24 -18.80
CA LEU A 199 -6.35 3.43 -18.46
C LEU A 199 -5.36 3.15 -17.31
N VAL A 200 -5.76 2.30 -16.37
CA VAL A 200 -4.90 1.89 -15.25
C VAL A 200 -3.76 1.02 -15.77
N GLU A 201 -4.08 0.12 -16.70
CA GLU A 201 -3.08 -0.77 -17.28
C GLU A 201 -1.97 0.01 -18.00
N ILE A 202 -2.33 1.10 -18.66
CA ILE A 202 -1.34 1.96 -19.34
C ILE A 202 -0.46 2.64 -18.31
N ALA A 203 -1.07 3.13 -17.23
CA ALA A 203 -0.32 3.80 -16.17
C ALA A 203 0.74 2.87 -15.61
N GLU A 204 0.33 1.63 -15.28
CA GLU A 204 1.24 0.63 -14.73
C GLU A 204 2.33 0.18 -15.69
N ARG A 205 1.98 -0.03 -16.97
CA ARG A 205 2.97 -0.45 -17.96
C ARG A 205 4.09 0.58 -18.16
N HIS A 206 3.76 1.87 -18.04
CA HIS A 206 4.73 2.95 -18.20
C HIS A 206 5.17 3.62 -16.89
N GLY A 207 4.80 3.04 -15.75
CA GLY A 207 5.15 3.56 -14.44
C GLY A 207 4.65 4.98 -14.15
N LEU A 208 3.42 5.27 -14.57
CA LEU A 208 2.81 6.58 -14.38
C LEU A 208 1.68 6.49 -13.36
N PHE A 209 1.42 7.60 -12.67
CA PHE A 209 0.31 7.65 -11.71
C PHE A 209 -0.95 8.15 -12.43
N LEU A 210 -2.09 7.54 -12.09
CA LEU A 210 -3.37 7.90 -12.67
C LEU A 210 -4.17 8.69 -11.65
N ILE A 211 -4.35 9.98 -11.89
CA ILE A 211 -5.10 10.87 -10.99
C ILE A 211 -6.51 10.96 -11.56
N VAL A 212 -7.49 10.41 -10.85
CA VAL A 212 -8.88 10.43 -11.29
C VAL A 212 -9.70 11.32 -10.37
N ASP A 213 -10.18 12.43 -10.92
CA ASP A 213 -10.99 13.40 -10.19
C ASP A 213 -12.44 12.94 -10.20
N GLU A 214 -12.92 12.41 -9.08
CA GLU A 214 -14.30 11.89 -8.98
C GLU A 214 -15.26 12.75 -8.16
N VAL A 215 -15.10 14.06 -8.27
CA VAL A 215 -15.94 15.03 -7.57
C VAL A 215 -17.42 14.91 -7.93
N TYR A 216 -17.72 14.54 -9.17
CA TYR A 216 -19.11 14.41 -9.62
C TYR A 216 -19.68 12.99 -9.49
N SER A 217 -18.98 12.06 -8.84
CA SER A 217 -19.53 10.71 -8.67
C SER A 217 -20.82 10.95 -7.88
N GLU A 218 -21.85 10.15 -8.13
CA GLU A 218 -23.19 10.28 -7.51
C GLU A 218 -24.11 10.98 -8.50
N ILE A 219 -23.54 11.88 -9.31
CA ILE A 219 -24.29 12.60 -10.34
C ILE A 219 -24.01 11.82 -11.62
N VAL A 220 -24.56 10.61 -11.68
CA VAL A 220 -24.39 9.70 -12.79
C VAL A 220 -25.78 9.29 -13.24
N PHE A 221 -26.04 9.35 -14.55
CA PHE A 221 -27.36 9.02 -15.09
C PHE A 221 -27.40 7.73 -15.87
N ARG A 222 -26.48 7.59 -16.83
CA ARG A 222 -26.41 6.39 -17.67
CA ARG A 222 -26.42 6.39 -17.66
C ARG A 222 -25.23 5.53 -17.22
N GLY A 223 -25.39 4.22 -17.39
CA GLY A 223 -24.36 3.24 -17.02
C GLY A 223 -24.13 3.10 -15.53
N GLU A 224 -23.26 2.14 -15.18
CA GLU A 224 -22.90 1.86 -13.79
C GLU A 224 -21.54 2.49 -13.57
N PHE A 225 -21.47 3.48 -12.68
CA PHE A 225 -20.21 4.15 -12.40
C PHE A 225 -19.32 3.28 -11.50
N ALA A 226 -18.04 3.22 -11.84
CA ALA A 226 -17.05 2.46 -11.08
C ALA A 226 -15.91 3.39 -10.70
N SER A 227 -15.65 3.52 -9.41
CA SER A 227 -14.55 4.36 -8.94
C SER A 227 -13.23 3.73 -9.36
N ALA A 228 -12.23 4.57 -9.62
CA ALA A 228 -10.91 4.06 -10.03
C ALA A 228 -10.31 3.17 -8.94
N LEU A 229 -10.72 3.38 -7.69
CA LEU A 229 -10.26 2.57 -6.56
C LEU A 229 -10.82 1.15 -6.62
N SER A 230 -11.89 0.94 -7.40
CA SER A 230 -12.48 -0.39 -7.56
C SER A 230 -11.46 -1.34 -8.23
N ILE A 231 -10.52 -0.75 -8.96
CA ILE A 231 -9.44 -1.46 -9.62
C ILE A 231 -8.23 -1.29 -8.71
N GLU A 232 -7.95 -2.31 -7.90
CA GLU A 232 -6.84 -2.26 -6.96
C GLU A 232 -5.48 -2.12 -7.65
N SER A 233 -4.93 -0.92 -7.61
CA SER A 233 -3.66 -0.58 -8.20
C SER A 233 -2.93 0.43 -7.31
N ASP A 234 -1.60 0.32 -7.27
CA ASP A 234 -0.78 1.24 -6.47
C ASP A 234 -0.50 2.55 -7.20
N LYS A 235 -1.00 2.69 -8.43
CA LYS A 235 -0.80 3.89 -9.23
C LYS A 235 -2.02 4.80 -9.33
N VAL A 236 -3.12 4.40 -8.69
CA VAL A 236 -4.34 5.18 -8.75
C VAL A 236 -4.45 6.13 -7.58
N VAL A 237 -4.80 7.38 -7.88
CA VAL A 237 -5.01 8.40 -6.89
C VAL A 237 -6.38 9.01 -7.21
N VAL A 238 -7.32 8.90 -6.27
CA VAL A 238 -8.64 9.47 -6.47
C VAL A 238 -8.78 10.78 -5.69
N ILE A 239 -9.43 11.75 -6.33
CA ILE A 239 -9.68 13.06 -5.75
C ILE A 239 -11.18 13.19 -5.60
N ASP A 240 -11.65 13.62 -4.44
CA ASP A 240 -13.07 13.79 -4.23
C ASP A 240 -13.27 15.06 -3.41
N SER A 241 -14.52 15.49 -3.29
CA SER A 241 -14.85 16.69 -2.57
C SER A 241 -16.29 16.73 -2.13
N VAL A 242 -16.56 17.58 -1.16
CA VAL A 242 -17.92 17.78 -0.65
C VAL A 242 -18.62 18.88 -1.45
N SER A 243 -17.88 19.56 -2.31
CA SER A 243 -18.37 20.67 -3.12
C SER A 243 -19.62 20.48 -3.98
N1 LLP A 244 -12.60 19.29 -10.20
C2 LLP A 244 -13.58 19.50 -11.16
C2' LLP A 244 -13.51 18.69 -12.43
C3 LLP A 244 -14.59 20.45 -10.94
O3 LLP A 244 -15.44 20.63 -11.80
C4 LLP A 244 -14.62 21.19 -9.75
C4' LLP A 244 -15.72 22.20 -9.50
C5 LLP A 244 -13.62 20.96 -8.78
C6 LLP A 244 -12.63 20.01 -9.03
C5' LLP A 244 -13.58 21.71 -7.48
OP4 LLP A 244 -13.58 20.98 -6.23
P LLP A 244 -13.25 21.73 -4.83
OP1 LLP A 244 -14.23 22.84 -4.76
OP2 LLP A 244 -11.86 22.20 -4.93
OP3 LLP A 244 -13.48 20.65 -3.84
N LLP A 244 -19.52 19.68 -5.02
CA LLP A 244 -20.63 19.49 -5.96
CB LLP A 244 -20.07 19.06 -7.33
CG LLP A 244 -18.87 19.89 -7.88
CD LLP A 244 -19.06 21.40 -7.91
CE LLP A 244 -18.01 22.10 -8.82
NZ LLP A 244 -16.58 21.70 -8.58
C LLP A 244 -21.65 18.47 -5.49
O LLP A 244 -22.85 18.59 -5.75
N LYS A 245 -21.16 17.45 -4.82
CA LYS A 245 -21.97 16.34 -4.32
C LYS A 245 -23.00 16.78 -3.28
N PHE A 246 -22.60 17.65 -2.35
CA PHE A 246 -23.49 18.14 -1.28
C PHE A 246 -23.79 19.64 -1.36
N SER A 247 -23.39 20.31 -2.45
CA SER A 247 -23.59 21.74 -2.59
C SER A 247 -22.95 22.45 -1.39
N ALA A 248 -21.67 22.14 -1.17
CA ALA A 248 -20.88 22.70 -0.08
C ALA A 248 -19.56 23.23 -0.62
N CYS A 249 -19.65 23.88 -1.77
CA CYS A 249 -18.49 24.46 -2.44
C CYS A 249 -17.64 25.36 -1.55
N GLY A 250 -18.29 26.16 -0.72
CA GLY A 250 -17.60 27.07 0.19
C GLY A 250 -16.90 26.40 1.37
N ALA A 251 -17.12 25.10 1.55
CA ALA A 251 -16.49 24.38 2.65
C ALA A 251 -14.98 24.22 2.46
N ARG A 252 -14.55 24.02 1.23
CA ARG A 252 -13.15 23.83 0.89
C ARG A 252 -12.61 22.60 1.63
N VAL A 253 -13.35 21.50 1.53
CA VAL A 253 -13.00 20.23 2.13
C VAL A 253 -13.06 19.15 1.06
N GLY A 254 -11.93 18.52 0.82
CA GLY A 254 -11.85 17.45 -0.16
C GLY A 254 -10.85 16.43 0.34
N CYS A 255 -10.40 15.55 -0.54
CA CYS A 255 -9.45 14.56 -0.13
C CYS A 255 -8.73 13.95 -1.30
N LEU A 256 -7.63 13.30 -0.94
CA LEU A 256 -6.77 12.58 -1.84
C LEU A 256 -6.84 11.18 -1.27
N ILE A 257 -7.24 10.21 -2.08
CA ILE A 257 -7.34 8.81 -1.63
C ILE A 257 -6.49 7.92 -2.51
N THR A 258 -5.69 7.06 -1.90
CA THR A 258 -4.82 6.15 -2.64
C THR A 258 -4.32 5.06 -1.70
N ARG A 259 -4.02 3.90 -2.27
CA ARG A 259 -3.49 2.77 -1.50
C ARG A 259 -1.97 2.78 -1.44
N ASN A 260 -1.34 3.69 -2.19
CA ASN A 260 0.09 3.81 -2.21
C ASN A 260 0.48 4.56 -0.95
N GLU A 261 0.94 3.83 0.05
CA GLU A 261 1.34 4.41 1.33
C GLU A 261 2.52 5.38 1.21
N GLU A 262 3.41 5.14 0.25
CA GLU A 262 4.58 5.97 0.04
C GLU A 262 4.13 7.36 -0.49
N LEU A 263 3.21 7.35 -1.47
CA LEU A 263 2.70 8.59 -2.06
C LEU A 263 1.99 9.43 -0.99
N ILE A 264 1.11 8.80 -0.23
CA ILE A 264 0.43 9.49 0.87
C ILE A 264 1.39 10.06 1.88
N SER A 265 2.45 9.32 2.20
CA SER A 265 3.43 9.77 3.18
C SER A 265 4.18 10.99 2.61
N HIS A 266 4.41 11.02 1.30
CA HIS A 266 5.07 12.16 0.66
C HIS A 266 4.12 13.35 0.63
N ALA A 267 2.85 13.07 0.36
CA ALA A 267 1.84 14.13 0.32
C ALA A 267 1.64 14.73 1.69
N MSE A 268 1.88 13.93 2.73
CA MSE A 268 1.70 14.40 4.08
C MSE A 268 2.73 15.47 4.45
O MSE A 268 2.43 16.35 5.24
CB MSE A 268 1.65 13.24 5.05
CG MSE A 268 0.86 13.63 6.28
SE MSE A 268 0.20 12.03 7.09
CE MSE A 268 -0.98 11.32 5.72
N LYS A 269 3.94 15.42 3.89
CA LYS A 269 4.91 16.48 4.17
C LYS A 269 4.39 17.82 3.65
N LEU A 270 3.69 17.80 2.51
CA LEU A 270 3.13 19.02 1.93
C LEU A 270 1.95 19.51 2.78
N ALA A 271 1.13 18.56 3.25
CA ALA A 271 -0.03 18.88 4.10
C ALA A 271 0.41 19.52 5.42
N GLN A 272 1.57 19.10 5.93
CA GLN A 272 2.14 19.62 7.17
C GLN A 272 2.64 21.07 7.03
N GLY A 273 3.20 21.43 5.89
CA GLY A 273 3.68 22.80 5.65
C GLY A 273 2.51 23.78 5.71
N ARG A 274 1.41 23.32 5.14
CA ARG A 274 0.13 24.00 5.09
C ARG A 274 -0.55 23.99 6.46
N LEU A 275 -0.16 23.04 7.31
CA LEU A 275 -0.66 22.86 8.70
C LEU A 275 -1.94 22.02 8.79
N ALA A 276 -3.05 22.50 8.25
CA ALA A 276 -4.31 21.74 8.32
C ALA A 276 -5.42 22.33 7.45
N PRO A 277 -6.48 21.53 7.18
CA PRO A 277 -7.63 22.06 6.43
C PRO A 277 -8.52 22.85 7.41
N PRO A 278 -9.63 23.47 6.94
CA PRO A 278 -10.47 24.26 7.86
C PRO A 278 -11.20 23.38 8.88
N LEU A 279 -11.08 23.71 10.16
CA LEU A 279 -11.67 22.90 11.23
C LEU A 279 -13.19 22.76 11.20
N LEU A 280 -13.92 23.86 11.26
CA LEU A 280 -15.39 23.81 11.28
C LEU A 280 -15.96 23.11 10.05
N GLU A 281 -15.36 23.34 8.89
CA GLU A 281 -15.82 22.71 7.66
C GLU A 281 -15.63 21.20 7.71
N GLN A 282 -14.56 20.74 8.37
CA GLN A 282 -14.34 19.30 8.51
C GLN A 282 -15.38 18.69 9.42
N ILE A 283 -15.70 19.39 10.51
CA ILE A 283 -16.70 18.90 11.46
C ILE A 283 -18.06 18.78 10.78
N GLY A 284 -18.42 19.75 9.94
CA GLY A 284 -19.69 19.72 9.22
C GLY A 284 -19.72 18.66 8.12
N SER A 285 -18.57 18.44 7.48
CA SER A 285 -18.43 17.45 6.40
C SER A 285 -18.69 16.01 6.88
N VAL A 286 -18.42 15.72 8.15
CA VAL A 286 -18.66 14.38 8.69
C VAL A 286 -20.16 14.05 8.59
N GLY A 287 -20.99 15.07 8.81
CA GLY A 287 -22.44 14.90 8.73
C GLY A 287 -22.91 14.70 7.30
N LEU A 288 -22.30 15.42 6.37
CA LEU A 288 -22.67 15.31 4.95
C LEU A 288 -22.36 13.91 4.43
N LEU A 289 -21.16 13.41 4.74
CA LEU A 289 -20.74 12.08 4.30
C LEU A 289 -21.58 10.93 4.88
N ASN A 290 -22.25 11.15 6.02
CA ASN A 290 -23.10 10.12 6.63
C ASN A 290 -24.54 10.15 6.13
N LEU A 291 -24.87 11.06 5.21
CA LEU A 291 -26.23 11.16 4.66
C LEU A 291 -26.70 9.84 4.03
N ASP A 292 -27.99 9.56 4.19
CA ASP A 292 -28.60 8.34 3.67
C ASP A 292 -28.77 8.32 2.15
N ASP A 293 -29.18 7.16 1.64
CA ASP A 293 -29.38 6.95 0.20
C ASP A 293 -30.42 7.91 -0.41
N SER A 294 -31.50 8.19 0.32
CA SER A 294 -32.55 9.09 -0.17
C SER A 294 -32.00 10.44 -0.62
N PHE A 295 -31.02 10.98 0.10
CA PHE A 295 -30.42 12.26 -0.26
C PHE A 295 -29.76 12.22 -1.64
N PHE A 296 -28.95 11.20 -1.88
CA PHE A 296 -28.26 11.07 -3.16
C PHE A 296 -29.23 10.82 -4.30
N ASP A 297 -30.32 10.12 -4.02
CA ASP A 297 -31.33 9.86 -5.05
C ASP A 297 -31.94 11.20 -5.49
N PHE A 298 -32.23 12.06 -4.51
CA PHE A 298 -32.80 13.37 -4.77
C PHE A 298 -31.87 14.23 -5.61
N VAL A 299 -30.60 14.27 -5.25
CA VAL A 299 -29.61 15.06 -5.98
C VAL A 299 -29.44 14.55 -7.40
N ARG A 300 -29.25 13.23 -7.55
CA ARG A 300 -29.08 12.60 -8.86
C ARG A 300 -30.26 12.91 -9.78
N GLU A 301 -31.46 12.70 -9.27
CA GLU A 301 -32.67 12.92 -10.05
C GLU A 301 -32.97 14.38 -10.34
N THR A 302 -32.60 15.27 -9.43
CA THR A 302 -32.83 16.69 -9.65
C THR A 302 -32.01 17.07 -10.89
N TYR A 303 -30.72 16.72 -10.90
CA TYR A 303 -29.87 17.03 -12.06
C TYR A 303 -30.26 16.26 -13.33
N ARG A 304 -30.82 15.06 -13.19
CA ARG A 304 -31.23 14.28 -14.37
C ARG A 304 -32.32 15.04 -15.13
N GLU A 305 -33.34 15.47 -14.39
CA GLU A 305 -34.47 16.21 -14.96
C GLU A 305 -34.03 17.54 -15.57
N ARG A 306 -33.05 18.20 -14.95
CA ARG A 306 -32.54 19.47 -15.47
C ARG A 306 -31.80 19.26 -16.78
N VAL A 307 -30.87 18.32 -16.79
CA VAL A 307 -30.11 18.01 -17.99
C VAL A 307 -31.08 17.65 -19.13
N GLU A 308 -32.03 16.75 -18.84
CA GLU A 308 -33.04 16.35 -19.83
C GLU A 308 -33.80 17.54 -20.41
N THR A 309 -34.19 18.47 -19.54
CA THR A 309 -34.91 19.67 -19.94
C THR A 309 -34.12 20.48 -20.96
N VAL A 310 -32.84 20.70 -20.69
CA VAL A 310 -31.98 21.47 -21.61
C VAL A 310 -31.82 20.72 -22.92
N LEU A 311 -31.54 19.42 -22.85
CA LEU A 311 -31.38 18.59 -24.04
C LEU A 311 -32.58 18.68 -24.97
N LYS A 312 -33.78 18.63 -24.39
CA LYS A 312 -35.02 18.71 -25.17
C LYS A 312 -35.15 20.09 -25.81
N LYS A 313 -34.87 21.14 -25.05
CA LYS A 313 -34.94 22.51 -25.55
C LYS A 313 -33.95 22.79 -26.69
N LEU A 314 -32.74 22.26 -26.55
CA LEU A 314 -31.71 22.44 -27.59
C LEU A 314 -32.15 21.74 -28.87
N GLU A 315 -32.70 20.54 -28.72
CA GLU A 315 -33.16 19.74 -29.85
C GLU A 315 -34.35 20.40 -30.55
N GLU A 316 -35.33 20.90 -29.79
CA GLU A 316 -36.51 21.53 -30.39
C GLU A 316 -36.20 22.85 -31.12
N HIS A 317 -35.09 23.50 -30.77
CA HIS A 317 -34.70 24.75 -31.45
C HIS A 317 -33.72 24.51 -32.62
N GLY A 318 -33.64 23.27 -33.09
CA GLY A 318 -32.81 22.91 -34.24
C GLY A 318 -31.32 22.75 -34.04
N LEU A 319 -30.83 22.86 -32.80
CA LEU A 319 -29.41 22.71 -32.56
C LEU A 319 -29.09 21.22 -32.70
N LYS A 320 -28.14 20.89 -33.57
CA LYS A 320 -27.77 19.50 -33.84
C LYS A 320 -26.61 18.93 -33.03
N ARG A 321 -25.43 19.53 -33.16
CA ARG A 321 -24.23 19.04 -32.48
C ARG A 321 -24.05 19.38 -31.00
N PHE A 322 -24.55 18.49 -30.14
CA PHE A 322 -24.42 18.62 -28.69
C PHE A 322 -24.28 17.23 -28.09
N THR A 323 -23.71 17.16 -26.89
CA THR A 323 -23.51 15.85 -26.25
C THR A 323 -24.46 15.59 -25.09
N LYS A 324 -24.92 14.34 -25.01
CA LYS A 324 -25.81 13.88 -23.94
C LYS A 324 -24.88 13.34 -22.89
N PRO A 325 -24.76 14.02 -21.74
CA PRO A 325 -23.84 13.54 -20.73
C PRO A 325 -24.35 12.33 -19.93
N SER A 326 -23.42 11.47 -19.53
CA SER A 326 -23.75 10.30 -18.73
C SER A 326 -23.64 10.66 -17.25
N GLY A 327 -22.99 11.78 -16.95
CA GLY A 327 -22.82 12.23 -15.57
C GLY A 327 -22.53 13.72 -15.48
N ALA A 328 -22.42 14.21 -14.24
CA ALA A 328 -22.20 15.62 -13.94
C ALA A 328 -23.40 16.44 -14.41
N PHE A 329 -23.30 17.77 -14.33
CA PHE A 329 -24.40 18.65 -14.75
C PHE A 329 -24.04 19.65 -15.85
N TYR A 330 -23.14 19.25 -16.75
CA TYR A 330 -22.72 20.13 -17.83
C TYR A 330 -23.11 19.55 -19.19
N ILE A 331 -23.41 20.45 -20.12
CA ILE A 331 -23.76 20.09 -21.47
C ILE A 331 -22.87 20.91 -22.38
N THR A 332 -22.13 20.22 -23.23
CA THR A 332 -21.24 20.85 -24.19
C THR A 332 -21.93 20.81 -25.54
N ALA A 333 -21.94 21.94 -26.24
CA ALA A 333 -22.59 22.03 -27.54
C ALA A 333 -21.83 22.91 -28.53
N GLU A 334 -21.96 22.57 -29.82
CA GLU A 334 -21.35 23.32 -30.91
C GLU A 334 -22.43 24.19 -31.50
N LEU A 335 -22.17 25.49 -31.60
CA LEU A 335 -23.12 26.43 -32.16
C LEU A 335 -22.75 26.70 -33.61
N PRO A 336 -23.73 27.13 -34.44
CA PRO A 336 -23.44 27.46 -35.83
C PRO A 336 -22.96 28.91 -35.95
N VAL A 337 -21.84 29.20 -35.30
CA VAL A 337 -21.26 30.53 -35.25
C VAL A 337 -19.75 30.43 -35.46
N GLU A 338 -19.14 31.50 -35.93
CA GLU A 338 -17.70 31.52 -36.16
C GLU A 338 -16.94 31.45 -34.84
N ASP A 339 -17.29 32.34 -33.92
CA ASP A 339 -16.64 32.42 -32.60
C ASP A 339 -17.68 32.42 -31.48
N ALA A 340 -17.63 31.39 -30.63
CA ALA A 340 -18.57 31.25 -29.50
C ALA A 340 -18.36 32.33 -28.44
N GLU A 341 -17.10 32.66 -28.18
CA GLU A 341 -16.76 33.69 -27.19
C GLU A 341 -17.30 35.07 -27.60
N GLU A 342 -17.35 35.35 -28.90
CA GLU A 342 -17.88 36.62 -29.39
C GLU A 342 -19.39 36.65 -29.16
N PHE A 343 -20.03 35.50 -29.41
CA PHE A 343 -21.47 35.35 -29.21
C PHE A 343 -21.86 35.48 -27.73
N ALA A 344 -21.04 34.92 -26.85
CA ALA A 344 -21.30 35.00 -25.42
C ALA A 344 -21.27 36.45 -24.96
N ARG A 345 -20.28 37.20 -25.44
CA ARG A 345 -20.14 38.62 -25.09
C ARG A 345 -21.30 39.42 -25.65
N TRP A 346 -21.66 39.10 -26.89
CA TRP A 346 -22.77 39.76 -27.59
C TRP A 346 -24.09 39.59 -26.82
N MSE A 347 -24.30 38.38 -26.28
CA MSE A 347 -25.52 38.09 -25.50
C MSE A 347 -25.69 39.07 -24.35
O MSE A 347 -26.81 39.48 -24.05
CB MSE A 347 -25.52 36.65 -24.94
CG MSE A 347 -25.82 35.57 -25.96
SE MSE A 347 -27.65 35.63 -26.64
CE MSE A 347 -28.57 35.13 -25.05
N LEU A 348 -24.57 39.43 -23.71
CA LEU A 348 -24.59 40.35 -22.58
C LEU A 348 -24.70 41.83 -23.01
N THR A 349 -23.89 42.23 -23.99
CA THR A 349 -23.88 43.61 -24.46
C THR A 349 -25.02 44.06 -25.35
N ASP A 350 -25.18 43.40 -26.49
CA ASP A 350 -26.19 43.79 -27.49
C ASP A 350 -27.48 42.92 -27.55
N PHE A 351 -27.90 42.30 -26.43
CA PHE A 351 -29.13 41.49 -26.48
C PHE A 351 -29.83 41.28 -25.13
N ASN A 352 -31.17 41.28 -25.17
CA ASN A 352 -32.02 41.08 -23.99
C ASN A 352 -33.49 40.83 -24.35
N MSE A 353 -33.95 39.59 -24.19
CA MSE A 353 -35.34 39.25 -24.49
C MSE A 353 -36.18 39.48 -23.24
O MSE A 353 -35.96 38.82 -22.21
CB MSE A 353 -35.46 37.80 -24.94
CG MSE A 353 -36.86 37.42 -25.36
SE MSE A 353 -36.95 35.59 -25.96
CE MSE A 353 -38.88 35.55 -26.40
N ASP A 354 -37.14 40.39 -23.32
CA ASP A 354 -38.03 40.73 -22.22
C ASP A 354 -37.21 41.09 -20.98
N GLY A 355 -36.14 41.86 -21.19
CA GLY A 355 -35.25 42.28 -20.11
C GLY A 355 -34.42 41.16 -19.51
N GLU A 356 -34.25 40.06 -20.25
CA GLU A 356 -33.48 38.90 -19.78
C GLU A 356 -32.44 38.46 -20.81
N THR A 357 -31.35 37.88 -20.30
CA THR A 357 -30.28 37.35 -21.15
C THR A 357 -29.71 36.11 -20.46
N THR A 358 -28.96 35.30 -21.20
CA THR A 358 -28.37 34.08 -20.67
C THR A 358 -26.86 34.08 -20.87
N MSE A 359 -26.13 33.73 -19.82
CA MSE A 359 -24.67 33.72 -19.86
C MSE A 359 -24.15 32.27 -19.89
O MSE A 359 -24.43 31.47 -18.98
CB MSE A 359 -24.15 34.46 -18.62
CG MSE A 359 -22.71 34.92 -18.71
SE MSE A 359 -22.05 35.71 -17.01
CE MSE A 359 -23.43 36.93 -16.66
N VAL A 360 -23.38 31.95 -20.94
CA VAL A 360 -22.80 30.61 -21.11
C VAL A 360 -21.28 30.74 -21.08
N ALA A 361 -20.61 29.60 -20.89
CA ALA A 361 -19.16 29.56 -20.84
C ALA A 361 -18.54 29.10 -22.16
N PRO A 362 -17.76 29.97 -22.82
CA PRO A 362 -17.11 29.52 -24.04
C PRO A 362 -16.19 28.34 -23.70
N LEU A 363 -16.16 27.33 -24.55
CA LEU A 363 -15.36 26.12 -24.27
C LEU A 363 -13.88 26.25 -24.61
N ARG A 364 -13.49 27.33 -25.30
CA ARG A 364 -12.10 27.57 -25.69
C ARG A 364 -11.11 27.47 -24.52
N GLY A 365 -11.55 27.91 -23.35
CA GLY A 365 -10.71 27.87 -22.15
C GLY A 365 -10.46 26.49 -21.57
N PHE A 366 -11.20 25.49 -22.06
CA PHE A 366 -11.07 24.11 -21.60
C PHE A 366 -10.11 23.29 -22.45
N TYR A 367 -9.52 23.90 -23.48
CA TYR A 367 -8.55 23.25 -24.35
C TYR A 367 -7.20 23.96 -24.26
N LEU A 368 -6.12 23.18 -24.37
CA LEU A 368 -4.76 23.72 -24.40
C LEU A 368 -4.34 23.89 -25.84
N THR A 369 -4.67 22.92 -26.69
CA THR A 369 -4.35 22.96 -28.10
C THR A 369 -5.00 24.21 -28.70
N PRO A 370 -4.18 25.09 -29.30
CA PRO A 370 -4.75 26.32 -29.85
C PRO A 370 -5.70 26.08 -31.03
N GLY A 371 -6.79 26.82 -31.05
CA GLY A 371 -7.80 26.72 -32.11
C GLY A 371 -9.00 25.84 -31.80
N LEU A 372 -8.87 24.90 -30.86
CA LEU A 372 -9.97 24.00 -30.53
C LEU A 372 -10.98 24.65 -29.59
N GLY A 373 -12.25 24.29 -29.79
CA GLY A 373 -13.37 24.82 -28.99
C GLY A 373 -13.76 26.27 -29.30
N LYS A 374 -13.46 26.72 -30.52
CA LYS A 374 -13.76 28.10 -30.93
C LYS A 374 -15.25 28.35 -31.09
N LYS A 375 -15.98 27.35 -31.58
CA LYS A 375 -17.43 27.45 -31.78
C LYS A 375 -18.26 26.63 -30.76
N GLU A 376 -17.62 26.16 -29.70
CA GLU A 376 -18.27 25.35 -28.66
C GLU A 376 -18.50 26.11 -27.36
N ILE A 377 -19.53 25.72 -26.62
CA ILE A 377 -19.88 26.32 -25.33
C ILE A 377 -20.25 25.25 -24.33
N ARG A 378 -20.22 25.63 -23.05
CA ARG A 378 -20.59 24.72 -21.98
C ARG A 378 -21.76 25.35 -21.23
N ILE A 379 -22.76 24.52 -20.92
CA ILE A 379 -23.95 24.95 -20.17
C ILE A 379 -23.98 24.20 -18.85
N ALA A 380 -24.06 24.95 -17.74
CA ALA A 380 -24.12 24.35 -16.41
C ALA A 380 -25.56 24.33 -15.97
N CYS A 381 -26.08 23.14 -15.65
CA CYS A 381 -27.47 22.99 -15.22
C CYS A 381 -27.61 23.22 -13.73
N VAL A 382 -27.41 24.46 -13.30
CA VAL A 382 -27.47 24.82 -11.88
C VAL A 382 -28.62 25.78 -11.53
N LEU A 383 -29.76 25.60 -12.18
CA LEU A 383 -30.96 26.38 -11.91
C LEU A 383 -32.11 25.41 -11.92
N GLU A 384 -33.20 25.77 -11.25
CA GLU A 384 -34.39 24.94 -11.19
C GLU A 384 -34.84 24.71 -12.64
N LYS A 385 -35.33 23.51 -12.94
CA LYS A 385 -35.74 23.14 -14.33
C LYS A 385 -36.56 24.17 -15.13
N ASP A 386 -37.54 24.83 -14.51
CA ASP A 386 -38.33 25.84 -15.24
C ASP A 386 -37.53 27.08 -15.62
N LEU A 387 -36.66 27.56 -14.72
CA LEU A 387 -35.82 28.72 -15.05
C LEU A 387 -34.83 28.33 -16.14
N LEU A 388 -34.30 27.12 -16.03
CA LEU A 388 -33.34 26.57 -16.97
C LEU A 388 -33.98 26.51 -18.37
N SER A 389 -35.24 26.08 -18.41
CA SER A 389 -36.01 25.98 -19.65
C SER A 389 -36.12 27.38 -20.26
N ARG A 390 -36.43 28.37 -19.42
CA ARG A 390 -36.55 29.75 -19.85
C ARG A 390 -35.19 30.32 -20.29
N ALA A 391 -34.14 30.00 -19.54
CA ALA A 391 -32.79 30.45 -19.86
C ALA A 391 -32.34 29.97 -21.25
N ILE A 392 -32.75 28.76 -21.62
CA ILE A 392 -32.42 28.19 -22.91
C ILE A 392 -33.25 28.87 -24.01
N ASP A 393 -34.51 29.20 -23.72
CA ASP A 393 -35.36 29.90 -24.69
C ASP A 393 -34.75 31.25 -25.05
N VAL A 394 -34.26 31.96 -24.05
CA VAL A 394 -33.62 33.27 -24.25
C VAL A 394 -32.32 33.12 -25.05
N LEU A 395 -31.57 32.06 -24.74
CA LEU A 395 -30.31 31.78 -25.41
C LEU A 395 -30.50 31.48 -26.89
N MSE A 396 -31.51 30.69 -27.23
CA MSE A 396 -31.74 30.38 -28.64
C MSE A 396 -32.43 31.46 -29.44
O MSE A 396 -32.24 31.54 -30.66
CB MSE A 396 -32.20 28.94 -28.85
CG MSE A 396 -30.94 28.11 -28.62
SE MSE A 396 -31.04 26.26 -28.83
CE MSE A 396 -32.34 26.00 -27.43
N GLU A 397 -33.20 32.32 -28.79
CA GLU A 397 -33.81 33.46 -29.45
C GLU A 397 -32.67 34.41 -29.80
N GLY A 398 -31.68 34.52 -28.91
CA GLY A 398 -30.50 35.35 -29.13
C GLY A 398 -29.62 34.79 -30.22
N LEU A 399 -29.50 33.46 -30.25
CA LEU A 399 -28.71 32.78 -31.28
C LEU A 399 -29.34 32.99 -32.66
N LYS A 400 -30.66 33.01 -32.72
CA LYS A 400 -31.38 33.22 -33.98
C LYS A 400 -31.17 34.61 -34.53
N MSE A 401 -31.17 35.63 -33.66
CA MSE A 401 -30.97 36.98 -34.15
C MSE A 401 -29.51 37.27 -34.50
O MSE A 401 -29.24 38.02 -35.44
CB MSE A 401 -31.55 38.07 -33.23
CG MSE A 401 -31.48 39.42 -33.95
SE MSE A 401 -32.59 40.82 -33.25
CE MSE A 401 -32.22 42.23 -34.62
N PHE A 402 -28.59 36.67 -33.75
CA PHE A 402 -27.15 36.85 -33.99
C PHE A 402 -26.79 36.53 -35.43
N CYS A 403 -27.41 35.48 -35.96
CA CYS A 403 -27.19 35.04 -37.33
C CYS A 403 -27.87 36.00 -38.31
N SER A 404 -29.16 36.27 -38.07
CA SER A 404 -29.95 37.18 -38.89
C SER A 404 -30.98 37.92 -38.05
N HIS B 11 6.03 -5.13 -12.66
CA HIS B 11 5.86 -4.21 -11.51
C HIS B 11 7.02 -3.20 -11.52
N HIS B 12 6.68 -1.92 -11.69
CA HIS B 12 7.67 -0.84 -11.77
C HIS B 12 7.64 0.07 -10.53
N MSE B 13 8.81 0.64 -10.21
CA MSE B 13 8.93 1.53 -9.05
C MSE B 13 8.12 2.80 -9.21
O MSE B 13 7.76 3.18 -10.32
CB MSE B 13 10.39 1.95 -8.82
CG MSE B 13 11.05 2.80 -9.94
SE MSE B 13 12.84 3.51 -9.52
CE MSE B 13 12.38 4.65 -8.00
N ASP B 14 7.87 3.47 -8.09
CA ASP B 14 7.16 4.73 -8.08
C ASP B 14 8.24 5.77 -8.21
N VAL B 15 8.20 6.58 -9.26
CA VAL B 15 9.19 7.64 -9.43
C VAL B 15 8.56 8.93 -8.96
N PHE B 16 8.84 9.27 -7.71
CA PHE B 16 8.32 10.49 -7.13
C PHE B 16 9.25 11.64 -7.46
N SER B 17 8.77 12.86 -7.22
CA SER B 17 9.55 14.05 -7.51
C SER B 17 10.73 14.22 -6.54
N ASP B 18 11.81 14.81 -7.04
CA ASP B 18 13.00 15.09 -6.24
C ASP B 18 12.59 15.96 -5.05
N ARG B 19 11.74 16.93 -5.37
CA ARG B 19 11.15 17.87 -4.45
C ARG B 19 10.72 17.21 -3.14
N VAL B 20 10.06 16.06 -3.24
CA VAL B 20 9.58 15.34 -2.06
C VAL B 20 10.51 14.21 -1.57
N LEU B 21 11.37 13.68 -2.44
CA LEU B 21 12.31 12.62 -2.06
C LEU B 21 13.44 13.18 -1.19
N LEU B 22 13.90 14.39 -1.52
CA LEU B 22 14.96 15.08 -0.77
C LEU B 22 14.51 15.59 0.59
N THR B 23 13.21 15.77 0.75
CA THR B 23 12.65 16.26 1.99
C THR B 23 12.62 15.22 3.10
N GLU B 24 13.47 15.40 4.11
CA GLU B 24 13.51 14.51 5.27
C GLU B 24 12.35 15.00 6.12
N GLU B 25 11.84 14.16 7.03
CA GLU B 25 10.72 14.61 7.86
C GLU B 25 11.21 15.49 9.02
N SER B 26 10.38 16.46 9.38
CA SER B 26 10.66 17.42 10.45
C SER B 26 11.17 16.80 11.74
N PRO B 27 12.26 17.37 12.33
CA PRO B 27 12.80 16.88 13.61
C PRO B 27 11.74 16.88 14.73
N ILE B 28 10.77 17.79 14.63
CA ILE B 28 9.68 17.88 15.60
C ILE B 28 8.75 16.69 15.37
N ARG B 29 8.35 16.47 14.12
CA ARG B 29 7.45 15.35 13.78
C ARG B 29 8.09 13.99 14.07
N LYS B 30 9.42 13.90 13.99
CA LYS B 30 10.14 12.64 14.30
C LYS B 30 10.05 12.28 15.78
N LEU B 31 9.64 13.22 16.63
CA LEU B 31 9.49 12.99 18.06
C LEU B 31 8.08 12.50 18.45
N VAL B 32 7.11 12.63 17.54
CA VAL B 32 5.73 12.20 17.78
C VAL B 32 5.60 10.69 18.12
N PRO B 33 6.28 9.81 17.38
CA PRO B 33 6.18 8.38 17.71
C PRO B 33 6.66 8.08 19.13
N PHE B 34 7.73 8.76 19.55
CA PHE B 34 8.28 8.58 20.90
C PHE B 34 7.35 9.18 21.97
N ALA B 35 6.65 10.26 21.60
CA ALA B 35 5.68 10.92 22.50
C ALA B 35 4.44 10.04 22.70
N GLU B 36 3.92 9.50 21.61
CA GLU B 36 2.75 8.62 21.64
C GLU B 36 3.03 7.41 22.52
N MSE B 37 4.24 6.85 22.41
CA MSE B 37 4.63 5.69 23.24
C MSE B 37 4.75 6.06 24.74
O MSE B 37 4.59 5.21 25.61
CB MSE B 37 5.92 5.04 22.73
CG MSE B 37 5.79 4.33 21.39
N ALA B 38 5.06 7.33 25.01
CA ALA B 38 5.18 7.81 26.40
C ALA B 38 3.80 7.97 27.05
N LYS B 39 2.79 8.44 26.27
CA LYS B 39 1.43 8.59 26.82
C LYS B 39 0.85 7.20 27.14
N LYS B 40 1.25 6.19 26.37
CA LYS B 40 0.81 4.82 26.60
C LYS B 40 1.31 4.32 27.96
N ARG B 41 2.52 4.78 28.35
CA ARG B 41 3.11 4.40 29.65
C ARG B 41 2.51 5.19 30.84
N GLY B 42 1.59 6.12 30.56
CA GLY B 42 0.94 6.91 31.60
C GLY B 42 1.75 8.14 32.00
N VAL B 43 2.17 8.93 31.01
CA VAL B 43 2.96 10.13 31.26
C VAL B 43 2.26 11.35 30.70
N ARG B 44 2.08 12.35 31.56
CA ARG B 44 1.44 13.61 31.18
C ARG B 44 2.52 14.46 30.52
N ILE B 45 2.38 14.72 29.22
CA ILE B 45 3.38 15.51 28.50
C ILE B 45 3.01 16.99 28.35
N HIS B 46 3.96 17.88 28.66
CA HIS B 46 3.73 19.31 28.51
C HIS B 46 4.26 19.71 27.14
N HIS B 47 3.36 20.01 26.21
CA HIS B 47 3.73 20.37 24.85
C HIS B 47 4.13 21.82 24.65
N LEU B 48 5.44 22.06 24.56
CA LEU B 48 5.99 23.40 24.33
C LEU B 48 6.69 23.42 22.98
N ASN B 49 6.39 22.42 22.15
CA ASN B 49 6.99 22.24 20.83
C ASN B 49 6.21 22.75 19.63
N ILE B 50 4.92 23.04 19.81
CA ILE B 50 4.07 23.52 18.71
C ILE B 50 3.51 24.90 18.99
N GLY B 51 3.41 25.71 17.95
CA GLY B 51 2.87 27.07 18.08
C GLY B 51 1.35 27.17 18.05
N GLN B 52 0.66 26.21 18.66
CA GLN B 52 -0.79 26.18 18.70
C GLN B 52 -1.25 26.91 19.95
N PRO B 53 -1.87 28.10 19.79
CA PRO B 53 -2.36 28.81 20.97
C PRO B 53 -3.45 28.03 21.72
N ASP B 54 -3.46 28.16 23.04
CA ASP B 54 -4.45 27.50 23.90
C ASP B 54 -5.59 28.42 24.29
N LEU B 55 -5.52 29.69 23.90
CA LEU B 55 -6.55 30.66 24.25
C LEU B 55 -7.88 30.39 23.53
N LYS B 56 -8.98 30.65 24.22
CA LYS B 56 -10.32 30.46 23.67
C LYS B 56 -10.53 31.39 22.49
N THR B 57 -11.09 30.86 21.41
CA THR B 57 -11.39 31.65 20.23
C THR B 57 -12.51 32.60 20.65
N PRO B 58 -12.36 33.91 20.40
CA PRO B 58 -13.43 34.84 20.79
C PRO B 58 -14.81 34.42 20.25
N GLU B 59 -15.83 34.52 21.11
CA GLU B 59 -17.20 34.14 20.76
C GLU B 59 -17.79 34.81 19.51
N VAL B 60 -17.34 36.04 19.24
CA VAL B 60 -17.81 36.80 18.09
C VAL B 60 -17.67 36.01 16.78
N PHE B 61 -16.61 35.21 16.68
CA PHE B 61 -16.35 34.37 15.52
C PHE B 61 -17.51 33.41 15.25
N PHE B 62 -17.99 32.76 16.31
CA PHE B 62 -19.11 31.81 16.18
C PHE B 62 -20.45 32.53 16.02
N GLU B 63 -20.61 33.64 16.72
CA GLU B 63 -21.84 34.42 16.67
C GLU B 63 -22.10 34.96 15.26
N ARG B 64 -21.11 35.60 14.65
CA ARG B 64 -21.24 36.13 13.28
C ARG B 64 -21.64 35.03 12.29
N ILE B 65 -21.06 33.84 12.45
CA ILE B 65 -21.36 32.70 11.59
C ILE B 65 -22.81 32.26 11.78
N TYR B 66 -23.23 32.15 13.04
CA TYR B 66 -24.59 31.74 13.37
C TYR B 66 -25.63 32.76 12.86
N GLU B 67 -25.33 34.05 13.03
CA GLU B 67 -26.22 35.13 12.59
C GLU B 67 -26.34 35.25 11.08
N ASN B 68 -25.26 34.94 10.36
CA ASN B 68 -25.25 35.03 8.90
C ASN B 68 -25.08 33.68 8.22
N LYS B 69 -25.89 32.71 8.65
CA LYS B 69 -25.85 31.38 8.10
C LYS B 69 -26.43 31.46 6.68
N PRO B 70 -25.63 31.16 5.65
CA PRO B 70 -26.16 31.22 4.30
C PRO B 70 -26.92 29.94 3.96
N GLU B 71 -27.95 30.05 3.12
CA GLU B 71 -28.73 28.88 2.71
C GLU B 71 -27.87 27.93 1.87
N VAL B 72 -26.94 28.51 1.09
CA VAL B 72 -26.03 27.75 0.25
C VAL B 72 -24.60 28.12 0.61
N VAL B 73 -23.78 27.14 0.92
CA VAL B 73 -22.37 27.39 1.26
C VAL B 73 -21.65 27.45 -0.09
N TYR B 74 -21.68 28.65 -0.69
CA TYR B 74 -21.10 28.92 -2.01
C TYR B 74 -19.62 29.34 -2.05
N TYR B 75 -19.05 29.34 -3.25
CA TYR B 75 -17.69 29.80 -3.45
C TYR B 75 -17.80 31.32 -3.40
N SER B 76 -17.05 31.98 -2.54
CA SER B 76 -17.10 33.44 -2.45
C SER B 76 -16.27 33.98 -3.61
N HIS B 77 -16.17 35.29 -3.70
CA HIS B 77 -15.36 35.93 -4.72
C HIS B 77 -13.94 35.39 -4.47
N SER B 78 -13.17 35.16 -5.52
CA SER B 78 -11.81 34.61 -5.38
C SER B 78 -10.92 35.37 -4.39
N ALA B 79 -10.99 36.69 -4.39
CA ALA B 79 -10.19 37.52 -3.49
C ALA B 79 -10.73 37.53 -2.06
N GLY B 80 -11.89 36.93 -1.84
CA GLY B 80 -12.53 36.86 -0.52
C GLY B 80 -13.80 37.69 -0.51
N ILE B 81 -14.63 37.49 0.52
CA ILE B 81 -15.86 38.25 0.64
C ILE B 81 -15.45 39.72 0.82
N TRP B 82 -16.14 40.61 0.12
CA TRP B 82 -15.83 42.03 0.16
C TRP B 82 -15.73 42.60 1.58
N GLU B 83 -16.66 42.21 2.46
CA GLU B 83 -16.66 42.68 3.84
C GLU B 83 -15.40 42.28 4.60
N LEU B 84 -14.85 41.10 4.32
CA LEU B 84 -13.63 40.65 4.99
C LEU B 84 -12.44 41.44 4.47
N ARG B 85 -12.47 41.78 3.18
CA ARG B 85 -11.39 42.57 2.58
C ARG B 85 -11.41 43.95 3.25
N GLU B 86 -12.61 44.47 3.53
CA GLU B 86 -12.76 45.75 4.22
C GLU B 86 -12.33 45.58 5.69
N ALA B 87 -12.65 44.45 6.30
CA ALA B 87 -12.29 44.17 7.69
C ALA B 87 -10.77 44.19 7.84
N PHE B 88 -10.04 43.55 6.94
CA PHE B 88 -8.58 43.58 6.99
C PHE B 88 -8.06 45.01 6.78
N ALA B 89 -8.63 45.72 5.81
CA ALA B 89 -8.23 47.08 5.53
C ALA B 89 -8.40 47.98 6.75
N SER B 90 -9.57 47.90 7.39
CA SER B 90 -9.84 48.69 8.58
C SER B 90 -8.94 48.32 9.75
N TYR B 91 -8.63 47.03 9.89
CA TYR B 91 -7.76 46.59 10.95
C TYR B 91 -6.41 47.30 10.83
N TYR B 92 -5.82 47.26 9.64
CA TYR B 92 -4.52 47.92 9.38
C TYR B 92 -4.52 49.44 9.64
N LYS B 93 -5.62 50.11 9.36
CA LYS B 93 -5.71 51.54 9.60
C LYS B 93 -5.87 51.82 11.08
N ARG B 94 -6.78 51.11 11.72
CA ARG B 94 -7.04 51.32 13.13
C ARG B 94 -5.90 50.84 14.02
N ARG B 95 -5.46 49.62 13.82
CA ARG B 95 -4.44 49.02 14.66
C ARG B 95 -2.98 49.18 14.23
N GLN B 96 -2.69 49.07 12.93
CA GLN B 96 -1.32 49.21 12.44
C GLN B 96 -0.99 50.62 11.92
N ARG B 97 -1.97 51.53 11.95
CA ARG B 97 -1.78 52.92 11.48
CA ARG B 97 -1.76 52.92 11.50
C ARG B 97 -1.31 52.96 10.03
N VAL B 98 -1.83 52.05 9.20
CA VAL B 98 -1.48 51.95 7.78
C VAL B 98 -2.70 52.17 6.91
N ASP B 99 -2.53 52.97 5.86
CA ASP B 99 -3.65 53.21 4.93
C ASP B 99 -3.69 52.18 3.81
N VAL B 100 -4.58 51.21 3.95
CA VAL B 100 -4.77 50.17 2.92
C VAL B 100 -6.21 50.20 2.46
N LYS B 101 -6.40 49.92 1.18
CA LYS B 101 -7.73 49.85 0.58
C LYS B 101 -8.11 48.39 0.48
N PRO B 102 -9.42 48.09 0.39
CA PRO B 102 -9.82 46.69 0.24
C PRO B 102 -9.24 46.06 -1.03
N GLU B 103 -9.04 46.88 -2.08
CA GLU B 103 -8.47 46.39 -3.34
C GLU B 103 -7.03 45.88 -3.18
N ASN B 104 -6.35 46.29 -2.11
CA ASN B 104 -4.99 45.88 -1.84
C ASN B 104 -4.92 44.54 -1.08
N VAL B 105 -6.07 44.05 -0.63
CA VAL B 105 -6.16 42.83 0.14
C VAL B 105 -6.67 41.66 -0.69
N LEU B 106 -6.02 40.52 -0.55
CA LEU B 106 -6.40 39.30 -1.24
C LEU B 106 -6.50 38.23 -0.15
N VAL B 107 -7.71 37.78 0.14
CA VAL B 107 -7.96 36.78 1.17
C VAL B 107 -7.53 35.42 0.66
N THR B 108 -6.84 34.68 1.52
CA THR B 108 -6.31 33.35 1.18
C THR B 108 -6.58 32.33 2.27
N ASN B 109 -6.27 31.05 1.98
CA ASN B 109 -6.41 29.98 2.96
C ASN B 109 -5.25 30.06 3.93
N GLY B 110 -5.36 30.98 4.88
CA GLY B 110 -4.33 31.21 5.87
C GLY B 110 -3.15 31.91 5.24
N GLY B 111 -2.18 32.28 6.07
CA GLY B 111 -0.96 32.92 5.58
C GLY B 111 -0.19 31.95 4.70
N SER B 112 -0.29 30.65 5.01
CA SER B 112 0.37 29.59 4.25
C SER B 112 0.22 29.74 2.75
N GLU B 113 -1.03 29.91 2.30
CA GLU B 113 -1.31 30.04 0.87
C GLU B 113 -0.86 31.39 0.31
N ALA B 114 -0.98 32.45 1.11
CA ALA B 114 -0.56 33.78 0.68
C ALA B 114 0.95 33.77 0.39
N ILE B 115 1.70 32.97 1.15
CA ILE B 115 3.14 32.82 0.96
C ILE B 115 3.40 32.05 -0.34
N LEU B 116 2.67 30.96 -0.54
CA LEU B 116 2.80 30.16 -1.75
C LEU B 116 2.53 30.98 -3.00
N PHE B 117 1.47 31.77 -2.98
CA PHE B 117 1.14 32.61 -4.13
C PHE B 117 2.23 33.65 -4.37
N SER B 118 2.69 34.29 -3.31
CA SER B 118 3.75 35.28 -3.40
C SER B 118 4.95 34.68 -4.12
N PHE B 119 5.38 33.51 -3.66
CA PHE B 119 6.54 32.84 -4.28
C PHE B 119 6.30 32.53 -5.75
N ALA B 120 5.13 31.98 -6.07
CA ALA B 120 4.82 31.63 -7.47
C ALA B 120 4.72 32.83 -8.40
N VAL B 121 4.19 33.95 -7.89
CA VAL B 121 4.03 35.16 -8.68
C VAL B 121 5.36 35.88 -8.97
N ILE B 122 6.28 35.91 -8.01
CA ILE B 122 7.55 36.62 -8.23
C ILE B 122 8.71 35.79 -8.77
N ALA B 123 8.71 34.48 -8.51
CA ALA B 123 9.81 33.64 -8.97
C ALA B 123 9.39 32.49 -9.88
N ASN B 124 10.29 32.12 -10.76
CA ASN B 124 10.11 31.01 -11.69
C ASN B 124 10.68 29.77 -11.03
N PRO B 125 10.34 28.57 -11.53
CA PRO B 125 10.95 27.40 -10.93
C PRO B 125 12.46 27.50 -11.19
N GLY B 126 13.26 27.31 -10.16
CA GLY B 126 14.72 27.40 -10.29
C GLY B 126 15.27 28.74 -9.81
N ASP B 127 14.41 29.75 -9.65
CA ASP B 127 14.85 31.06 -9.15
C ASP B 127 15.10 30.98 -7.65
N GLU B 128 15.67 32.05 -7.10
CA GLU B 128 16.01 32.09 -5.69
C GLU B 128 15.33 33.19 -4.88
N ILE B 129 15.05 32.86 -3.62
CA ILE B 129 14.45 33.79 -2.67
C ILE B 129 15.29 33.73 -1.41
N LEU B 130 15.77 34.88 -0.96
CA LEU B 130 16.58 34.93 0.25
C LEU B 130 15.70 34.82 1.47
N VAL B 131 16.21 34.13 2.49
CA VAL B 131 15.50 33.96 3.74
C VAL B 131 16.48 34.16 4.89
N LEU B 132 16.01 34.82 5.95
CA LEU B 132 16.82 35.08 7.13
C LEU B 132 16.74 33.87 8.06
N GLU B 133 17.85 33.17 8.19
CA GLU B 133 17.97 31.96 8.98
C GLU B 133 18.36 32.25 10.44
N PRO B 134 17.76 31.54 11.44
CA PRO B 134 16.75 30.49 11.34
C PRO B 134 15.41 31.06 10.98
N PHE B 135 14.58 30.28 10.31
CA PHE B 135 13.28 30.76 9.87
C PHE B 135 12.20 29.71 10.02
N TYR B 136 10.96 30.17 9.87
CA TYR B 136 9.77 29.34 9.93
C TYR B 136 9.89 28.27 8.83
N ALA B 137 10.28 27.07 9.26
CA ALA B 137 10.50 25.91 8.38
C ALA B 137 9.49 25.70 7.26
N ASN B 138 8.21 25.98 7.52
CA ASN B 138 7.18 25.78 6.51
C ASN B 138 7.36 26.59 5.22
N TYR B 139 8.14 27.68 5.24
CA TYR B 139 8.37 28.44 4.01
C TYR B 139 9.05 27.54 2.99
N ASN B 140 9.90 26.65 3.47
CA ASN B 140 10.63 25.76 2.59
C ASN B 140 9.65 24.84 1.87
N ALA B 141 8.55 24.48 2.53
CA ALA B 141 7.51 23.62 1.95
C ALA B 141 6.84 24.31 0.77
N PHE B 142 6.49 25.58 0.95
CA PHE B 142 5.83 26.35 -0.12
C PHE B 142 6.81 26.61 -1.27
N ALA B 143 8.09 26.81 -0.92
CA ALA B 143 9.12 27.03 -1.92
C ALA B 143 9.29 25.77 -2.78
N LYS B 144 9.31 24.60 -2.15
CA LYS B 144 9.43 23.33 -2.88
C LYS B 144 8.23 23.09 -3.80
N ILE B 145 7.03 23.42 -3.34
CA ILE B 145 5.83 23.25 -4.18
C ILE B 145 5.91 24.17 -5.38
N ALA B 146 6.37 25.40 -5.19
CA ALA B 146 6.48 26.35 -6.28
C ALA B 146 7.73 26.13 -7.14
N GLY B 147 8.63 25.24 -6.73
CA GLY B 147 9.86 24.99 -7.49
C GLY B 147 10.92 26.07 -7.32
N VAL B 148 10.78 26.87 -6.26
CA VAL B 148 11.71 27.96 -5.96
C VAL B 148 12.76 27.51 -4.94
N LYS B 149 13.99 27.96 -5.15
CA LYS B 149 15.12 27.64 -4.29
C LYS B 149 15.18 28.68 -3.19
N LEU B 150 15.25 28.24 -1.94
CA LEU B 150 15.26 29.16 -0.82
C LEU B 150 16.73 29.25 -0.38
N ILE B 151 17.28 30.48 -0.37
CA ILE B 151 18.69 30.69 0.01
C ILE B 151 18.84 31.31 1.40
N PRO B 152 19.56 30.63 2.30
CA PRO B 152 19.70 31.13 3.65
C PRO B 152 20.75 32.24 3.85
N VAL B 153 20.39 33.19 4.71
CA VAL B 153 21.24 34.31 5.09
C VAL B 153 21.29 34.16 6.62
N THR B 154 22.34 33.49 7.08
CA THR B 154 22.52 33.20 8.51
C THR B 154 22.63 34.40 9.45
N ARG B 155 21.95 34.27 10.58
CA ARG B 155 21.94 35.27 11.65
C ARG B 155 22.42 34.54 12.89
N ARG B 156 23.12 35.25 13.76
CA ARG B 156 23.68 34.65 14.97
C ARG B 156 22.99 35.16 16.23
N MSE B 157 22.85 34.27 17.21
CA MSE B 157 22.23 34.63 18.48
C MSE B 157 23.09 35.65 19.21
O MSE B 157 22.56 36.57 19.84
CB MSE B 157 22.06 33.39 19.36
CG MSE B 157 21.42 33.70 20.70
SE MSE B 157 21.15 32.13 21.78
CE MSE B 157 19.98 31.13 20.60
N GLU B 158 24.40 35.50 19.09
CA GLU B 158 25.36 36.41 19.72
C GLU B 158 25.31 37.83 19.16
N GLU B 159 24.73 37.98 17.97
CA GLU B 159 24.60 39.28 17.33
C GLU B 159 23.14 39.77 17.52
N GLY B 160 22.37 39.03 18.34
CA GLY B 160 20.97 39.35 18.61
C GLY B 160 20.10 39.05 17.40
N PHE B 161 20.53 38.08 16.59
CA PHE B 161 19.84 37.69 15.35
C PHE B 161 19.54 38.90 14.46
N ALA B 162 20.52 39.77 14.30
CA ALA B 162 20.37 40.97 13.48
C ALA B 162 20.55 40.61 12.02
N ILE B 163 20.15 41.55 11.16
CA ILE B 163 20.26 41.40 9.72
C ILE B 163 21.76 41.53 9.43
N PRO B 164 22.39 40.49 8.86
CA PRO B 164 23.83 40.57 8.63
C PRO B 164 24.22 41.59 7.56
N GLN B 165 25.42 42.13 7.69
CA GLN B 165 25.95 43.13 6.75
C GLN B 165 26.28 42.59 5.37
N ASN B 166 26.46 41.27 5.25
CA ASN B 166 26.78 40.67 3.94
C ASN B 166 25.54 40.19 3.19
N LEU B 167 24.38 40.78 3.49
CA LEU B 167 23.11 40.40 2.85
C LEU B 167 23.10 40.58 1.33
N GLU B 168 23.67 41.68 0.84
CA GLU B 168 23.72 41.94 -0.60
C GLU B 168 24.62 40.98 -1.38
N SER B 169 25.61 40.37 -0.73
CA SER B 169 26.51 39.42 -1.40
C SER B 169 25.83 38.14 -1.87
N PHE B 170 24.67 37.80 -1.27
CA PHE B 170 23.90 36.61 -1.64
C PHE B 170 23.00 36.82 -2.87
N ILE B 171 22.87 38.07 -3.31
CA ILE B 171 22.04 38.42 -4.46
C ILE B 171 22.75 38.09 -5.78
N ASN B 172 22.00 37.54 -6.73
CA ASN B 172 22.53 37.18 -8.05
C ASN B 172 21.42 37.35 -9.10
N GLU B 173 21.70 36.94 -10.34
CA GLU B 173 20.71 37.05 -11.43
C GLU B 173 19.43 36.26 -11.19
N ARG B 174 19.52 35.18 -10.42
CA ARG B 174 18.38 34.32 -10.12
C ARG B 174 17.56 34.76 -8.90
N THR B 175 18.09 35.70 -8.12
CA THR B 175 17.41 36.19 -6.91
C THR B 175 16.21 37.04 -7.28
N LYS B 176 15.03 36.69 -6.78
CA LYS B 176 13.80 37.42 -7.07
C LYS B 176 13.10 38.04 -5.86
N GLY B 177 13.53 37.70 -4.65
CA GLY B 177 12.88 38.25 -3.47
C GLY B 177 13.55 37.90 -2.17
N ILE B 178 13.00 38.46 -1.10
CA ILE B 178 13.47 38.26 0.26
C ILE B 178 12.24 37.99 1.10
N VAL B 179 12.32 37.02 2.01
CA VAL B 179 11.20 36.69 2.86
C VAL B 179 11.61 36.54 4.31
N LEU B 180 10.77 37.01 5.22
CA LEU B 180 11.04 36.91 6.64
C LEU B 180 9.76 37.14 7.40
N SER B 181 9.81 36.90 8.70
CA SER B 181 8.67 37.13 9.58
C SER B 181 9.03 38.24 10.56
N ASN B 182 8.06 39.09 10.88
CA ASN B 182 8.26 40.20 11.80
C ASN B 182 6.95 40.47 12.56
N PRO B 183 6.88 40.13 13.87
CA PRO B 183 7.88 39.50 14.73
C PRO B 183 8.26 38.14 14.19
N CYS B 184 9.50 37.74 14.41
CA CYS B 184 10.02 36.50 13.88
C CYS B 184 9.80 35.23 14.68
N ASN B 185 9.56 34.15 13.94
CA ASN B 185 9.39 32.80 14.47
C ASN B 185 10.62 32.14 13.86
N PRO B 186 11.47 31.50 14.67
CA PRO B 186 11.48 31.24 16.11
C PRO B 186 12.31 32.15 17.02
N THR B 187 13.03 33.12 16.44
CA THR B 187 13.90 34.00 17.24
C THR B 187 13.17 35.02 18.12
N GLY B 188 11.99 35.45 17.69
CA GLY B 188 11.23 36.43 18.45
C GLY B 188 11.74 37.86 18.28
N VAL B 189 12.60 38.09 17.27
CA VAL B 189 13.12 39.43 17.04
C VAL B 189 12.05 40.27 16.39
N VAL B 190 12.12 41.57 16.63
CA VAL B 190 11.16 42.51 16.07
C VAL B 190 11.96 43.62 15.43
N TYR B 191 11.96 43.67 14.09
CA TYR B 191 12.70 44.70 13.39
C TYR B 191 11.90 45.99 13.38
N GLY B 192 12.51 47.08 13.83
CA GLY B 192 11.88 48.38 13.89
C GLY B 192 11.82 49.06 12.54
N LYS B 193 11.24 50.25 12.55
CA LYS B 193 11.06 51.10 11.37
C LYS B 193 12.35 51.27 10.56
N ASP B 194 13.44 51.64 11.24
CA ASP B 194 14.75 51.83 10.61
C ASP B 194 15.26 50.59 9.89
N GLU B 195 15.20 49.46 10.59
CA GLU B 195 15.65 48.18 10.06
C GLU B 195 14.84 47.72 8.86
N MSE B 196 13.53 47.96 8.90
CA MSE B 196 12.66 47.60 7.79
C MSE B 196 12.89 48.48 6.58
O MSE B 196 12.91 47.98 5.46
CB MSE B 196 11.19 47.70 8.21
CG MSE B 196 10.74 46.56 9.07
SE MSE B 196 10.81 44.97 7.94
CE MSE B 196 10.47 43.67 9.19
N ARG B 197 13.10 49.77 6.80
CA ARG B 197 13.35 50.72 5.69
C ARG B 197 14.61 50.26 4.95
N TYR B 198 15.64 49.93 5.73
CA TYR B 198 16.91 49.43 5.18
C TYR B 198 16.67 48.23 4.30
N LEU B 199 15.85 47.31 4.79
CA LEU B 199 15.54 46.08 4.09
C LEU B 199 14.71 46.36 2.83
N VAL B 200 13.82 47.36 2.90
CA VAL B 200 13.00 47.76 1.74
C VAL B 200 13.90 48.46 0.69
N GLU B 201 14.86 49.26 1.16
CA GLU B 201 15.78 49.97 0.28
C GLU B 201 16.61 48.98 -0.55
N ILE B 202 17.03 47.87 0.07
CA ILE B 202 17.81 46.83 -0.63
C ILE B 202 16.94 46.16 -1.69
N ALA B 203 15.70 45.88 -1.34
CA ALA B 203 14.76 45.25 -2.25
C ALA B 203 14.59 46.11 -3.51
N GLU B 204 14.36 47.39 -3.32
CA GLU B 204 14.17 48.34 -4.43
C GLU B 204 15.42 48.54 -5.29
N ARG B 205 16.58 48.66 -4.65
CA ARG B 205 17.84 48.83 -5.36
C ARG B 205 18.17 47.67 -6.30
N HIS B 206 17.80 46.45 -5.90
CA HIS B 206 18.05 45.23 -6.68
C HIS B 206 16.81 44.66 -7.38
N GLY B 207 15.70 45.40 -7.36
CA GLY B 207 14.44 44.98 -7.99
C GLY B 207 13.86 43.69 -7.47
N LEU B 208 13.92 43.51 -6.15
CA LEU B 208 13.42 42.31 -5.48
C LEU B 208 12.18 42.66 -4.68
N PHE B 209 11.31 41.67 -4.48
CA PHE B 209 10.10 41.85 -3.68
C PHE B 209 10.39 41.44 -2.25
N LEU B 210 9.89 42.23 -1.29
CA LEU B 210 10.09 41.96 0.13
C LEU B 210 8.81 41.39 0.70
N ILE B 211 8.84 40.11 1.07
CA ILE B 211 7.69 39.42 1.64
C ILE B 211 7.85 39.39 3.16
N VAL B 212 7.03 40.16 3.86
CA VAL B 212 7.10 40.24 5.33
C VAL B 212 5.90 39.57 5.96
N ASP B 213 6.15 38.48 6.68
CA ASP B 213 5.11 37.72 7.35
C ASP B 213 4.84 38.35 8.72
N GLU B 214 3.72 39.07 8.82
CA GLU B 214 3.34 39.77 10.07
C GLU B 214 2.21 39.11 10.86
N VAL B 215 2.20 37.79 10.86
CA VAL B 215 1.21 36.99 11.59
C VAL B 215 1.22 37.24 13.10
N TYR B 216 2.39 37.53 13.66
CA TYR B 216 2.51 37.79 15.11
C TYR B 216 2.42 39.25 15.52
N SER B 217 2.10 40.14 14.58
CA SER B 217 1.93 41.55 14.90
C SER B 217 0.84 41.57 15.98
N GLU B 218 0.97 42.46 16.97
CA GLU B 218 0.06 42.58 18.14
C GLU B 218 0.72 41.90 19.32
N ILE B 219 1.46 40.83 19.07
CA ILE B 219 2.17 40.10 20.12
C ILE B 219 3.57 40.70 20.10
N VAL B 220 3.65 41.95 20.53
CA VAL B 220 4.89 42.71 20.58
C VAL B 220 5.04 43.21 21.99
N PHE B 221 6.23 43.07 22.58
CA PHE B 221 6.49 43.47 23.95
C PHE B 221 7.43 44.67 24.06
N ARG B 222 8.56 44.57 23.36
CA ARG B 222 9.59 45.59 23.35
C ARG B 222 9.51 46.42 22.07
N GLY B 223 9.82 47.71 22.19
CA GLY B 223 9.82 48.61 21.04
C GLY B 223 8.47 48.89 20.43
N GLU B 224 8.48 49.76 19.42
CA GLU B 224 7.28 50.14 18.69
C GLU B 224 7.30 49.39 17.37
N PHE B 225 6.34 48.50 17.17
CA PHE B 225 6.26 47.72 15.94
C PHE B 225 5.75 48.57 14.78
N ALA B 226 6.40 48.42 13.63
CA ALA B 226 6.03 49.15 12.42
C ALA B 226 5.82 48.14 11.29
N SER B 227 4.62 48.12 10.73
CA SER B 227 4.29 47.23 9.62
C SER B 227 5.11 47.62 8.40
N ALA B 228 5.47 46.64 7.57
CA ALA B 228 6.24 46.93 6.36
C ALA B 228 5.47 47.86 5.41
N LEU B 229 4.14 47.82 5.50
CA LEU B 229 3.28 48.69 4.70
C LEU B 229 3.39 50.16 5.14
N SER B 230 3.91 50.40 6.34
CA SER B 230 4.11 51.76 6.86
C SER B 230 5.11 52.49 5.95
N ILE B 231 5.98 51.71 5.31
CA ILE B 231 6.97 52.21 4.37
C ILE B 231 6.33 52.00 3.00
N GLU B 232 5.75 53.06 2.43
CA GLU B 232 5.08 52.91 1.13
C GLU B 232 6.06 52.63 -0.02
N SER B 233 6.05 51.37 -0.41
CA SER B 233 6.89 50.81 -1.47
C SER B 233 6.06 49.87 -2.32
N ASP B 234 6.40 49.80 -3.60
CA ASP B 234 5.71 48.95 -4.54
C ASP B 234 6.27 47.52 -4.53
N LYS B 235 7.30 47.27 -3.72
CA LYS B 235 7.95 45.96 -3.63
C LYS B 235 7.66 45.21 -2.33
N VAL B 236 6.84 45.79 -1.46
CA VAL B 236 6.50 45.17 -0.19
C VAL B 236 5.19 44.36 -0.28
N VAL B 237 5.23 43.14 0.24
CA VAL B 237 4.07 42.26 0.29
C VAL B 237 3.97 41.78 1.73
N VAL B 238 2.86 42.11 2.39
CA VAL B 238 2.64 41.71 3.77
C VAL B 238 1.67 40.52 3.83
N ILE B 239 2.00 39.57 4.69
CA ILE B 239 1.19 38.38 4.90
C ILE B 239 0.68 38.47 6.32
N ASP B 240 -0.60 38.20 6.52
CA ASP B 240 -1.16 38.25 7.86
C ASP B 240 -2.17 37.12 7.95
N SER B 241 -2.62 36.86 9.16
CA SER B 241 -3.56 35.79 9.42
C SER B 241 -4.35 36.00 10.70
N VAL B 242 -5.44 35.26 10.80
CA VAL B 242 -6.32 35.28 11.94
C VAL B 242 -5.86 34.18 12.93
N SER B 243 -4.91 33.34 12.50
CA SER B 243 -4.42 32.21 13.30
C SER B 243 -3.86 32.45 14.69
N1 LLP B 244 3.91 32.31 9.53
C2 LLP B 244 4.59 32.07 10.69
C2' LLP B 244 5.95 32.68 10.88
C3 LLP B 244 4.04 31.28 11.70
O3 LLP B 244 4.65 31.06 12.75
C4 LLP B 244 2.77 30.72 11.52
C4' LLP B 244 2.17 29.86 12.61
C5 LLP B 244 2.08 30.97 10.34
C6 LLP B 244 2.64 31.77 9.34
C5' LLP B 244 0.72 30.37 10.13
OP4 LLP B 244 -0.01 30.58 8.91
P LLP B 244 -1.57 30.18 8.79
OP1 LLP B 244 -1.80 29.16 9.84
OP2 LLP B 244 -1.54 29.72 7.38
OP3 LLP B 244 -2.35 31.42 9.02
N LLP B 244 -2.72 33.12 14.80
CA LLP B 244 -2.08 33.33 16.10
CB LLP B 244 -0.58 33.54 15.91
CG LLP B 244 0.14 32.54 15.00
CD LLP B 244 -0.11 31.07 15.34
CE LLP B 244 0.91 30.16 14.61
NZ LLP B 244 1.10 30.48 13.14
C LLP B 244 -2.63 34.51 16.89
O LLP B 244 -2.70 34.49 18.11
N LYS B 245 -3.02 35.53 16.14
CA LYS B 245 -3.56 36.77 16.67
C LYS B 245 -4.86 36.57 17.44
N PHE B 246 -5.77 35.77 16.90
CA PHE B 246 -7.07 35.53 17.52
C PHE B 246 -7.28 34.07 17.97
N SER B 247 -6.22 33.26 17.95
CA SER B 247 -6.32 31.84 18.31
C SER B 247 -7.43 31.20 17.46
N ALA B 248 -7.29 31.37 16.14
CA ALA B 248 -8.23 30.84 15.16
C ALA B 248 -7.45 30.12 14.07
N CYS B 249 -6.47 29.33 14.50
CA CYS B 249 -5.61 28.55 13.60
C CYS B 249 -6.39 27.67 12.62
N GLY B 250 -7.46 27.05 13.10
CA GLY B 250 -8.29 26.18 12.29
C GLY B 250 -9.17 26.89 11.28
N ALA B 251 -9.21 28.21 11.31
CA ALA B 251 -10.02 28.97 10.37
C ALA B 251 -9.44 28.94 8.96
N ARG B 252 -8.12 28.93 8.85
CA ARG B 252 -7.44 28.92 7.55
C ARG B 252 -7.88 30.14 6.74
N VAL B 253 -7.79 31.31 7.38
CA VAL B 253 -8.12 32.59 6.76
C VAL B 253 -6.95 33.52 7.00
N GLY B 254 -6.36 33.98 5.91
CA GLY B 254 -5.24 34.90 5.98
C GLY B 254 -5.36 35.84 4.81
N CYS B 255 -4.28 36.55 4.52
CA CYS B 255 -4.32 37.47 3.40
C CYS B 255 -2.94 37.86 2.93
N LEU B 256 -2.94 38.42 1.73
CA LEU B 256 -1.79 38.92 1.07
C LEU B 256 -2.15 40.37 0.86
N ILE B 257 -1.34 41.30 1.35
CA ILE B 257 -1.63 42.73 1.20
C ILE B 257 -0.43 43.37 0.51
N THR B 258 -0.70 44.21 -0.46
CA THR B 258 0.33 44.90 -1.22
C THR B 258 -0.29 46.03 -2.02
N ARG B 259 0.50 47.07 -2.29
CA ARG B 259 0.06 48.24 -3.06
C ARG B 259 0.37 48.05 -4.53
N ASN B 260 1.10 46.99 -4.85
CA ASN B 260 1.44 46.68 -6.22
C ASN B 260 0.22 46.03 -6.87
N GLU B 261 -0.51 46.83 -7.64
CA GLU B 261 -1.73 46.38 -8.32
C GLU B 261 -1.46 45.26 -9.33
N GLU B 262 -0.30 45.26 -9.95
CA GLU B 262 0.07 44.24 -10.92
C GLU B 262 0.28 42.89 -10.21
N LEU B 263 0.99 42.91 -9.10
CA LEU B 263 1.27 41.68 -8.35
C LEU B 263 -0.03 41.06 -7.85
N ILE B 264 -0.89 41.87 -7.25
CA ILE B 264 -2.17 41.35 -6.75
C ILE B 264 -3.02 40.82 -7.91
N SER B 265 -2.95 41.47 -9.07
CA SER B 265 -3.68 41.03 -10.26
C SER B 265 -3.17 39.66 -10.74
N HIS B 266 -1.85 39.43 -10.65
CA HIS B 266 -1.28 38.14 -11.04
C HIS B 266 -1.63 37.10 -9.97
N ALA B 267 -1.62 37.49 -8.70
CA ALA B 267 -1.95 36.58 -7.61
C ALA B 267 -3.41 36.15 -7.70
N MSE B 268 -4.24 37.02 -8.27
CA MSE B 268 -5.65 36.78 -8.44
C MSE B 268 -5.94 35.61 -9.38
O MSE B 268 -6.93 34.91 -9.21
CB MSE B 268 -6.28 38.05 -9.01
CG MSE B 268 -7.75 38.06 -9.01
SE MSE B 268 -8.36 37.72 -7.22
CE MSE B 268 -10.10 38.25 -7.56
N LYS B 269 -5.09 35.42 -10.39
CA LYS B 269 -5.26 34.31 -11.32
C LYS B 269 -5.06 32.99 -10.57
N LEU B 270 -4.14 32.97 -9.61
CA LEU B 270 -3.90 31.75 -8.83
C LEU B 270 -5.04 31.51 -7.85
N ALA B 271 -5.57 32.60 -7.30
CA ALA B 271 -6.70 32.52 -6.37
C ALA B 271 -7.94 31.98 -7.09
N GLN B 272 -8.08 32.34 -8.37
CA GLN B 272 -9.22 31.89 -9.18
C GLN B 272 -9.17 30.39 -9.50
N GLY B 273 -7.97 29.83 -9.69
CA GLY B 273 -7.82 28.40 -9.96
C GLY B 273 -8.28 27.58 -8.76
N ARG B 274 -7.94 28.09 -7.59
CA ARG B 274 -8.28 27.53 -6.29
C ARG B 274 -9.79 27.82 -5.97
N LEU B 275 -10.38 28.78 -6.67
CA LEU B 275 -11.80 29.17 -6.55
C LEU B 275 -12.09 30.17 -5.43
N ALA B 276 -11.92 29.76 -4.17
CA ALA B 276 -12.19 30.65 -3.04
C ALA B 276 -11.69 30.13 -1.70
N PRO B 277 -11.58 31.01 -0.68
CA PRO B 277 -11.19 30.54 0.66
C PRO B 277 -12.46 30.00 1.34
N PRO B 278 -12.35 29.44 2.58
CA PRO B 278 -13.54 28.90 3.26
C PRO B 278 -14.58 29.97 3.59
N LEU B 279 -15.83 29.76 3.19
CA LEU B 279 -16.88 30.74 3.43
C LEU B 279 -17.20 31.07 4.88
N LEU B 280 -17.60 30.07 5.67
CA LEU B 280 -17.96 30.32 7.07
C LEU B 280 -16.83 30.95 7.88
N GLU B 281 -15.60 30.52 7.62
CA GLU B 281 -14.45 31.08 8.31
C GLU B 281 -14.26 32.53 7.97
N GLN B 282 -14.54 32.93 6.74
CA GLN B 282 -14.42 34.33 6.36
C GLN B 282 -15.48 35.16 7.07
N ILE B 283 -16.71 34.63 7.16
CA ILE B 283 -17.80 35.33 7.84
C ILE B 283 -17.45 35.57 9.31
N GLY B 284 -16.88 34.55 9.97
CA GLY B 284 -16.48 34.67 11.37
C GLY B 284 -15.28 35.59 11.56
N SER B 285 -14.36 35.61 10.59
CA SER B 285 -13.16 36.46 10.66
C SER B 285 -13.45 37.96 10.65
N VAL B 286 -14.58 38.34 10.06
CA VAL B 286 -14.99 39.75 10.01
C VAL B 286 -15.21 40.25 11.44
N GLY B 287 -15.75 39.38 12.29
CA GLY B 287 -16.00 39.70 13.69
C GLY B 287 -14.71 39.81 14.49
N LEU B 288 -13.76 38.91 14.21
CA LEU B 288 -12.48 38.91 14.91
C LEU B 288 -11.71 40.19 14.62
N LEU B 289 -11.67 40.58 13.35
CA LEU B 289 -10.97 41.79 12.94
C LEU B 289 -11.57 43.08 13.48
N ASN B 290 -12.85 43.08 13.87
CA ASN B 290 -13.47 44.27 14.45
C ASN B 290 -13.33 44.34 15.97
N LEU B 291 -12.66 43.38 16.58
CA LEU B 291 -12.46 43.39 18.04
C LEU B 291 -11.80 44.66 18.53
N ASP B 292 -12.23 45.11 19.70
CA ASP B 292 -11.73 46.34 20.32
C ASP B 292 -10.31 46.21 20.88
N ASP B 293 -9.77 47.34 21.30
CA ASP B 293 -8.43 47.46 21.86
C ASP B 293 -8.20 46.56 23.09
N SER B 294 -9.21 46.48 23.95
CA SER B 294 -9.13 45.65 25.16
C SER B 294 -8.71 44.21 24.87
N PHE B 295 -9.25 43.64 23.79
CA PHE B 295 -8.91 42.28 23.43
C PHE B 295 -7.42 42.10 23.14
N PHE B 296 -6.86 42.98 22.32
CA PHE B 296 -5.45 42.88 21.98
C PHE B 296 -4.56 43.12 23.19
N ASP B 297 -4.99 43.99 24.11
CA ASP B 297 -4.23 44.25 25.34
C ASP B 297 -4.14 42.96 26.16
N PHE B 298 -5.25 42.24 26.26
CA PHE B 298 -5.31 40.99 27.01
C PHE B 298 -4.41 39.94 26.39
N VAL B 299 -4.45 39.79 25.07
CA VAL B 299 -3.62 38.79 24.38
C VAL B 299 -2.14 39.12 24.53
N ARG B 300 -1.78 40.36 24.23
CA ARG B 300 -0.39 40.81 24.32
C ARG B 300 0.17 40.59 25.72
N GLU B 301 -0.57 40.99 26.74
CA GLU B 301 -0.14 40.85 28.13
C GLU B 301 -0.15 39.41 28.64
N THR B 302 -1.04 38.59 28.13
CA THR B 302 -1.07 37.19 28.54
C THR B 302 0.25 36.58 28.11
N TYR B 303 0.63 36.76 26.83
CA TYR B 303 1.90 36.23 26.33
C TYR B 303 3.13 36.87 26.96
N ARG B 304 3.03 38.14 27.34
CA ARG B 304 4.17 38.81 27.97
C ARG B 304 4.51 38.12 29.27
N GLU B 305 3.50 37.92 30.11
CA GLU B 305 3.68 37.30 31.41
C GLU B 305 4.19 35.85 31.28
N ARG B 306 3.74 35.15 30.23
CA ARG B 306 4.18 33.77 29.98
C ARG B 306 5.64 33.73 29.58
N VAL B 307 6.01 34.57 28.61
CA VAL B 307 7.39 34.63 28.15
C VAL B 307 8.31 34.98 29.33
N GLU B 308 7.92 36.00 30.11
CA GLU B 308 8.71 36.42 31.28
C GLU B 308 8.90 35.27 32.27
N THR B 309 7.84 34.51 32.52
CA THR B 309 7.88 33.37 33.43
C THR B 309 8.96 32.36 33.01
N VAL B 310 8.97 32.01 31.73
CA VAL B 310 9.94 31.05 31.20
C VAL B 310 11.35 31.62 31.30
N LEU B 311 11.53 32.87 30.88
CA LEU B 311 12.84 33.53 30.93
C LEU B 311 13.43 33.50 32.35
N LYS B 312 12.59 33.77 33.35
CA LYS B 312 13.02 33.75 34.74
C LYS B 312 13.42 32.35 35.15
N LYS B 313 12.60 31.35 34.81
CA LYS B 313 12.91 29.95 35.14
C LYS B 313 14.17 29.42 34.48
N LEU B 314 14.42 29.81 33.24
CA LEU B 314 15.64 29.38 32.54
C LEU B 314 16.87 29.99 33.21
N GLU B 315 16.75 31.26 33.60
CA GLU B 315 17.83 31.99 34.25
C GLU B 315 18.14 31.40 35.64
N GLU B 316 17.10 31.11 36.41
CA GLU B 316 17.23 30.54 37.75
C GLU B 316 17.87 29.16 37.77
N HIS B 317 17.71 28.41 36.68
CA HIS B 317 18.30 27.06 36.56
C HIS B 317 19.70 27.07 35.91
N GLY B 318 20.34 28.23 35.87
CA GLY B 318 21.70 28.36 35.32
C GLY B 318 21.89 28.34 33.82
N LEU B 319 20.81 28.31 33.05
CA LEU B 319 20.96 28.29 31.59
C LEU B 319 21.35 29.72 31.20
N LYS B 320 22.46 29.85 30.48
CA LYS B 320 22.99 31.16 30.08
C LYS B 320 22.58 31.67 28.72
N ARG B 321 22.89 30.91 27.67
CA ARG B 321 22.63 31.35 26.29
C ARG B 321 21.19 31.13 25.74
N PHE B 322 20.35 32.15 25.91
CA PHE B 322 18.97 32.14 25.40
C PHE B 322 18.57 33.57 25.02
N THR B 323 17.57 33.70 24.16
CA THR B 323 17.14 35.00 23.68
C THR B 323 15.88 35.52 24.35
N LYS B 324 15.87 36.83 24.59
CA LYS B 324 14.72 37.52 25.18
C LYS B 324 13.99 38.09 23.96
N PRO B 325 12.84 37.50 23.59
CA PRO B 325 12.13 37.99 22.41
C PRO B 325 11.42 39.32 22.58
N SER B 326 11.39 40.10 21.50
CA SER B 326 10.71 41.38 21.47
C SER B 326 9.26 41.18 21.02
N GLY B 327 8.98 40.03 20.44
CA GLY B 327 7.64 39.70 19.96
C GLY B 327 7.41 38.21 19.81
N ALA B 328 6.18 37.86 19.45
CA ALA B 328 5.73 36.47 19.29
C ALA B 328 5.79 35.75 20.64
N PHE B 329 5.55 34.44 20.66
CA PHE B 329 5.57 33.67 21.91
C PHE B 329 6.57 32.50 21.93
N TYR B 330 7.71 32.70 21.26
CA TYR B 330 8.75 31.67 21.21
C TYR B 330 10.03 32.13 21.88
N ILE B 331 10.72 31.18 22.48
CA ILE B 331 11.99 31.43 23.12
C ILE B 331 12.96 30.42 22.56
N THR B 332 14.05 30.91 22.00
CA THR B 332 15.10 30.09 21.44
C THR B 332 16.25 30.06 22.44
N ALA B 333 16.76 28.86 22.72
CA ALA B 333 17.84 28.70 23.68
C ALA B 333 18.85 27.64 23.29
N GLU B 334 20.10 27.86 23.70
CA GLU B 334 21.20 26.92 23.46
C GLU B 334 21.40 26.14 24.75
N LEU B 335 21.37 24.81 24.64
CA LEU B 335 21.54 23.93 25.79
C LEU B 335 22.99 23.47 25.83
N PRO B 336 23.48 23.04 27.01
CA PRO B 336 24.85 22.54 27.14
C PRO B 336 24.88 21.04 26.83
N VAL B 337 24.49 20.70 25.61
CA VAL B 337 24.41 19.32 25.16
C VAL B 337 25.00 19.22 23.76
N GLU B 338 25.46 18.03 23.38
CA GLU B 338 26.03 17.81 22.04
C GLU B 338 24.94 17.92 20.96
N ASP B 339 23.85 17.19 21.15
CA ASP B 339 22.73 17.17 20.20
C ASP B 339 21.39 17.43 20.90
N ALA B 340 20.75 18.54 20.57
CA ALA B 340 19.46 18.92 21.16
C ALA B 340 18.35 17.94 20.80
N GLU B 341 18.35 17.47 19.56
CA GLU B 341 17.35 16.52 19.07
C GLU B 341 17.41 15.18 19.81
N GLU B 342 18.62 14.77 20.21
CA GLU B 342 18.80 13.54 20.96
C GLU B 342 18.20 13.71 22.36
N PHE B 343 18.42 14.90 22.93
CA PHE B 343 17.90 15.24 24.25
C PHE B 343 16.37 15.33 24.26
N ALA B 344 15.80 15.87 23.18
CA ALA B 344 14.35 15.99 23.07
C ALA B 344 13.71 14.61 23.07
N ARG B 345 14.30 13.69 22.30
CA ARG B 345 13.81 12.31 22.21
C ARG B 345 13.96 11.61 23.56
N TRP B 346 15.12 11.81 24.19
CA TRP B 346 15.42 11.22 25.49
C TRP B 346 14.41 11.63 26.55
N MSE B 347 14.00 12.89 26.48
CA MSE B 347 13.03 13.46 27.40
C MSE B 347 11.73 12.64 27.39
O MSE B 347 11.15 12.37 28.44
CB MSE B 347 12.78 14.91 26.98
CG MSE B 347 12.34 15.80 28.10
SE MSE B 347 13.75 15.97 29.46
CE MSE B 347 12.73 16.87 30.62
N LEU B 348 11.32 12.21 26.21
CA LEU B 348 10.11 11.41 26.03
C LEU B 348 10.28 9.93 26.37
N THR B 349 11.36 9.34 25.88
CA THR B 349 11.62 7.91 26.09
C THR B 349 12.15 7.52 27.47
N ASP B 350 13.30 8.07 27.85
CA ASP B 350 13.96 7.72 29.12
C ASP B 350 13.81 8.70 30.29
N PHE B 351 12.74 9.49 30.36
CA PHE B 351 12.59 10.43 31.49
C PHE B 351 11.16 10.88 31.80
N ASN B 352 10.88 11.04 33.09
CA ASN B 352 9.58 11.47 33.60
C ASN B 352 9.58 11.86 35.09
N MSE B 353 9.50 13.16 35.39
CA MSE B 353 9.45 13.63 36.78
C MSE B 353 8.02 13.59 37.29
O MSE B 353 7.18 14.32 36.77
CB MSE B 353 9.84 15.09 37.01
CG MSE B 353 11.27 15.49 37.06
SE MSE B 353 11.33 17.17 38.11
CE MSE B 353 10.80 16.46 39.92
N ASP B 354 7.78 12.82 38.33
CA ASP B 354 6.44 12.70 38.92
C ASP B 354 5.41 12.38 37.83
N GLY B 355 5.77 11.48 36.93
CA GLY B 355 4.90 11.08 35.83
C GLY B 355 4.68 12.15 34.78
N GLU B 356 5.58 13.14 34.71
CA GLU B 356 5.45 14.25 33.77
C GLU B 356 6.74 14.45 32.98
N THR B 357 6.60 14.94 31.75
CA THR B 357 7.74 15.22 30.88
C THR B 357 7.38 16.44 30.02
N THR B 358 8.40 17.07 29.43
CA THR B 358 8.21 18.26 28.61
C THR B 358 8.76 18.04 27.20
N MSE B 359 7.98 18.44 26.20
CA MSE B 359 8.37 18.28 24.82
C MSE B 359 8.70 19.64 24.18
O MSE B 359 7.88 20.56 24.15
CB MSE B 359 7.21 17.62 24.08
CG MSE B 359 7.60 16.92 22.82
SE MSE B 359 6.05 16.26 21.86
CE MSE B 359 5.21 15.30 23.14
N VAL B 360 9.93 19.75 23.68
CA VAL B 360 10.43 20.96 23.03
C VAL B 360 10.77 20.67 21.58
N ALA B 361 10.90 21.72 20.79
CA ALA B 361 11.19 21.59 19.38
C ALA B 361 12.67 21.82 19.07
N PRO B 362 13.38 20.80 18.55
CA PRO B 362 14.77 21.04 18.18
C PRO B 362 14.83 22.15 17.13
N LEU B 363 15.79 23.05 17.24
CA LEU B 363 15.89 24.17 16.30
C LEU B 363 16.58 23.83 14.97
N ARG B 364 17.15 22.63 14.85
CA ARG B 364 17.84 22.19 13.64
C ARG B 364 16.95 22.27 12.38
N GLY B 365 15.66 22.02 12.53
CA GLY B 365 14.73 22.08 11.41
C GLY B 365 14.41 23.49 10.91
N PHE B 366 14.84 24.51 11.66
CA PHE B 366 14.62 25.92 11.29
C PHE B 366 15.79 26.52 10.50
N TYR B 367 16.84 25.73 10.27
CA TYR B 367 18.00 26.17 9.49
C TYR B 367 18.14 25.33 8.24
N LEU B 368 18.61 25.93 7.16
CA LEU B 368 18.90 25.26 5.90
C LEU B 368 20.37 24.87 5.88
N THR B 369 21.23 25.79 6.32
CA THR B 369 22.67 25.52 6.35
C THR B 369 22.90 24.29 7.25
N PRO B 370 23.58 23.26 6.72
CA PRO B 370 23.77 22.05 7.52
C PRO B 370 24.71 22.28 8.71
N GLY B 371 24.34 21.70 9.85
CA GLY B 371 25.14 21.82 11.07
C GLY B 371 24.70 22.87 12.06
N LEU B 372 23.95 23.87 11.60
CA LEU B 372 23.49 24.93 12.50
C LEU B 372 22.25 24.51 13.29
N GLY B 373 22.20 24.97 14.54
CA GLY B 373 21.08 24.68 15.44
C GLY B 373 21.09 23.27 16.00
N LYS B 374 22.26 22.66 16.08
CA LYS B 374 22.36 21.29 16.59
C LYS B 374 22.14 21.22 18.10
N LYS B 375 22.59 22.25 18.84
CA LYS B 375 22.42 22.29 20.30
C LYS B 375 21.33 23.28 20.75
N GLU B 376 20.55 23.78 19.80
CA GLU B 376 19.51 24.76 20.12
C GLU B 376 18.09 24.19 20.08
N ILE B 377 17.19 24.80 20.86
CA ILE B 377 15.79 24.39 20.92
C ILE B 377 14.87 25.61 20.92
N ARG B 378 13.60 25.38 20.62
CA ARG B 378 12.60 26.43 20.62
C ARG B 378 11.52 26.03 21.62
N ILE B 379 11.08 27.00 22.42
CA ILE B 379 10.03 26.79 23.41
C ILE B 379 8.84 27.68 23.03
N ALA B 380 7.67 27.08 22.89
CA ALA B 380 6.46 27.82 22.55
C ALA B 380 5.69 28.07 23.83
N CYS B 381 5.43 29.33 24.15
CA CYS B 381 4.71 29.70 25.37
C CYS B 381 3.21 29.66 25.16
N VAL B 382 2.68 28.46 24.96
CA VAL B 382 1.26 28.24 24.68
C VAL B 382 0.50 27.48 25.79
N LEU B 383 0.87 27.73 27.04
CA LEU B 383 0.22 27.12 28.20
C LEU B 383 0.07 28.21 29.24
N GLU B 384 -0.89 28.06 30.16
CA GLU B 384 -1.07 29.06 31.23
C GLU B 384 0.24 29.19 31.97
N LYS B 385 0.57 30.40 32.42
CA LYS B 385 1.84 30.66 33.11
C LYS B 385 2.26 29.67 34.20
N ASP B 386 1.34 29.20 35.04
CA ASP B 386 1.71 28.23 36.09
C ASP B 386 2.10 26.85 35.53
N LEU B 387 1.39 26.36 34.51
CA LEU B 387 1.75 25.08 33.89
C LEU B 387 3.10 25.22 33.19
N LEU B 388 3.27 26.36 32.53
CA LEU B 388 4.48 26.68 31.79
C LEU B 388 5.69 26.68 32.75
N SER B 389 5.48 27.25 33.94
CA SER B 389 6.52 27.29 34.97
C SER B 389 6.87 25.87 35.38
N ARG B 390 5.85 25.02 35.54
CA ARG B 390 6.04 23.61 35.91
C ARG B 390 6.73 22.86 34.76
N ALA B 391 6.30 23.13 33.54
CA ALA B 391 6.88 22.48 32.35
C ALA B 391 8.38 22.76 32.25
N ILE B 392 8.80 23.96 32.62
CA ILE B 392 10.22 24.31 32.57
C ILE B 392 10.97 23.63 33.72
N ASP B 393 10.33 23.49 34.88
CA ASP B 393 10.95 22.80 36.02
C ASP B 393 11.29 21.36 35.62
N VAL B 394 10.33 20.71 34.96
CA VAL B 394 10.49 19.32 34.50
C VAL B 394 11.60 19.23 33.45
N LEU B 395 11.63 20.20 32.54
CA LEU B 395 12.62 20.25 31.48
C LEU B 395 14.05 20.42 32.03
N MSE B 396 14.22 21.29 33.02
CA MSE B 396 15.55 21.52 33.60
C MSE B 396 16.02 20.40 34.51
O MSE B 396 17.22 20.14 34.61
CB MSE B 396 15.62 22.90 34.27
CG MSE B 396 15.35 24.00 33.24
SE MSE B 396 16.69 23.98 31.82
CE MSE B 396 15.62 24.66 30.38
N GLU B 397 15.08 19.73 35.17
CA GLU B 397 15.44 18.59 36.02
C GLU B 397 15.92 17.47 35.07
N GLY B 398 15.27 17.36 33.93
CA GLY B 398 15.64 16.36 32.93
C GLY B 398 16.99 16.69 32.31
N LEU B 399 17.23 17.97 32.07
CA LEU B 399 18.50 18.42 31.50
C LEU B 399 19.66 18.16 32.48
N LYS B 400 19.39 18.29 33.78
CA LYS B 400 20.41 18.05 34.80
C LYS B 400 20.79 16.58 34.86
N MSE B 401 19.81 15.68 34.73
CA MSE B 401 20.12 14.25 34.78
C MSE B 401 20.80 13.76 33.52
O MSE B 401 21.68 12.89 33.57
CB MSE B 401 18.90 13.39 35.09
CG MSE B 401 19.32 11.92 35.31
SE MSE B 401 18.00 10.74 36.07
CE MSE B 401 19.11 9.05 36.18
N PHE B 402 20.40 14.32 32.38
CA PHE B 402 20.96 13.95 31.07
C PHE B 402 22.50 13.99 31.05
N CYS B 403 23.14 14.93 31.75
CA CYS B 403 24.62 14.98 31.73
C CYS B 403 25.25 13.71 32.34
N SER B 404 24.55 13.07 33.28
CA SER B 404 25.04 11.85 33.92
C SER B 404 24.92 10.65 32.99
N ASP C 14 -6.04 -28.76 6.17
CA ASP C 14 -5.77 -29.44 7.47
C ASP C 14 -5.91 -28.49 8.67
N VAL C 15 -5.41 -27.26 8.50
CA VAL C 15 -5.44 -26.22 9.55
C VAL C 15 -6.82 -25.66 9.94
N PHE C 16 -6.98 -25.38 11.23
CA PHE C 16 -8.20 -24.81 11.81
C PHE C 16 -7.94 -23.35 12.17
N SER C 17 -8.98 -22.61 12.48
CA SER C 17 -8.85 -21.19 12.80
C SER C 17 -8.20 -20.94 14.17
N ASP C 18 -7.44 -19.85 14.26
CA ASP C 18 -6.77 -19.45 15.50
C ASP C 18 -7.81 -19.33 16.59
N ARG C 19 -8.93 -18.71 16.24
CA ARG C 19 -10.04 -18.51 17.18
C ARG C 19 -10.40 -19.77 17.96
N VAL C 20 -10.33 -20.93 17.33
CA VAL C 20 -10.67 -22.16 18.01
C VAL C 20 -9.43 -22.94 18.53
N LEU C 21 -8.26 -22.71 17.96
CA LEU C 21 -7.01 -23.36 18.40
C LEU C 21 -6.51 -22.78 19.73
N LEU C 22 -6.66 -21.47 19.90
CA LEU C 22 -6.22 -20.77 21.11
C LEU C 22 -7.18 -21.01 22.29
N THR C 23 -8.41 -21.43 22.00
CA THR C 23 -9.41 -21.68 23.03
C THR C 23 -9.18 -22.99 23.78
N GLU C 24 -8.76 -22.91 25.04
CA GLU C 24 -8.54 -24.10 25.87
C GLU C 24 -9.95 -24.45 26.36
N GLU C 25 -10.18 -25.70 26.78
CA GLU C 25 -11.52 -26.06 27.23
C GLU C 25 -11.79 -25.57 28.66
N SER C 26 -13.05 -25.20 28.92
CA SER C 26 -13.49 -24.69 30.21
C SER C 26 -13.04 -25.51 31.42
N PRO C 27 -12.51 -24.83 32.48
CA PRO C 27 -12.10 -25.55 33.70
C PRO C 27 -13.25 -26.35 34.32
N ILE C 28 -14.49 -25.93 34.08
CA ILE C 28 -15.66 -26.63 34.57
C ILE C 28 -15.81 -27.92 33.75
N ARG C 29 -15.78 -27.79 32.43
CA ARG C 29 -15.90 -28.96 31.55
C ARG C 29 -14.75 -29.96 31.73
N LYS C 30 -13.57 -29.47 32.11
CA LYS C 30 -12.42 -30.34 32.36
C LYS C 30 -12.63 -31.27 33.58
N LEU C 31 -13.62 -30.97 34.42
CA LEU C 31 -13.94 -31.78 35.61
C LEU C 31 -14.97 -32.88 35.31
N VAL C 32 -15.64 -32.79 34.17
CA VAL C 32 -16.66 -33.77 33.76
C VAL C 32 -16.12 -35.20 33.69
N PRO C 33 -14.95 -35.41 33.06
CA PRO C 33 -14.41 -36.78 33.01
C PRO C 33 -14.16 -37.38 34.40
N PHE C 34 -13.70 -36.54 35.33
CA PHE C 34 -13.43 -37.00 36.71
C PHE C 34 -14.76 -37.26 37.44
N ALA C 35 -15.79 -36.48 37.09
CA ALA C 35 -17.12 -36.62 37.68
C ALA C 35 -17.79 -37.93 37.22
N GLU C 36 -17.72 -38.19 35.91
CA GLU C 36 -18.28 -39.41 35.32
C GLU C 36 -17.65 -40.64 35.97
N MSE C 37 -16.33 -40.59 36.18
CA MSE C 37 -15.60 -41.69 36.79
C MSE C 37 -16.00 -41.90 38.26
O MSE C 37 -15.91 -43.03 38.77
CB MSE C 37 -14.08 -41.44 36.70
N ALA C 38 -16.43 -40.84 38.92
CA ALA C 38 -16.88 -40.91 40.32
C ALA C 38 -18.25 -41.57 40.43
N LYS C 39 -19.15 -41.28 39.47
CA LYS C 39 -20.49 -41.87 39.45
C LYS C 39 -20.37 -43.38 39.25
N LYS C 40 -19.37 -43.80 38.46
CA LYS C 40 -19.10 -45.22 38.19
C LYS C 40 -18.74 -45.94 39.49
N ARG C 41 -18.04 -45.23 40.39
CA ARG C 41 -17.64 -45.78 41.70
C ARG C 41 -18.80 -45.82 42.72
N GLY C 42 -19.96 -45.30 42.34
CA GLY C 42 -21.14 -45.27 43.22
C GLY C 42 -21.12 -44.10 44.16
N VAL C 43 -20.97 -42.90 43.61
CA VAL C 43 -20.94 -41.67 44.40
C VAL C 43 -22.01 -40.71 43.93
N ARG C 44 -22.85 -40.26 44.86
CA ARG C 44 -23.91 -39.31 44.57
C ARG C 44 -23.26 -37.93 44.58
N ILE C 45 -23.25 -37.27 43.43
CA ILE C 45 -22.62 -35.95 43.34
C ILE C 45 -23.63 -34.80 43.40
N HIS C 46 -23.35 -33.80 44.22
CA HIS C 46 -24.20 -32.61 44.36
C HIS C 46 -23.66 -31.55 43.40
N HIS C 47 -24.35 -31.33 42.29
CA HIS C 47 -23.92 -30.36 41.28
C HIS C 47 -24.25 -28.90 41.57
N LEU C 48 -23.26 -28.17 42.06
CA LEU C 48 -23.39 -26.73 42.36
C LEU C 48 -22.49 -25.96 41.40
N ASN C 49 -22.09 -26.61 40.31
CA ASN C 49 -21.19 -26.03 39.31
C ASN C 49 -21.85 -25.45 38.06
N ILE C 50 -23.12 -25.77 37.83
CA ILE C 50 -23.83 -25.29 36.63
C ILE C 50 -25.06 -24.46 36.99
N GLY C 51 -25.32 -23.43 36.19
CA GLY C 51 -26.45 -22.55 36.42
C GLY C 51 -27.76 -23.05 35.82
N GLN C 52 -28.01 -24.35 35.92
CA GLN C 52 -29.24 -24.95 35.41
C GLN C 52 -30.28 -24.99 36.53
N PRO C 53 -31.33 -24.17 36.43
CA PRO C 53 -32.36 -24.19 37.47
C PRO C 53 -33.04 -25.56 37.58
N ASP C 54 -33.41 -25.95 38.79
CA ASP C 54 -34.09 -27.24 39.03
C ASP C 54 -35.61 -27.07 39.17
N LEU C 55 -36.08 -25.82 39.12
CA LEU C 55 -37.50 -25.54 39.28
C LEU C 55 -38.34 -26.02 38.10
N LYS C 56 -39.56 -26.49 38.40
CA LYS C 56 -40.48 -26.97 37.37
C LYS C 56 -40.84 -25.83 36.44
N THR C 57 -40.81 -26.10 35.14
CA THR C 57 -41.17 -25.09 34.15
C THR C 57 -42.67 -24.90 34.30
N PRO C 58 -43.16 -23.66 34.43
CA PRO C 58 -44.60 -23.43 34.60
C PRO C 58 -45.45 -24.15 33.55
N GLU C 59 -46.54 -24.77 33.97
CA GLU C 59 -47.43 -25.51 33.07
C GLU C 59 -47.99 -24.70 31.90
N VAL C 60 -48.18 -23.40 32.10
CA VAL C 60 -48.70 -22.50 31.06
C VAL C 60 -47.89 -22.61 29.75
N PHE C 61 -46.59 -22.84 29.87
CA PHE C 61 -45.72 -22.99 28.71
C PHE C 61 -46.17 -24.16 27.83
N PHE C 62 -46.44 -25.30 28.44
CA PHE C 62 -46.88 -26.48 27.69
C PHE C 62 -48.34 -26.37 27.25
N GLU C 63 -49.19 -25.77 28.08
CA GLU C 63 -50.60 -25.57 27.75
C GLU C 63 -50.77 -24.73 26.50
N ARG C 64 -50.11 -23.57 26.46
N ARG C 64 -50.08 -23.59 26.49
CA ARG C 64 -50.20 -22.67 25.31
CA ARG C 64 -50.12 -22.64 25.39
C ARG C 64 -49.75 -23.33 24.02
C ARG C 64 -49.72 -23.29 24.06
N ILE C 65 -48.70 -24.16 24.11
CA ILE C 65 -48.21 -24.88 22.93
C ILE C 65 -49.26 -25.90 22.48
N TYR C 66 -49.83 -26.64 23.42
CA TYR C 66 -50.87 -27.64 23.10
C TYR C 66 -52.13 -27.00 22.50
N GLU C 67 -52.55 -25.87 23.08
CA GLU C 67 -53.74 -25.15 22.61
C GLU C 67 -53.58 -24.50 21.24
N ASN C 68 -52.36 -24.08 20.92
CA ASN C 68 -52.08 -23.42 19.64
C ASN C 68 -51.13 -24.22 18.77
N LYS C 69 -51.41 -25.52 18.66
CA LYS C 69 -50.60 -26.42 17.85
C LYS C 69 -50.83 -26.05 16.38
N PRO C 70 -49.79 -25.55 15.68
CA PRO C 70 -49.99 -25.22 14.27
C PRO C 70 -49.92 -26.47 13.39
N GLU C 71 -50.65 -26.48 12.28
CA GLU C 71 -50.64 -27.62 11.35
C GLU C 71 -49.28 -27.75 10.68
N VAL C 72 -48.60 -26.61 10.47
CA VAL C 72 -47.29 -26.57 9.86
C VAL C 72 -46.33 -25.82 10.79
N VAL C 73 -45.21 -26.45 11.15
CA VAL C 73 -44.23 -25.81 12.02
C VAL C 73 -43.36 -24.96 11.08
N TYR C 74 -43.84 -23.75 10.81
CA TYR C 74 -43.19 -22.79 9.88
C TYR C 74 -42.16 -21.83 10.50
N TYR C 75 -41.40 -21.16 9.63
CA TYR C 75 -40.45 -20.15 10.08
C TYR C 75 -41.29 -18.96 10.46
N SER C 76 -41.15 -18.44 11.67
CA SER C 76 -41.94 -17.27 12.06
C SER C 76 -41.25 -16.05 11.43
N HIS C 77 -41.80 -14.87 11.70
CA HIS C 77 -41.22 -13.64 11.21
C HIS C 77 -39.82 -13.62 11.86
N SER C 78 -38.81 -13.14 11.14
CA SER C 78 -37.43 -13.09 11.65
C SER C 78 -37.27 -12.47 13.03
N ALA C 79 -38.00 -11.40 13.31
CA ALA C 79 -37.90 -10.75 14.60
C ALA C 79 -38.69 -11.47 15.69
N GLY C 80 -39.44 -12.50 15.32
CA GLY C 80 -40.24 -13.30 16.25
C GLY C 80 -41.70 -13.13 15.99
N ILE C 81 -42.51 -14.01 16.59
CA ILE C 81 -43.96 -13.92 16.45
C ILE C 81 -44.34 -12.57 17.06
N TRP C 82 -45.23 -11.84 16.38
CA TRP C 82 -45.65 -10.54 16.88
C TRP C 82 -46.16 -10.57 18.32
N GLU C 83 -46.95 -11.59 18.66
CA GLU C 83 -47.51 -11.73 20.00
C GLU C 83 -46.44 -11.88 21.09
N LEU C 84 -45.32 -12.54 20.75
CA LEU C 84 -44.21 -12.71 21.70
C LEU C 84 -43.48 -11.38 21.86
N ARG C 85 -43.37 -10.60 20.78
CA ARG C 85 -42.72 -9.30 20.85
C ARG C 85 -43.56 -8.40 21.76
N GLU C 86 -44.88 -8.54 21.67
CA GLU C 86 -45.79 -7.80 22.54
C GLU C 86 -45.67 -8.31 23.97
N ALA C 87 -45.53 -9.63 24.13
CA ALA C 87 -45.39 -10.24 25.46
C ALA C 87 -44.14 -9.70 26.18
N PHE C 88 -43.01 -9.61 25.46
CA PHE C 88 -41.79 -9.03 26.06
C PHE C 88 -42.01 -7.55 26.38
N ALA C 89 -42.63 -6.81 25.47
CA ALA C 89 -42.90 -5.38 25.69
C ALA C 89 -43.75 -5.18 26.95
N SER C 90 -44.84 -5.95 27.06
CA SER C 90 -45.75 -5.87 28.21
C SER C 90 -45.06 -6.25 29.52
N TYR C 91 -44.19 -7.24 29.45
CA TYR C 91 -43.44 -7.68 30.63
C TYR C 91 -42.63 -6.51 31.17
N TYR C 92 -41.86 -5.84 30.31
CA TYR C 92 -41.06 -4.69 30.75
C TYR C 92 -41.87 -3.52 31.33
N LYS C 93 -43.07 -3.29 30.81
CA LYS C 93 -43.94 -2.22 31.32
C LYS C 93 -44.51 -2.64 32.68
N ARG C 94 -45.06 -3.86 32.76
CA ARG C 94 -45.67 -4.37 34.01
C ARG C 94 -44.72 -4.65 35.12
N ARG C 95 -43.64 -5.34 34.79
CA ARG C 95 -42.65 -5.73 35.80
C ARG C 95 -41.43 -4.83 35.96
N GLN C 96 -40.85 -4.34 34.87
CA GLN C 96 -39.65 -3.48 34.98
C GLN C 96 -39.97 -1.99 34.94
N ARG C 97 -41.26 -1.63 34.78
CA ARG C 97 -41.72 -0.24 34.70
C ARG C 97 -40.98 0.57 33.65
N VAL C 98 -40.79 -0.05 32.49
CA VAL C 98 -40.10 0.56 31.37
C VAL C 98 -41.03 0.56 30.15
N ASP C 99 -41.10 1.69 29.45
CA ASP C 99 -41.96 1.80 28.28
C ASP C 99 -41.21 1.31 27.03
N VAL C 100 -41.53 0.10 26.61
CA VAL C 100 -40.94 -0.52 25.43
C VAL C 100 -42.05 -0.87 24.46
N LYS C 101 -41.80 -0.69 23.16
CA LYS C 101 -42.78 -1.00 22.14
C LYS C 101 -42.37 -2.34 21.53
N PRO C 102 -43.31 -3.10 20.95
CA PRO C 102 -42.90 -4.35 20.31
C PRO C 102 -41.83 -4.15 19.22
N GLU C 103 -41.85 -2.99 18.53
CA GLU C 103 -40.87 -2.67 17.49
C GLU C 103 -39.45 -2.61 18.02
N ASN C 104 -39.31 -2.40 19.33
CA ASN C 104 -38.02 -2.33 20.01
C ASN C 104 -37.47 -3.71 20.39
N VAL C 105 -38.29 -4.75 20.27
CA VAL C 105 -37.91 -6.12 20.63
C VAL C 105 -37.57 -6.97 19.42
N LEU C 106 -36.48 -7.72 19.53
CA LEU C 106 -36.06 -8.62 18.47
C LEU C 106 -35.87 -9.99 19.15
N VAL C 107 -36.76 -10.94 18.84
CA VAL C 107 -36.68 -12.27 19.45
C VAL C 107 -35.53 -13.05 18.84
N THR C 108 -34.77 -13.72 19.70
CA THR C 108 -33.62 -14.48 19.31
C THR C 108 -33.56 -15.86 19.95
N ASN C 109 -32.61 -16.68 19.50
CA ASN C 109 -32.41 -18.02 20.05
C ASN C 109 -31.69 -17.86 21.39
N GLY C 110 -32.46 -17.51 22.41
CA GLY C 110 -31.92 -17.29 23.75
C GLY C 110 -31.12 -16.01 23.78
N GLY C 111 -30.66 -15.64 24.97
CA GLY C 111 -29.82 -14.47 25.12
C GLY C 111 -28.50 -14.65 24.38
N SER C 112 -28.03 -15.89 24.30
CA SER C 112 -26.79 -16.21 23.61
C SER C 112 -26.69 -15.55 22.24
N GLU C 113 -27.71 -15.73 21.42
CA GLU C 113 -27.71 -15.17 20.08
C GLU C 113 -27.87 -13.65 20.07
N ALA C 114 -28.67 -13.12 20.99
CA ALA C 114 -28.86 -11.67 21.08
C ALA C 114 -27.51 -10.99 21.31
N ILE C 115 -26.66 -11.64 22.10
CA ILE C 115 -25.31 -11.13 22.41
C ILE C 115 -24.46 -11.19 21.16
N LEU C 116 -24.50 -12.33 20.48
CA LEU C 116 -23.74 -12.50 19.24
C LEU C 116 -24.11 -11.44 18.22
N PHE C 117 -25.41 -11.19 18.04
CA PHE C 117 -25.84 -10.18 17.08
C PHE C 117 -25.37 -8.79 17.50
N SER C 118 -25.53 -8.46 18.79
CA SER C 118 -25.10 -7.17 19.31
C SER C 118 -23.64 -6.93 18.98
N PHE C 119 -22.80 -7.92 19.28
CA PHE C 119 -21.36 -7.85 19.01
C PHE C 119 -21.08 -7.63 17.52
N ALA C 120 -21.71 -8.43 16.67
CA ALA C 120 -21.51 -8.32 15.22
C ALA C 120 -22.00 -7.00 14.60
N VAL C 121 -23.09 -6.46 15.13
CA VAL C 121 -23.66 -5.20 14.64
C VAL C 121 -22.83 -3.96 15.02
N ILE C 122 -22.27 -3.93 16.21
CA ILE C 122 -21.51 -2.76 16.67
C ILE C 122 -19.99 -2.79 16.41
N ALA C 123 -19.40 -3.98 16.36
CA ALA C 123 -17.96 -4.11 16.16
C ALA C 123 -17.57 -4.91 14.93
N ASN C 124 -16.42 -4.55 14.36
CA ASN C 124 -15.83 -5.19 13.19
C ASN C 124 -14.86 -6.24 13.71
N PRO C 125 -14.45 -7.19 12.85
CA PRO C 125 -13.47 -8.16 13.34
C PRO C 125 -12.19 -7.40 13.69
N GLY C 126 -11.65 -7.63 14.89
CA GLY C 126 -10.45 -6.93 15.34
C GLY C 126 -10.74 -5.78 16.30
N ASP C 127 -11.99 -5.32 16.35
CA ASP C 127 -12.39 -4.25 17.25
C ASP C 127 -12.48 -4.77 18.67
N GLU C 128 -12.65 -3.85 19.63
CA GLU C 128 -12.69 -4.21 21.03
C GLU C 128 -13.98 -3.88 21.76
N ILE C 129 -14.32 -4.74 22.71
CA ILE C 129 -15.51 -4.57 23.55
C ILE C 129 -15.05 -4.77 25.00
N LEU C 130 -15.32 -3.77 25.83
CA LEU C 130 -14.93 -3.84 27.22
C LEU C 130 -15.85 -4.78 27.98
N VAL C 131 -15.29 -5.52 28.93
CA VAL C 131 -16.07 -6.43 29.75
C VAL C 131 -15.58 -6.33 31.20
N LEU C 132 -16.53 -6.33 32.14
CA LEU C 132 -16.23 -6.22 33.56
C LEU C 132 -15.94 -7.63 34.07
N GLU C 133 -14.68 -7.83 34.45
CA GLU C 133 -14.14 -9.11 34.92
C GLU C 133 -14.29 -9.26 36.44
N PRO C 134 -14.65 -10.45 36.95
CA PRO C 134 -14.95 -11.70 36.26
C PRO C 134 -16.31 -11.61 35.58
N PHE C 135 -16.47 -12.34 34.49
CA PHE C 135 -17.71 -12.28 33.72
C PHE C 135 -18.15 -13.63 33.21
N TYR C 136 -19.38 -13.66 32.72
CA TYR C 136 -19.99 -14.85 32.14
C TYR C 136 -19.14 -15.29 30.95
N ALA C 137 -18.31 -16.31 31.20
CA ALA C 137 -17.36 -16.85 30.22
C ALA C 137 -17.85 -17.02 28.79
N ASN C 138 -19.12 -17.40 28.63
CA ASN C 138 -19.66 -17.60 27.28
C ASN C 138 -19.63 -16.37 26.37
N TYR C 139 -19.51 -15.15 26.93
CA TYR C 139 -19.43 -13.96 26.07
C TYR C 139 -18.20 -14.06 25.20
N ASN C 140 -17.14 -14.65 25.75
CA ASN C 140 -15.89 -14.79 25.01
C ASN C 140 -16.08 -15.69 23.79
N ALA C 141 -17.00 -16.65 23.90
CA ALA C 141 -17.30 -17.56 22.81
C ALA C 141 -17.98 -16.80 21.66
N PHE C 142 -18.94 -15.93 21.99
CA PHE C 142 -19.65 -15.15 20.97
C PHE C 142 -18.70 -14.13 20.36
N ALA C 143 -17.80 -13.59 21.18
CA ALA C 143 -16.81 -12.63 20.72
C ALA C 143 -15.89 -13.28 19.68
N LYS C 144 -15.40 -14.48 20.00
CA LYS C 144 -14.51 -15.20 19.08
C LYS C 144 -15.21 -15.54 17.77
N ILE C 145 -16.49 -15.89 17.82
CA ILE C 145 -17.26 -16.20 16.61
C ILE C 145 -17.40 -14.95 15.74
N ALA C 146 -17.63 -13.80 16.37
CA ALA C 146 -17.77 -12.54 15.64
C ALA C 146 -16.42 -11.91 15.29
N GLY C 147 -15.31 -12.47 15.77
CA GLY C 147 -13.98 -11.93 15.49
C GLY C 147 -13.65 -10.66 16.28
N VAL C 148 -14.39 -10.42 17.35
CA VAL C 148 -14.22 -9.26 18.21
C VAL C 148 -13.35 -9.60 19.42
N LYS C 149 -12.47 -8.68 19.79
CA LYS C 149 -11.57 -8.85 20.93
C LYS C 149 -12.31 -8.38 22.18
N LEU C 150 -12.25 -9.17 23.23
CA LEU C 150 -12.93 -8.83 24.47
C LEU C 150 -11.83 -8.33 25.41
N ILE C 151 -11.98 -7.09 25.90
CA ILE C 151 -11.00 -6.44 26.79
C ILE C 151 -11.46 -6.42 28.25
N PRO C 152 -10.69 -7.07 29.15
CA PRO C 152 -11.12 -7.11 30.55
C PRO C 152 -10.84 -5.85 31.38
N VAL C 153 -11.77 -5.51 32.25
CA VAL C 153 -11.66 -4.39 33.17
C VAL C 153 -11.91 -5.06 34.52
N THR C 154 -10.81 -5.36 35.19
CA THR C 154 -10.83 -6.07 36.47
C THR C 154 -11.52 -5.39 37.65
N ARG C 155 -12.29 -6.20 38.38
CA ARG C 155 -13.02 -5.76 39.56
C ARG C 155 -12.52 -6.65 40.68
N ARG C 156 -12.48 -6.13 41.90
CA ARG C 156 -11.99 -6.89 43.03
C ARG C 156 -13.09 -7.19 44.03
N MSE C 157 -12.99 -8.35 44.67
CA MSE C 157 -13.95 -8.76 45.69
C MSE C 157 -13.88 -7.81 46.88
O MSE C 157 -14.90 -7.44 47.46
CB MSE C 157 -13.64 -10.19 46.17
CG MSE C 157 -14.57 -10.67 47.29
SE MSE C 157 -14.20 -12.49 47.92
CE MSE C 157 -14.61 -13.49 46.25
N GLU C 158 -12.66 -7.39 47.20
CA GLU C 158 -12.38 -6.46 48.29
C GLU C 158 -13.03 -5.08 48.11
N GLU C 159 -13.36 -4.74 46.86
CA GLU C 159 -14.02 -3.48 46.52
C GLU C 159 -15.52 -3.74 46.29
N GLY C 160 -15.97 -4.95 46.61
CA GLY C 160 -17.37 -5.35 46.41
C GLY C 160 -17.70 -5.47 44.93
N PHE C 161 -16.68 -5.81 44.13
CA PHE C 161 -16.79 -5.93 42.68
C PHE C 161 -17.44 -4.70 42.03
N ALA C 162 -16.99 -3.54 42.48
CA ALA C 162 -17.50 -2.28 41.97
C ALA C 162 -16.89 -1.95 40.61
N ILE C 163 -17.50 -1.00 39.91
CA ILE C 163 -17.01 -0.56 38.61
C ILE C 163 -15.76 0.23 38.94
N PRO C 164 -14.59 -0.17 38.43
CA PRO C 164 -13.36 0.57 38.76
C PRO C 164 -13.30 1.97 38.17
N GLN C 165 -12.58 2.85 38.86
CA GLN C 165 -12.43 4.24 38.46
C GLN C 165 -11.58 4.43 37.19
N ASN C 166 -10.75 3.45 36.85
CA ASN C 166 -9.91 3.56 35.64
C ASN C 166 -10.57 2.96 34.39
N LEU C 167 -11.90 2.90 34.38
CA LEU C 167 -12.66 2.35 33.25
C LEU C 167 -12.37 3.05 31.92
N GLU C 168 -12.36 4.38 31.95
CA GLU C 168 -12.11 5.19 30.74
C GLU C 168 -10.73 4.98 30.12
N SER C 169 -9.75 4.60 30.94
CA SER C 169 -8.37 4.36 30.49
C SER C 169 -8.23 3.23 29.49
N PHE C 170 -9.13 2.26 29.53
CA PHE C 170 -9.10 1.12 28.61
C PHE C 170 -9.71 1.42 27.24
N ILE C 171 -10.34 2.59 27.10
CA ILE C 171 -10.98 2.98 25.83
C ILE C 171 -9.93 3.49 24.83
N ASN C 172 -10.08 3.10 23.57
CA ASN C 172 -9.17 3.51 22.49
C ASN C 172 -9.96 3.59 21.18
N GLU C 173 -9.25 3.84 20.07
CA GLU C 173 -9.86 3.94 18.74
C GLU C 173 -10.64 2.70 18.30
N ARG C 174 -10.20 1.53 18.77
CA ARG C 174 -10.85 0.27 18.40
C ARG C 174 -11.99 -0.16 19.31
N THR C 175 -12.17 0.53 20.43
CA THR C 175 -13.24 0.22 21.38
C THR C 175 -14.60 0.61 20.79
N LYS C 176 -15.53 -0.35 20.74
CA LYS C 176 -16.87 -0.10 20.19
C LYS C 176 -18.02 -0.30 21.17
N GLY C 177 -17.76 -0.88 22.34
CA GLY C 177 -18.83 -1.10 23.30
C GLY C 177 -18.37 -1.62 24.64
N ILE C 178 -19.34 -1.78 25.53
CA ILE C 178 -19.14 -2.29 26.87
C ILE C 178 -20.23 -3.33 27.11
N VAL C 179 -19.87 -4.44 27.73
CA VAL C 179 -20.86 -5.49 28.00
C VAL C 179 -20.75 -6.00 29.43
N LEU C 180 -21.89 -6.23 30.07
CA LEU C 180 -21.94 -6.74 31.42
C LEU C 180 -23.30 -7.35 31.69
N SER C 181 -23.42 -8.03 32.83
CA SER C 181 -24.67 -8.62 33.25
C SER C 181 -25.12 -7.94 34.55
N ASN C 182 -26.43 -7.71 34.67
CA ASN C 182 -27.01 -7.05 35.83
C ASN C 182 -28.42 -7.59 36.09
N PRO C 183 -28.61 -8.39 37.17
CA PRO C 183 -27.64 -8.87 38.16
C PRO C 183 -26.52 -9.66 37.49
N CYS C 184 -25.34 -9.59 38.08
CA CYS C 184 -24.15 -10.24 37.51
C CYS C 184 -23.90 -11.71 37.82
N ASN C 185 -23.40 -12.41 36.82
CA ASN C 185 -23.00 -13.82 36.89
C ASN C 185 -21.49 -13.67 36.64
N PRO C 186 -20.63 -14.17 37.54
CA PRO C 186 -20.81 -14.92 38.78
C PRO C 186 -20.77 -14.16 40.11
N THR C 187 -20.54 -12.85 40.09
CA THR C 187 -20.42 -12.08 41.36
C THR C 187 -21.72 -11.86 42.12
N GLY C 188 -22.83 -11.77 41.40
CA GLY C 188 -24.12 -11.54 42.03
C GLY C 188 -24.34 -10.08 42.41
N VAL C 189 -23.53 -9.17 41.87
CA VAL C 189 -23.70 -7.76 42.17
C VAL C 189 -24.87 -7.24 41.37
N VAL C 190 -25.49 -6.20 41.89
CA VAL C 190 -26.62 -5.56 41.26
C VAL C 190 -26.33 -4.07 41.24
N TYR C 191 -26.09 -3.53 40.05
CA TYR C 191 -25.82 -2.11 39.91
C TYR C 191 -27.14 -1.35 39.90
N GLY C 192 -27.24 -0.36 40.78
CA GLY C 192 -28.44 0.47 40.91
C GLY C 192 -28.55 1.50 39.81
N LYS C 193 -29.62 2.29 39.88
CA LYS C 193 -29.90 3.32 38.88
C LYS C 193 -28.72 4.30 38.71
N ASP C 194 -28.17 4.78 39.83
CA ASP C 194 -27.02 5.73 39.79
C ASP C 194 -25.80 5.14 39.08
N GLU C 195 -25.44 3.90 39.41
CA GLU C 195 -24.30 3.21 38.80
C GLU C 195 -24.53 2.95 37.31
N MSE C 196 -25.76 2.62 36.93
CA MSE C 196 -26.06 2.38 35.52
C MSE C 196 -26.04 3.67 34.72
O MSE C 196 -25.56 3.68 33.59
CB MSE C 196 -27.36 1.59 35.32
CG MSE C 196 -27.28 0.10 35.67
SE MSE C 196 -25.78 -0.78 34.71
CE MSE C 196 -26.08 -2.52 34.95
N ARG C 197 -26.55 4.76 35.31
CA ARG C 197 -26.56 6.04 34.61
C ARG C 197 -25.12 6.43 34.32
N TYR C 198 -24.25 6.29 35.31
CA TYR C 198 -22.83 6.59 35.14
C TYR C 198 -22.23 5.83 33.99
N LEU C 199 -22.58 4.54 33.92
CA LEU C 199 -22.06 3.66 32.89
C LEU C 199 -22.64 4.05 31.51
N VAL C 200 -23.89 4.52 31.48
CA VAL C 200 -24.52 4.98 30.24
C VAL C 200 -23.86 6.29 29.80
N GLU C 201 -23.57 7.17 30.76
CA GLU C 201 -22.92 8.45 30.46
C GLU C 201 -21.57 8.27 29.80
N ILE C 202 -20.81 7.27 30.25
CA ILE C 202 -19.50 6.97 29.66
C ILE C 202 -19.69 6.46 28.24
N ALA C 203 -20.67 5.60 28.04
CA ALA C 203 -20.96 5.06 26.72
C ALA C 203 -21.23 6.20 25.74
N GLU C 204 -22.12 7.10 26.12
CA GLU C 204 -22.48 8.23 25.28
C GLU C 204 -21.33 9.20 25.01
N ARG C 205 -20.54 9.50 26.03
CA ARG C 205 -19.42 10.42 25.89
C ARG C 205 -18.38 9.92 24.88
N HIS C 206 -18.17 8.61 24.84
CA HIS C 206 -17.20 7.97 23.93
C HIS C 206 -17.82 7.28 22.70
N GLY C 207 -19.13 7.46 22.48
CA GLY C 207 -19.82 6.85 21.35
C GLY C 207 -19.80 5.33 21.32
N LEU C 208 -19.95 4.73 22.49
CA LEU C 208 -19.94 3.26 22.64
C LEU C 208 -21.32 2.75 23.00
N PHE C 209 -21.62 1.52 22.62
CA PHE C 209 -22.90 0.91 22.95
C PHE C 209 -22.75 0.14 24.25
N LEU C 210 -23.76 0.23 25.11
CA LEU C 210 -23.77 -0.46 26.39
C LEU C 210 -24.71 -1.66 26.31
N ILE C 211 -24.14 -2.86 26.33
CA ILE C 211 -24.90 -4.09 26.26
C ILE C 211 -25.08 -4.62 27.68
N VAL C 212 -26.31 -4.56 28.20
CA VAL C 212 -26.59 -5.01 29.56
C VAL C 212 -27.42 -6.29 29.54
N ASP C 213 -26.82 -7.38 30.03
CA ASP C 213 -27.45 -8.68 30.07
C ASP C 213 -28.29 -8.78 31.35
N GLU C 214 -29.61 -8.64 31.21
CA GLU C 214 -30.54 -8.68 32.36
C GLU C 214 -31.33 -9.97 32.50
N VAL C 215 -30.71 -11.10 32.18
CA VAL C 215 -31.37 -12.41 32.27
C VAL C 215 -31.79 -12.78 33.69
N TYR C 216 -31.05 -12.28 34.69
CA TYR C 216 -31.37 -12.56 36.10
C TYR C 216 -32.25 -11.50 36.78
N SER C 217 -32.77 -10.52 36.02
CA SER C 217 -33.65 -9.52 36.63
C SER C 217 -34.82 -10.34 37.18
N GLU C 218 -35.40 -9.93 38.30
CA GLU C 218 -36.49 -10.67 39.00
C GLU C 218 -35.88 -11.44 40.16
N ILE C 219 -34.64 -11.93 39.99
CA ILE C 219 -33.91 -12.65 41.04
C ILE C 219 -33.01 -11.58 41.67
N VAL C 220 -33.65 -10.66 42.37
CA VAL C 220 -33.00 -9.55 43.06
C VAL C 220 -33.44 -9.60 44.51
N PHE C 221 -32.48 -9.49 45.44
CA PHE C 221 -32.80 -9.56 46.87
C PHE C 221 -32.62 -8.23 47.58
N ARG C 222 -31.47 -7.59 47.39
CA ARG C 222 -31.23 -6.30 48.02
C ARG C 222 -31.31 -5.18 46.99
N GLY C 223 -31.71 -4.01 47.48
CA GLY C 223 -31.86 -2.81 46.67
C GLY C 223 -33.01 -2.88 45.69
N GLU C 224 -33.22 -1.77 44.99
CA GLU C 224 -34.27 -1.67 43.97
C GLU C 224 -33.57 -1.79 42.62
N PHE C 225 -33.90 -2.83 41.87
CA PHE C 225 -33.30 -3.07 40.56
C PHE C 225 -33.90 -2.12 39.53
N ALA C 226 -33.04 -1.55 38.69
CA ALA C 226 -33.46 -0.64 37.64
C ALA C 226 -32.88 -1.16 36.32
N SER C 227 -33.74 -1.42 35.35
CA SER C 227 -33.34 -1.88 34.04
C SER C 227 -32.56 -0.76 33.35
N ALA C 228 -31.60 -1.11 32.50
CA ALA C 228 -30.82 -0.11 31.76
C ALA C 228 -31.73 0.72 30.84
N LEU C 229 -32.85 0.13 30.43
CA LEU C 229 -33.83 0.81 29.59
C LEU C 229 -34.56 1.92 30.37
N SER C 230 -34.51 1.88 31.70
CA SER C 230 -35.13 2.91 32.53
C SER C 230 -34.42 4.26 32.27
N ILE C 231 -33.16 4.19 31.80
CA ILE C 231 -32.37 5.35 31.45
C ILE C 231 -32.50 5.46 29.93
N GLU C 232 -33.37 6.36 29.45
CA GLU C 232 -33.59 6.52 28.01
C GLU C 232 -32.34 7.02 27.28
N SER C 233 -31.68 6.09 26.60
CA SER C 233 -30.47 6.35 25.84
C SER C 233 -30.51 5.54 24.55
N ASP C 234 -29.93 6.10 23.51
CA ASP C 234 -29.87 5.51 22.19
C ASP C 234 -28.73 4.47 22.10
N LYS C 235 -27.90 4.38 23.14
CA LYS C 235 -26.77 3.45 23.13
C LYS C 235 -26.90 2.24 24.05
N VAL C 236 -28.07 2.08 24.65
CA VAL C 236 -28.33 0.96 25.54
C VAL C 236 -29.02 -0.19 24.80
N VAL C 237 -28.50 -1.39 24.98
CA VAL C 237 -29.08 -2.59 24.39
C VAL C 237 -29.25 -3.57 25.55
N VAL C 238 -30.48 -3.98 25.82
CA VAL C 238 -30.74 -4.95 26.89
C VAL C 238 -30.99 -6.34 26.32
N ILE C 239 -30.43 -7.34 26.99
CA ILE C 239 -30.57 -8.73 26.60
C ILE C 239 -31.36 -9.41 27.70
N ASP C 240 -32.35 -10.21 27.34
CA ASP C 240 -33.12 -10.90 28.35
C ASP C 240 -33.42 -12.28 27.79
N SER C 241 -33.98 -13.14 28.64
CA SER C 241 -34.27 -14.50 28.26
C SER C 241 -35.31 -15.12 29.19
N VAL C 242 -35.89 -16.19 28.68
CA VAL C 242 -36.89 -16.95 29.38
C VAL C 242 -36.19 -18.04 30.21
N SER C 243 -34.89 -18.23 29.98
CA SER C 243 -34.10 -19.28 30.63
C SER C 243 -34.05 -19.37 32.16
N1 LLP C 244 -26.22 -14.53 30.12
C2 LLP C 244 -25.90 -14.88 31.41
C2' LLP C 244 -25.22 -13.87 32.29
C3 LLP C 244 -26.18 -16.15 31.90
O3 LLP C 244 -25.87 -16.46 33.04
C4 LLP C 244 -26.81 -17.09 31.06
C4' LLP C 244 -27.15 -18.48 31.59
C5 LLP C 244 -27.14 -16.71 29.76
C6 LLP C 244 -26.85 -15.43 29.30
C5' LLP C 244 -27.82 -17.67 28.81
OP4 LLP C 244 -29.14 -17.34 28.37
P LLP C 244 -29.84 -18.16 27.18
OP1 LLP C 244 -30.05 -19.50 27.76
OP2 LLP C 244 -28.90 -18.10 26.03
OP3 LLP C 244 -31.07 -17.39 26.99
N LLP C 244 -33.44 -18.39 32.81
CA LLP C 244 -33.26 -18.44 34.27
CB LLP C 244 -32.05 -17.58 34.65
CG LLP C 244 -30.76 -17.75 33.80
CD LLP C 244 -30.30 -19.20 33.62
CE LLP C 244 -28.82 -19.32 33.11
NZ LLP C 244 -28.47 -18.49 31.89
C LLP C 244 -34.49 -17.97 35.05
O LLP C 244 -34.82 -18.47 36.15
N LYS C 245 -35.17 -17.00 34.48
CA LYS C 245 -36.34 -16.37 35.04
C LYS C 245 -37.53 -17.32 35.21
N PHE C 246 -37.76 -18.17 34.19
CA PHE C 246 -38.86 -19.12 34.20
C PHE C 246 -38.42 -20.59 34.20
N SER C 247 -37.13 -20.85 34.37
CA SER C 247 -36.60 -22.22 34.33
C SER C 247 -37.03 -22.87 33.01
N ALA C 248 -36.73 -22.18 31.92
CA ALA C 248 -37.03 -22.63 30.57
C ALA C 248 -35.79 -22.50 29.70
N CYS C 249 -34.66 -22.92 30.27
CA CYS C 249 -33.37 -22.90 29.59
C CYS C 249 -33.38 -23.59 28.23
N GLY C 250 -34.06 -24.72 28.13
CA GLY C 250 -34.15 -25.47 26.88
C GLY C 250 -35.01 -24.85 25.80
N ALA C 251 -35.73 -23.78 26.13
CA ALA C 251 -36.58 -23.09 25.16
C ALA C 251 -35.78 -22.38 24.07
N ARG C 252 -34.66 -21.81 24.45
CA ARG C 252 -33.77 -21.07 23.55
C ARG C 252 -34.54 -19.90 22.95
N VAL C 253 -35.20 -19.13 23.83
CA VAL C 253 -35.97 -17.95 23.44
C VAL C 253 -35.52 -16.79 24.31
N GLY C 254 -34.99 -15.77 23.66
CA GLY C 254 -34.51 -14.58 24.35
C GLY C 254 -34.82 -13.39 23.49
N CYS C 255 -34.22 -12.27 23.80
CA CYS C 255 -34.46 -11.08 23.01
C CYS C 255 -33.41 -10.03 23.20
N LEU C 256 -33.39 -9.14 22.22
CA LEU C 256 -32.51 -8.01 22.16
C LEU C 256 -33.51 -6.86 22.19
N ILE C 257 -33.38 -5.96 23.15
CA ILE C 257 -34.28 -4.80 23.26
C ILE C 257 -33.46 -3.52 23.23
N THR C 258 -33.90 -2.56 22.42
CA THR C 258 -33.19 -1.29 22.29
C THR C 258 -34.09 -0.27 21.61
N ARG C 259 -33.87 1.01 21.91
CA ARG C 259 -34.64 2.10 21.31
C ARG C 259 -33.96 2.63 20.05
N ASN C 260 -32.75 2.14 19.77
CA ASN C 260 -32.02 2.54 18.59
C ASN C 260 -32.60 1.74 17.43
N GLU C 261 -33.42 2.42 16.62
CA GLU C 261 -34.09 1.82 15.47
C GLU C 261 -33.11 1.36 14.40
N GLU C 262 -31.99 2.06 14.26
CA GLU C 262 -31.00 1.69 13.26
C GLU C 262 -30.29 0.40 13.67
N LEU C 263 -29.92 0.27 14.94
CA LEU C 263 -29.25 -0.92 15.45
C LEU C 263 -30.14 -2.15 15.28
N ILE C 264 -31.39 -2.04 15.67
CA ILE C 264 -32.33 -3.15 15.55
C ILE C 264 -32.59 -3.47 14.07
N SER C 265 -32.54 -2.47 13.18
CA SER C 265 -32.73 -2.71 11.73
C SER C 265 -31.48 -3.45 11.18
N HIS C 266 -30.31 -3.18 11.73
CA HIS C 266 -29.08 -3.86 11.31
C HIS C 266 -29.08 -5.29 11.85
N ALA C 267 -29.58 -5.44 13.08
CA ALA C 267 -29.65 -6.76 13.73
C ALA C 267 -30.64 -7.65 12.99
N MSE C 268 -31.65 -7.03 12.39
CA MSE C 268 -32.65 -7.73 11.60
C MSE C 268 -32.07 -8.51 10.44
O MSE C 268 -32.55 -9.60 10.12
CB MSE C 268 -33.64 -6.77 10.94
CG MSE C 268 -34.80 -6.36 11.73
SE MSE C 268 -36.00 -7.87 11.98
CE MSE C 268 -37.56 -6.69 12.64
N LYS C 269 -31.09 -7.91 9.77
CA LYS C 269 -30.45 -8.57 8.63
C LYS C 269 -29.80 -9.87 9.08
N LEU C 270 -29.22 -9.89 10.27
CA LEU C 270 -28.59 -11.10 10.80
C LEU C 270 -29.66 -12.12 11.20
N ALA C 271 -30.77 -11.63 11.75
CA ALA C 271 -31.90 -12.48 12.15
C ALA C 271 -32.54 -13.16 10.94
N GLN C 272 -32.52 -12.45 9.80
CA GLN C 272 -33.06 -12.97 8.54
C GLN C 272 -32.21 -14.09 7.94
N GLY C 273 -30.88 -14.01 8.06
CA GLY C 273 -29.99 -15.05 7.53
C GLY C 273 -30.25 -16.37 8.27
N ARG C 274 -30.47 -16.23 9.56
CA ARG C 274 -30.79 -17.30 10.49
C ARG C 274 -32.25 -17.79 10.29
N LEU C 275 -33.08 -16.95 9.67
CA LEU C 275 -34.49 -17.22 9.34
C LEU C 275 -35.47 -16.94 10.47
N ALA C 276 -35.39 -17.67 11.58
CA ALA C 276 -36.31 -17.44 12.70
C ALA C 276 -35.94 -18.21 13.96
N PRO C 277 -36.50 -17.83 15.12
CA PRO C 277 -36.25 -18.58 16.35
C PRO C 277 -37.18 -19.80 16.38
N PRO C 278 -37.07 -20.68 17.37
CA PRO C 278 -37.97 -21.86 17.42
C PRO C 278 -39.44 -21.48 17.61
N LEU C 279 -40.31 -21.99 16.74
CA LEU C 279 -41.73 -21.65 16.79
C LEU C 279 -42.49 -22.07 18.05
N LEU C 280 -42.49 -23.36 18.38
CA LEU C 280 -43.24 -23.82 19.56
C LEU C 280 -42.75 -23.20 20.86
N GLU C 281 -41.45 -22.95 20.96
CA GLU C 281 -40.85 -22.33 22.13
C GLU C 281 -41.34 -20.88 22.28
N GLN C 282 -41.55 -20.19 21.14
CA GLN C 282 -42.07 -18.80 21.17
C GLN C 282 -43.53 -18.81 21.63
N ILE C 283 -44.30 -19.76 21.12
CA ILE C 283 -45.71 -19.85 21.49
C ILE C 283 -45.85 -20.09 23.02
N GLY C 284 -45.02 -20.96 23.58
CA GLY C 284 -45.05 -21.24 25.01
C GLY C 284 -44.54 -20.07 25.84
N SER C 285 -43.57 -19.33 25.31
CA SER C 285 -42.98 -18.17 26.01
C SER C 285 -43.97 -17.02 26.25
N VAL C 286 -44.98 -16.90 25.38
CA VAL C 286 -45.98 -15.86 25.52
C VAL C 286 -46.73 -16.07 26.85
N GLY C 287 -46.96 -17.35 27.19
CA GLY C 287 -47.64 -17.72 28.43
C GLY C 287 -46.79 -17.43 29.65
N LEU C 288 -45.49 -17.70 29.56
CA LEU C 288 -44.56 -17.44 30.65
C LEU C 288 -44.47 -15.96 30.96
N LEU C 289 -44.33 -15.14 29.92
CA LEU C 289 -44.22 -13.69 30.08
C LEU C 289 -45.49 -13.03 30.66
N ASN C 290 -46.65 -13.69 30.55
CA ASN C 290 -47.90 -13.15 31.10
C ASN C 290 -48.18 -13.62 32.53
N LEU C 291 -47.27 -14.39 33.12
CA LEU C 291 -47.45 -14.87 34.49
C LEU C 291 -47.64 -13.71 35.49
N ASP C 292 -48.47 -13.94 36.50
CA ASP C 292 -48.77 -12.93 37.52
C ASP C 292 -47.62 -12.70 38.52
N ASP C 293 -47.79 -11.68 39.35
CA ASP C 293 -46.82 -11.29 40.35
C ASP C 293 -46.46 -12.41 41.31
N SER C 294 -47.46 -13.20 41.72
CA SER C 294 -47.28 -14.33 42.64
C SER C 294 -46.15 -15.26 42.22
N PHE C 295 -46.09 -15.54 40.92
CA PHE C 295 -45.07 -16.42 40.37
C PHE C 295 -43.65 -15.88 40.60
N PHE C 296 -43.44 -14.60 40.34
CA PHE C 296 -42.13 -13.99 40.51
C PHE C 296 -41.74 -13.89 41.97
N ASP C 297 -42.74 -13.69 42.85
CA ASP C 297 -42.50 -13.63 44.28
C ASP C 297 -41.95 -14.97 44.76
N PHE C 298 -42.58 -16.05 44.29
CA PHE C 298 -42.19 -17.41 44.63
C PHE C 298 -40.77 -17.73 44.19
N VAL C 299 -40.44 -17.37 42.95
CA VAL C 299 -39.11 -17.61 42.39
C VAL C 299 -38.06 -16.80 43.15
N ARG C 300 -38.30 -15.51 43.33
CA ARG C 300 -37.37 -14.62 44.03
C ARG C 300 -37.08 -15.12 45.45
N GLU C 301 -38.14 -15.47 46.18
CA GLU C 301 -38.01 -15.93 47.55
C GLU C 301 -37.41 -17.33 47.67
N THR C 302 -37.63 -18.18 46.67
CA THR C 302 -37.06 -19.52 46.70
C THR C 302 -35.55 -19.35 46.68
N TYR C 303 -35.05 -18.56 45.71
CA TYR C 303 -33.61 -18.32 45.60
C TYR C 303 -33.03 -17.53 46.76
N ARG C 304 -33.83 -16.66 47.37
CA ARG C 304 -33.35 -15.87 48.52
C ARG C 304 -33.01 -16.80 49.69
N GLU C 305 -33.93 -17.70 50.01
CA GLU C 305 -33.73 -18.66 51.10
C GLU C 305 -32.56 -19.61 50.82
N ARG C 306 -32.38 -19.98 49.55
CA ARG C 306 -31.27 -20.86 49.16
C ARG C 306 -29.93 -20.17 49.35
N VAL C 307 -29.82 -18.96 48.81
CA VAL C 307 -28.58 -18.18 48.91
C VAL C 307 -28.24 -17.98 50.40
N GLU C 308 -29.23 -17.57 51.18
CA GLU C 308 -29.04 -17.35 52.62
C GLU C 308 -28.52 -18.61 53.31
N THR C 309 -29.10 -19.76 52.97
CA THR C 309 -28.70 -21.05 53.55
C THR C 309 -27.20 -21.31 53.33
N VAL C 310 -26.75 -21.12 52.11
CA VAL C 310 -25.34 -21.33 51.77
C VAL C 310 -24.47 -20.33 52.52
N LEU C 311 -24.84 -19.06 52.50
CA LEU C 311 -24.09 -18.02 53.19
C LEU C 311 -23.88 -18.35 54.66
N LYS C 312 -24.92 -18.82 55.33
CA LYS C 312 -24.84 -19.20 56.74
C LYS C 312 -23.90 -20.39 56.94
N LYS C 313 -24.03 -21.40 56.08
CA LYS C 313 -23.17 -22.59 56.15
C LYS C 313 -21.71 -22.28 55.92
N LEU C 314 -21.41 -21.38 54.98
CA LEU C 314 -20.03 -20.99 54.69
C LEU C 314 -19.45 -20.28 55.89
N GLU C 315 -20.25 -19.40 56.48
CA GLU C 315 -19.84 -18.63 57.65
C GLU C 315 -19.60 -19.50 58.88
N GLU C 316 -20.51 -20.45 59.14
CA GLU C 316 -20.35 -21.32 60.32
C GLU C 316 -19.17 -22.30 60.21
N HIS C 317 -18.69 -22.57 58.99
CA HIS C 317 -17.53 -23.44 58.79
C HIS C 317 -16.20 -22.66 58.69
N GLY C 318 -16.22 -21.41 59.16
CA GLY C 318 -15.03 -20.56 59.19
C GLY C 318 -14.53 -19.92 57.91
N LEU C 319 -15.26 -20.08 56.82
CA LEU C 319 -14.83 -19.48 55.55
C LEU C 319 -15.09 -17.98 55.68
N LYS C 320 -14.05 -17.17 55.45
CA LYS C 320 -14.14 -15.72 55.59
C LYS C 320 -14.44 -14.93 54.31
N ARG C 321 -13.57 -15.05 53.31
CA ARG C 321 -13.73 -14.29 52.07
C ARG C 321 -14.74 -14.83 51.04
N PHE C 322 -15.97 -14.34 51.11
CA PHE C 322 -17.03 -14.71 50.19
C PHE C 322 -17.93 -13.50 50.01
N THR C 323 -18.65 -13.44 48.89
CA THR C 323 -19.52 -12.31 48.62
C THR C 323 -21.02 -12.63 48.80
N LYS C 324 -21.73 -11.65 49.37
CA LYS C 324 -23.18 -11.75 49.59
C LYS C 324 -23.80 -11.13 48.35
N PRO C 325 -24.42 -11.92 47.48
CA PRO C 325 -24.98 -11.35 46.27
C PRO C 325 -26.27 -10.57 46.48
N SER C 326 -26.47 -9.54 45.67
CA SER C 326 -27.67 -8.73 45.71
C SER C 326 -28.70 -9.31 44.72
N GLY C 327 -28.23 -10.15 43.80
CA GLY C 327 -29.10 -10.76 42.81
C GLY C 327 -28.52 -12.05 42.24
N ALA C 328 -29.30 -12.69 41.38
CA ALA C 328 -28.94 -13.96 40.75
C ALA C 328 -28.84 -15.05 41.81
N PHE C 329 -28.40 -16.25 41.43
CA PHE C 329 -28.28 -17.36 42.38
C PHE C 329 -26.86 -17.96 42.50
N TYR C 330 -25.86 -17.10 42.36
CA TYR C 330 -24.47 -17.54 42.46
C TYR C 330 -23.78 -16.90 43.64
N ILE C 331 -22.84 -17.64 44.22
CA ILE C 331 -22.05 -17.16 45.34
C ILE C 331 -20.60 -17.45 44.98
N THR C 332 -19.80 -16.39 44.98
CA THR C 332 -18.38 -16.47 44.67
C THR C 332 -17.63 -16.42 45.99
N ALA C 333 -16.67 -17.33 46.16
CA ALA C 333 -15.90 -17.39 47.39
C ALA C 333 -14.44 -17.75 47.16
N GLU C 334 -13.59 -17.24 48.04
CA GLU C 334 -12.14 -17.48 48.01
C GLU C 334 -11.86 -18.55 49.06
N LEU C 335 -11.21 -19.63 48.64
CA LEU C 335 -10.87 -20.73 49.54
C LEU C 335 -9.42 -20.56 50.00
N PRO C 336 -9.06 -21.16 51.16
CA PRO C 336 -7.69 -21.09 51.64
C PRO C 336 -6.87 -22.22 51.04
N VAL C 337 -6.76 -22.22 49.71
CA VAL C 337 -6.05 -23.24 48.95
C VAL C 337 -5.20 -22.57 47.88
N GLU C 338 -4.15 -23.24 47.42
CA GLU C 338 -3.28 -22.70 46.39
C GLU C 338 -4.03 -22.63 45.05
N ASP C 339 -4.62 -23.75 44.64
CA ASP C 339 -5.35 -23.83 43.37
C ASP C 339 -6.75 -24.42 43.59
N ALA C 340 -7.77 -23.61 43.30
CA ALA C 340 -9.17 -24.04 43.45
C ALA C 340 -9.55 -25.16 42.49
N GLU C 341 -9.05 -25.07 41.26
CA GLU C 341 -9.30 -26.05 40.21
C GLU C 341 -8.75 -27.43 40.59
N GLU C 342 -7.63 -27.46 41.32
CA GLU C 342 -7.03 -28.71 41.76
C GLU C 342 -7.92 -29.33 42.86
N PHE C 343 -8.44 -28.47 43.72
CA PHE C 343 -9.35 -28.86 44.81
C PHE C 343 -10.68 -29.39 44.28
N ALA C 344 -11.19 -28.77 43.21
CA ALA C 344 -12.43 -29.20 42.60
C ALA C 344 -12.27 -30.61 42.03
N ARG C 345 -11.15 -30.87 41.35
CA ARG C 345 -10.91 -32.20 40.76
C ARG C 345 -10.72 -33.22 41.88
N TRP C 346 -10.00 -32.81 42.93
CA TRP C 346 -9.73 -33.68 44.10
C TRP C 346 -11.03 -34.13 44.75
N MSE C 347 -11.99 -33.21 44.85
CA MSE C 347 -13.30 -33.52 45.43
C MSE C 347 -13.95 -34.71 44.75
O MSE C 347 -14.56 -35.54 45.40
CB MSE C 347 -14.27 -32.34 45.34
CG MSE C 347 -14.13 -31.26 46.39
SE MSE C 347 -14.39 -32.04 48.14
CE MSE C 347 -14.58 -30.61 49.07
N LEU C 348 -13.81 -34.76 43.43
CA LEU C 348 -14.41 -35.82 42.63
C LEU C 348 -13.61 -37.12 42.66
N THR C 349 -12.30 -37.02 42.49
CA THR C 349 -11.42 -38.19 42.45
C THR C 349 -11.09 -38.83 43.80
N ASP C 350 -10.46 -38.07 44.69
CA ASP C 350 -10.03 -38.59 45.98
C ASP C 350 -10.88 -38.25 47.21
N PHE C 351 -12.19 -38.05 47.06
CA PHE C 351 -13.02 -37.74 48.24
C PHE C 351 -14.52 -38.04 48.09
N ASN C 352 -15.11 -38.50 49.20
CA ASN C 352 -16.53 -38.85 49.27
C ASN C 352 -17.03 -39.07 50.69
N MSE C 353 -17.81 -38.13 51.23
CA MSE C 353 -18.40 -38.29 52.58
C MSE C 353 -19.70 -39.05 52.49
O MSE C 353 -20.65 -38.56 51.87
CB MSE C 353 -18.82 -37.01 53.29
CG MSE C 353 -17.83 -36.30 54.11
SE MSE C 353 -18.91 -35.30 55.41
CE MSE C 353 -19.67 -36.83 56.49
N ASP C 354 -19.76 -40.19 53.16
CA ASP C 354 -20.96 -41.01 53.18
C ASP C 354 -21.43 -41.28 51.75
N GLY C 355 -20.48 -41.57 50.87
CA GLY C 355 -20.78 -41.84 49.46
C GLY C 355 -21.28 -40.62 48.68
N GLU C 356 -20.99 -39.41 49.17
CA GLU C 356 -21.41 -38.16 48.53
C GLU C 356 -20.25 -37.21 48.36
N THR C 357 -20.33 -36.38 47.31
CA THR C 357 -19.31 -35.38 47.03
C THR C 357 -20.02 -34.18 46.40
N THR C 358 -19.36 -33.02 46.39
CA THR C 358 -19.95 -31.79 45.86
C THR C 358 -19.08 -31.19 44.76
N MSE C 359 -19.71 -30.80 43.65
CA MSE C 359 -19.00 -30.27 42.52
C MSE C 359 -19.23 -28.75 42.38
O MSE C 359 -20.37 -28.28 42.27
CB MSE C 359 -19.46 -30.99 41.27
CG MSE C 359 -18.43 -30.99 40.18
SE MSE C 359 -19.03 -31.86 38.58
CE MSE C 359 -19.74 -33.44 39.22
N VAL C 360 -18.13 -28.00 42.41
CA VAL C 360 -18.18 -26.54 42.29
C VAL C 360 -17.42 -26.12 41.04
N ALA C 361 -17.66 -24.89 40.61
CA ALA C 361 -17.04 -24.35 39.41
C ALA C 361 -15.83 -23.46 39.76
N PRO C 362 -14.63 -23.83 39.30
CA PRO C 362 -13.49 -22.96 39.55
C PRO C 362 -13.76 -21.63 38.85
N LEU C 363 -13.40 -20.52 39.51
CA LEU C 363 -13.66 -19.19 38.96
C LEU C 363 -12.64 -18.72 37.91
N ARG C 364 -11.53 -19.45 37.76
CA ARG C 364 -10.48 -19.11 36.80
C ARG C 364 -10.99 -18.90 35.38
N GLY C 365 -11.99 -19.68 34.99
CA GLY C 365 -12.59 -19.57 33.65
C GLY C 365 -13.42 -18.33 33.41
N PHE C 366 -13.72 -17.57 34.46
CA PHE C 366 -14.51 -16.35 34.36
C PHE C 366 -13.65 -15.10 34.22
N TYR C 367 -12.32 -15.27 34.24
CA TYR C 367 -11.39 -14.16 34.09
C TYR C 367 -10.60 -14.34 32.79
N LEU C 368 -10.26 -13.22 32.16
CA LEU C 368 -9.49 -13.24 30.94
C LEU C 368 -8.03 -12.93 31.32
N THR C 369 -7.82 -12.02 32.28
CA THR C 369 -6.50 -11.67 32.78
C THR C 369 -5.87 -12.93 33.39
N PRO C 370 -4.68 -13.36 32.90
CA PRO C 370 -4.09 -14.56 33.46
C PRO C 370 -3.65 -14.45 34.92
N GLY C 371 -3.91 -15.52 35.68
CA GLY C 371 -3.56 -15.58 37.09
C GLY C 371 -4.68 -15.26 38.07
N LEU C 372 -5.71 -14.52 37.61
CA LEU C 372 -6.82 -14.15 38.49
C LEU C 372 -7.83 -15.28 38.67
N GLY C 373 -8.38 -15.38 39.88
CA GLY C 373 -9.36 -16.39 40.23
C GLY C 373 -8.79 -17.79 40.44
N LYS C 374 -7.51 -17.87 40.78
CA LYS C 374 -6.84 -19.17 40.99
C LYS C 374 -7.35 -19.89 42.23
N LYS C 375 -7.63 -19.14 43.29
CA LYS C 375 -8.14 -19.74 44.55
C LYS C 375 -9.63 -19.46 44.80
N GLU C 376 -10.35 -19.00 43.78
CA GLU C 376 -11.77 -18.68 43.89
C GLU C 376 -12.68 -19.71 43.20
N ILE C 377 -13.90 -19.87 43.70
CA ILE C 377 -14.89 -20.79 43.13
C ILE C 377 -16.25 -20.14 43.08
N ARG C 378 -17.15 -20.70 42.27
CA ARG C 378 -18.51 -20.21 42.15
C ARG C 378 -19.45 -21.34 42.56
N ILE C 379 -20.47 -20.99 43.34
CA ILE C 379 -21.47 -21.93 43.82
C ILE C 379 -22.82 -21.51 43.24
N ALA C 380 -23.48 -22.43 42.54
CA ALA C 380 -24.80 -22.16 41.95
C ALA C 380 -25.84 -22.76 42.88
N CYS C 381 -26.75 -21.91 43.36
CA CYS C 381 -27.80 -22.36 44.28
C CYS C 381 -29.02 -22.88 43.51
N VAL C 382 -28.82 -24.02 42.85
CA VAL C 382 -29.87 -24.65 42.03
C VAL C 382 -30.36 -26.01 42.57
N LEU C 383 -30.43 -26.12 43.90
CA LEU C 383 -30.92 -27.32 44.57
C LEU C 383 -31.82 -26.84 45.69
N GLU C 384 -32.75 -27.68 46.12
CA GLU C 384 -33.66 -27.34 47.21
C GLU C 384 -32.79 -27.03 48.44
N LYS C 385 -33.19 -26.03 49.23
CA LYS C 385 -32.41 -25.59 50.42
C LYS C 385 -31.79 -26.67 51.31
N ASP C 386 -32.51 -27.74 51.63
CA ASP C 386 -31.96 -28.81 52.49
C ASP C 386 -30.83 -29.58 51.81
N LEU C 387 -30.96 -29.88 50.51
CA LEU C 387 -29.90 -30.58 49.77
C LEU C 387 -28.69 -29.67 49.68
N LEU C 388 -28.95 -28.40 49.44
CA LEU C 388 -27.95 -27.38 49.30
C LEU C 388 -27.14 -27.27 50.59
N SER C 389 -27.83 -27.31 51.72
CA SER C 389 -27.22 -27.27 53.05
C SER C 389 -26.30 -28.49 53.21
N ARG C 390 -26.78 -29.65 52.78
CA ARG C 390 -26.01 -30.88 52.85
C ARG C 390 -24.81 -30.82 51.89
N ALA C 391 -25.03 -30.30 50.68
CA ALA C 391 -23.97 -30.17 49.69
C ALA C 391 -22.83 -29.30 50.19
N ILE C 392 -23.15 -28.27 50.98
CA ILE C 392 -22.13 -27.39 51.55
C ILE C 392 -21.39 -28.11 52.69
N ASP C 393 -22.10 -28.92 53.48
CA ASP C 393 -21.48 -29.67 54.57
C ASP C 393 -20.43 -30.63 53.99
N VAL C 394 -20.76 -31.30 52.90
CA VAL C 394 -19.83 -32.23 52.24
C VAL C 394 -18.63 -31.47 51.67
N LEU C 395 -18.88 -30.30 51.11
CA LEU C 395 -17.84 -29.45 50.54
C LEU C 395 -16.83 -28.97 51.59
N MSE C 396 -17.34 -28.54 52.73
CA MSE C 396 -16.47 -28.05 53.81
C MSE C 396 -15.71 -29.16 54.52
O MSE C 396 -14.59 -28.93 54.99
CB MSE C 396 -17.28 -27.23 54.83
CG MSE C 396 -17.92 -25.96 54.29
SE MSE C 396 -16.59 -24.62 53.72
CE MSE C 396 -17.70 -23.38 53.14
N GLU C 397 -16.31 -30.33 54.62
CA GLU C 397 -15.64 -31.46 55.26
C GLU C 397 -14.48 -31.87 54.34
N GLY C 398 -14.70 -31.78 53.04
CA GLY C 398 -13.67 -32.11 52.06
C GLY C 398 -12.57 -31.06 52.07
N LEU C 399 -12.96 -29.80 52.25
CA LEU C 399 -12.02 -28.69 52.31
C LEU C 399 -11.12 -28.84 53.53
N LYS C 400 -11.68 -29.31 54.64
CA LYS C 400 -10.91 -29.51 55.86
C LYS C 400 -9.88 -30.63 55.73
N MSE C 401 -10.24 -31.72 55.05
CA MSE C 401 -9.28 -32.82 54.90
C MSE C 401 -8.19 -32.48 53.87
O MSE C 401 -7.04 -32.88 54.05
CB MSE C 401 -9.94 -34.16 54.57
CG MSE C 401 -8.90 -35.27 54.69
SE MSE C 401 -9.50 -37.07 54.50
CE MSE C 401 -7.80 -38.02 54.89
N PHE C 402 -8.57 -31.76 52.82
CA PHE C 402 -7.64 -31.36 51.77
C PHE C 402 -6.41 -30.67 52.39
N CYS C 403 -6.70 -29.88 53.43
CA CYS C 403 -5.70 -29.14 54.18
C CYS C 403 -4.96 -30.04 55.18
N SER C 404 -3.84 -30.59 54.74
CA SER C 404 -3.02 -31.48 55.57
C SER C 404 -1.54 -31.34 55.20
N MSE D 13 -22.54 10.30 16.00
CA MSE D 13 -23.14 9.31 15.06
C MSE D 13 -22.89 7.90 15.57
O MSE D 13 -21.89 7.67 16.26
CB MSE D 13 -22.54 9.46 13.66
N ASP D 14 -23.79 6.98 15.25
CA ASP D 14 -23.66 5.59 15.66
C ASP D 14 -22.72 4.87 14.70
N VAL D 15 -21.55 4.47 15.20
CA VAL D 15 -20.59 3.75 14.37
C VAL D 15 -20.90 2.25 14.41
N PHE D 16 -21.42 1.73 13.30
CA PHE D 16 -21.73 0.32 13.19
C PHE D 16 -20.64 -0.36 12.37
N SER D 17 -20.62 -1.68 12.39
CA SER D 17 -19.61 -2.45 11.69
C SER D 17 -19.79 -2.41 10.16
N ASP D 18 -18.67 -2.45 9.42
CA ASP D 18 -18.68 -2.44 7.94
C ASP D 18 -19.53 -3.62 7.47
N ARG D 19 -19.32 -4.74 8.15
CA ARG D 19 -20.02 -5.99 7.97
C ARG D 19 -21.52 -5.78 7.69
N VAL D 20 -22.14 -4.93 8.50
CA VAL D 20 -23.58 -4.66 8.37
C VAL D 20 -23.93 -3.38 7.57
N LEU D 21 -22.99 -2.44 7.46
CA LEU D 21 -23.22 -1.21 6.69
C LEU D 21 -23.18 -1.47 5.19
N LEU D 22 -22.28 -2.36 4.77
CA LEU D 22 -22.13 -2.72 3.35
C LEU D 22 -23.26 -3.65 2.85
N THR D 23 -23.94 -4.30 3.77
CA THR D 23 -25.03 -5.21 3.45
C THR D 23 -26.32 -4.49 3.06
N GLU D 24 -26.68 -4.53 1.79
CA GLU D 24 -27.93 -3.93 1.30
C GLU D 24 -29.00 -4.95 1.64
N GLU D 25 -30.26 -4.55 1.75
CA GLU D 25 -31.29 -5.54 2.09
C GLU D 25 -31.68 -6.37 0.87
N SER D 26 -32.01 -7.65 1.13
CA SER D 26 -32.39 -8.62 0.11
C SER D 26 -33.44 -8.11 -0.89
N PRO D 27 -33.21 -8.35 -2.21
CA PRO D 27 -34.18 -7.94 -3.25
C PRO D 27 -35.57 -8.54 -3.01
N ILE D 28 -35.62 -9.70 -2.36
CA ILE D 28 -36.87 -10.36 -2.02
C ILE D 28 -37.55 -9.56 -0.92
N ARG D 29 -36.81 -9.25 0.15
CA ARG D 29 -37.32 -8.46 1.28
C ARG D 29 -37.76 -7.05 0.86
N LYS D 30 -37.10 -6.48 -0.15
CA LYS D 30 -37.45 -5.15 -0.65
C LYS D 30 -38.83 -5.11 -1.34
N LEU D 31 -39.38 -6.29 -1.65
CA LEU D 31 -40.70 -6.39 -2.29
C LEU D 31 -41.85 -6.51 -1.28
N VAL D 32 -41.52 -6.80 -0.01
CA VAL D 32 -42.52 -6.96 1.07
C VAL D 32 -43.38 -5.71 1.28
N PRO D 33 -42.76 -4.51 1.31
CA PRO D 33 -43.59 -3.30 1.48
C PRO D 33 -44.61 -3.13 0.34
N PHE D 34 -44.22 -3.47 -0.88
CA PHE D 34 -45.10 -3.36 -2.04
C PHE D 34 -46.20 -4.45 -1.99
N ALA D 35 -45.84 -5.61 -1.43
CA ALA D 35 -46.77 -6.73 -1.28
C ALA D 35 -47.84 -6.42 -0.23
N GLU D 36 -47.39 -5.87 0.91
CA GLU D 36 -48.29 -5.51 2.01
C GLU D 36 -49.31 -4.47 1.52
N MSE D 37 -48.85 -3.50 0.73
CA MSE D 37 -49.74 -2.46 0.18
C MSE D 37 -50.76 -3.03 -0.81
O MSE D 37 -51.84 -2.47 -0.98
CB MSE D 37 -48.93 -1.33 -0.47
N ALA D 38 -50.40 -4.14 -1.47
CA ALA D 38 -51.27 -4.81 -2.43
C ALA D 38 -52.40 -5.56 -1.70
N LYS D 39 -52.08 -6.18 -0.57
CA LYS D 39 -53.07 -6.90 0.23
C LYS D 39 -54.11 -5.92 0.77
N LYS D 40 -53.68 -4.69 1.07
CA LYS D 40 -54.56 -3.65 1.56
C LYS D 40 -55.59 -3.27 0.49
N ARG D 41 -55.19 -3.35 -0.78
CA ARG D 41 -56.05 -3.05 -1.92
C ARG D 41 -57.05 -4.21 -2.24
N GLY D 42 -56.92 -5.32 -1.52
CA GLY D 42 -57.79 -6.48 -1.72
C GLY D 42 -57.31 -7.39 -2.84
N VAL D 43 -56.03 -7.77 -2.78
CA VAL D 43 -55.43 -8.63 -3.79
C VAL D 43 -54.88 -9.91 -3.15
N ARG D 44 -55.30 -11.06 -3.67
CA ARG D 44 -54.85 -12.35 -3.18
C ARG D 44 -53.51 -12.63 -3.87
N ILE D 45 -52.44 -12.67 -3.08
CA ILE D 45 -51.09 -12.88 -3.62
C ILE D 45 -50.64 -14.33 -3.53
N HIS D 46 -50.13 -14.88 -4.64
CA HIS D 46 -49.60 -16.26 -4.66
C HIS D 46 -48.10 -16.18 -4.41
N HIS D 47 -47.68 -16.57 -3.21
CA HIS D 47 -46.28 -16.53 -2.80
C HIS D 47 -45.42 -17.66 -3.33
N LEU D 48 -44.65 -17.39 -4.39
CA LEU D 48 -43.74 -18.38 -4.96
C LEU D 48 -42.30 -17.87 -4.79
N ASN D 49 -42.13 -16.92 -3.88
CA ASN D 49 -40.83 -16.29 -3.63
C ASN D 49 -40.07 -16.81 -2.42
N ILE D 50 -40.72 -17.57 -1.55
CA ILE D 50 -40.06 -18.09 -0.33
C ILE D 50 -40.06 -19.61 -0.31
N GLY D 51 -38.99 -20.19 0.22
CA GLY D 51 -38.87 -21.64 0.31
C GLY D 51 -39.53 -22.27 1.53
N GLN D 52 -40.67 -21.73 1.95
CA GLN D 52 -41.40 -22.24 3.10
C GLN D 52 -42.37 -23.33 2.62
N PRO D 53 -42.12 -24.60 2.99
CA PRO D 53 -43.05 -25.65 2.57
C PRO D 53 -44.44 -25.46 3.18
N ASP D 54 -45.48 -25.83 2.43
CA ASP D 54 -46.87 -25.72 2.90
C ASP D 54 -47.41 -27.05 3.43
N LEU D 55 -46.60 -28.11 3.35
CA LEU D 55 -47.02 -29.43 3.81
C LEU D 55 -47.17 -29.51 5.33
N LYS D 56 -48.15 -30.29 5.77
CA LYS D 56 -48.43 -30.48 7.18
C LYS D 56 -47.24 -31.17 7.85
N THR D 57 -46.83 -30.67 9.01
CA THR D 57 -45.73 -31.28 9.75
C THR D 57 -46.26 -32.61 10.24
N PRO D 58 -45.52 -33.70 10.02
CA PRO D 58 -46.00 -35.01 10.48
C PRO D 58 -46.40 -35.01 11.97
N GLU D 59 -47.52 -35.65 12.30
CA GLU D 59 -48.03 -35.70 13.67
C GLU D 59 -47.07 -36.31 14.69
N VAL D 60 -46.18 -37.21 14.25
CA VAL D 60 -45.20 -37.85 15.12
C VAL D 60 -44.35 -36.81 15.88
N PHE D 61 -44.07 -35.69 15.23
CA PHE D 61 -43.30 -34.61 15.83
C PHE D 61 -43.96 -34.08 17.10
N PHE D 62 -45.28 -33.86 17.04
CA PHE D 62 -46.03 -33.36 18.20
C PHE D 62 -46.29 -34.45 19.24
N GLU D 63 -46.56 -35.66 18.76
CA GLU D 63 -46.83 -36.78 19.63
C GLU D 63 -45.63 -37.11 20.51
N ARG D 64 -44.43 -37.19 19.92
CA ARG D 64 -43.21 -37.49 20.67
C ARG D 64 -42.97 -36.46 21.77
N ILE D 65 -43.23 -35.19 21.46
CA ILE D 65 -43.08 -34.09 22.40
C ILE D 65 -44.05 -34.23 23.55
N TYR D 66 -45.30 -34.51 23.22
CA TYR D 66 -46.36 -34.69 24.21
C TYR D 66 -46.10 -35.90 25.12
N GLU D 67 -45.65 -37.01 24.54
CA GLU D 67 -45.37 -38.23 25.33
C GLU D 67 -44.10 -38.14 26.19
N ASN D 68 -43.14 -37.30 25.80
CA ASN D 68 -41.89 -37.10 26.57
C ASN D 68 -41.74 -35.67 27.07
N LYS D 69 -42.81 -35.15 27.67
CA LYS D 69 -42.83 -33.81 28.24
C LYS D 69 -41.93 -33.82 29.47
N PRO D 70 -40.83 -33.06 29.45
CA PRO D 70 -39.95 -33.03 30.62
C PRO D 70 -40.49 -32.08 31.67
N GLU D 71 -40.25 -32.37 32.93
CA GLU D 71 -40.71 -31.51 34.01
C GLU D 71 -39.94 -30.18 34.03
N VAL D 72 -38.69 -30.22 33.57
CA VAL D 72 -37.84 -29.05 33.48
C VAL D 72 -37.31 -28.95 32.04
N VAL D 73 -37.53 -27.81 31.39
CA VAL D 73 -37.05 -27.61 30.02
C VAL D 73 -35.59 -27.15 30.16
N TYR D 74 -34.71 -28.13 30.29
CA TYR D 74 -33.27 -27.93 30.50
C TYR D 74 -32.41 -27.79 29.25
N TYR D 75 -31.16 -27.36 29.45
CA TYR D 75 -30.21 -27.27 28.35
C TYR D 75 -29.76 -28.71 28.13
N SER D 76 -29.87 -29.21 26.90
CA SER D 76 -29.44 -30.57 26.61
C SER D 76 -27.93 -30.55 26.48
N HIS D 77 -27.35 -31.71 26.18
CA HIS D 77 -25.91 -31.79 25.99
C HIS D 77 -25.64 -30.85 24.81
N SER D 78 -24.51 -30.16 24.81
CA SER D 78 -24.18 -29.21 23.73
C SER D 78 -24.28 -29.79 22.33
N ALA D 79 -23.86 -31.03 22.14
CA ALA D 79 -23.91 -31.68 20.83
C ALA D 79 -25.32 -32.14 20.46
N GLY D 80 -26.25 -32.08 21.40
CA GLY D 80 -27.64 -32.48 21.19
C GLY D 80 -27.97 -33.69 22.04
N ILE D 81 -29.25 -33.98 22.18
CA ILE D 81 -29.68 -35.15 22.95
C ILE D 81 -29.11 -36.37 22.26
N TRP D 82 -28.55 -37.30 23.03
CA TRP D 82 -27.94 -38.51 22.47
C TRP D 82 -28.83 -39.26 21.49
N GLU D 83 -30.11 -39.40 21.82
CA GLU D 83 -31.07 -40.10 20.97
C GLU D 83 -31.25 -39.43 19.59
N LEU D 84 -31.17 -38.10 19.54
CA LEU D 84 -31.31 -37.39 18.27
C LEU D 84 -30.05 -37.59 17.45
N ARG D 85 -28.90 -37.66 18.12
CA ARG D 85 -27.62 -37.89 17.44
C ARG D 85 -27.68 -39.28 16.80
N GLU D 86 -28.28 -40.24 17.51
CA GLU D 86 -28.47 -41.60 17.00
C GLU D 86 -29.50 -41.58 15.87
N ALA D 87 -30.56 -40.77 16.02
CA ALA D 87 -31.60 -40.65 15.01
C ALA D 87 -31.01 -40.17 13.69
N PHE D 88 -30.15 -39.15 13.72
CA PHE D 88 -29.51 -38.67 12.50
C PHE D 88 -28.59 -39.75 11.93
N ALA D 89 -27.83 -40.42 12.79
CA ALA D 89 -26.92 -41.47 12.35
C ALA D 89 -27.69 -42.59 11.63
N SER D 90 -28.77 -43.05 12.24
CA SER D 90 -29.59 -44.11 11.64
C SER D 90 -30.24 -43.67 10.34
N TYR D 91 -30.65 -42.40 10.26
CA TYR D 91 -31.24 -41.89 9.04
C TYR D 91 -30.25 -42.08 7.88
N TYR D 92 -29.03 -41.58 8.07
CA TYR D 92 -28.00 -41.71 7.04
C TYR D 92 -27.69 -43.12 6.60
N LYS D 93 -27.73 -44.07 7.53
CA LYS D 93 -27.47 -45.46 7.20
C LYS D 93 -28.64 -46.05 6.44
N ARG D 94 -29.85 -45.86 6.97
CA ARG D 94 -31.06 -46.39 6.35
C ARG D 94 -31.41 -45.72 5.03
N ARG D 95 -31.46 -44.39 5.03
CA ARG D 95 -31.82 -43.63 3.83
C ARG D 95 -30.73 -43.23 2.87
N GLN D 96 -29.59 -42.77 3.37
CA GLN D 96 -28.50 -42.33 2.51
C GLN D 96 -27.44 -43.40 2.27
N ARG D 97 -27.60 -44.58 2.88
CA ARG D 97 -26.65 -45.71 2.73
C ARG D 97 -25.23 -45.29 3.12
N VAL D 98 -25.12 -44.49 4.19
CA VAL D 98 -23.85 -43.99 4.69
C VAL D 98 -23.64 -44.42 6.12
N ASP D 99 -22.44 -44.92 6.43
CA ASP D 99 -22.12 -45.36 7.78
C ASP D 99 -21.59 -44.21 8.63
N VAL D 100 -22.47 -43.64 9.47
CA VAL D 100 -22.08 -42.57 10.38
C VAL D 100 -22.39 -43.03 11.79
N LYS D 101 -21.56 -42.60 12.72
CA LYS D 101 -21.77 -42.93 14.12
C LYS D 101 -22.29 -41.67 14.83
N PRO D 102 -22.99 -41.85 15.97
CA PRO D 102 -23.53 -40.68 16.67
C PRO D 102 -22.45 -39.64 17.03
N GLU D 103 -21.24 -40.11 17.29
CA GLU D 103 -20.12 -39.23 17.63
C GLU D 103 -19.75 -38.29 16.47
N ASN D 104 -20.13 -38.63 15.25
CA ASN D 104 -19.86 -37.80 14.08
C ASN D 104 -20.91 -36.72 13.85
N VAL D 105 -21.99 -36.75 14.61
CA VAL D 105 -23.09 -35.80 14.50
C VAL D 105 -23.08 -34.76 15.59
N LEU D 106 -23.27 -33.50 15.20
CA LEU D 106 -23.32 -32.39 16.13
C LEU D 106 -24.64 -31.67 15.84
N VAL D 107 -25.59 -31.76 16.77
CA VAL D 107 -26.90 -31.12 16.59
C VAL D 107 -26.76 -29.62 16.78
N THR D 108 -27.38 -28.86 15.88
CA THR D 108 -27.32 -27.40 15.89
C THR D 108 -28.69 -26.76 15.70
N ASN D 109 -28.74 -25.44 15.86
CA ASN D 109 -29.99 -24.68 15.66
C ASN D 109 -30.22 -24.54 14.16
N GLY D 110 -30.71 -25.61 13.55
CA GLY D 110 -30.94 -25.65 12.11
C GLY D 110 -29.61 -25.75 11.38
N GLY D 111 -29.69 -25.90 10.05
CA GLY D 111 -28.52 -25.96 9.21
C GLY D 111 -27.80 -24.64 9.26
N SER D 112 -28.54 -23.54 9.43
CA SER D 112 -27.99 -22.19 9.53
C SER D 112 -26.80 -22.09 10.47
N GLU D 113 -26.95 -22.59 11.69
CA GLU D 113 -25.89 -22.54 12.68
C GLU D 113 -24.75 -23.50 12.36
N ALA D 114 -25.08 -24.67 11.81
CA ALA D 114 -24.06 -25.66 11.42
C ALA D 114 -23.11 -25.05 10.39
N ILE D 115 -23.65 -24.20 9.52
CA ILE D 115 -22.87 -23.51 8.49
C ILE D 115 -21.98 -22.47 9.14
N LEU D 116 -22.55 -21.70 10.06
CA LEU D 116 -21.79 -20.68 10.79
C LEU D 116 -20.61 -21.30 11.54
N PHE D 117 -20.85 -22.42 12.24
CA PHE D 117 -19.77 -23.07 12.97
C PHE D 117 -18.70 -23.59 12.03
N SER D 118 -19.12 -24.23 10.94
CA SER D 118 -18.19 -24.76 9.95
C SER D 118 -17.24 -23.66 9.47
N PHE D 119 -17.82 -22.52 9.12
CA PHE D 119 -17.07 -21.35 8.66
C PHE D 119 -16.09 -20.84 9.70
N ALA D 120 -16.54 -20.70 10.95
CA ALA D 120 -15.69 -20.22 12.05
C ALA D 120 -14.57 -21.18 12.43
N VAL D 121 -14.84 -22.48 12.35
CA VAL D 121 -13.84 -23.51 12.69
C VAL D 121 -12.73 -23.64 11.64
N ILE D 122 -13.06 -23.52 10.35
CA ILE D 122 -12.04 -23.69 9.30
C ILE D 122 -11.33 -22.42 8.82
N ALA D 123 -11.99 -21.27 8.92
CA ALA D 123 -11.42 -20.01 8.45
C ALA D 123 -11.30 -18.94 9.52
N ASN D 124 -10.28 -18.09 9.36
CA ASN D 124 -10.01 -16.96 10.25
C ASN D 124 -10.71 -15.75 9.65
N PRO D 125 -10.88 -14.69 10.45
CA PRO D 125 -11.48 -13.51 9.84
C PRO D 125 -10.53 -13.00 8.75
N GLY D 126 -11.06 -12.76 7.56
CA GLY D 126 -10.24 -12.30 6.43
C GLY D 126 -9.92 -13.42 5.45
N ASP D 127 -10.07 -14.67 5.86
CA ASP D 127 -9.81 -15.82 4.98
C ASP D 127 -10.92 -15.95 3.95
N GLU D 128 -10.72 -16.85 2.98
CA GLU D 128 -11.68 -17.04 1.91
C GLU D 128 -12.29 -18.44 1.81
N ILE D 129 -13.55 -18.48 1.40
CA ILE D 129 -14.28 -19.71 1.19
C ILE D 129 -14.93 -19.62 -0.18
N LEU D 130 -14.65 -20.59 -1.04
CA LEU D 130 -15.23 -20.60 -2.38
C LEU D 130 -16.68 -21.02 -2.34
N VAL D 131 -17.49 -20.40 -3.19
CA VAL D 131 -18.90 -20.74 -3.27
C VAL D 131 -19.31 -20.79 -4.74
N LEU D 132 -20.14 -21.76 -5.08
CA LEU D 132 -20.63 -21.93 -6.45
C LEU D 132 -21.84 -21.03 -6.65
N GLU D 133 -21.67 -20.03 -7.49
CA GLU D 133 -22.68 -19.03 -7.79
C GLU D 133 -23.56 -19.45 -8.97
N PRO D 134 -24.89 -19.22 -8.91
CA PRO D 134 -25.66 -18.59 -7.85
C PRO D 134 -25.79 -19.52 -6.65
N PHE D 135 -25.93 -18.96 -5.46
CA PHE D 135 -26.02 -19.76 -4.26
C PHE D 135 -27.02 -19.23 -3.26
N TYR D 136 -27.33 -20.07 -2.28
CA TYR D 136 -28.24 -19.73 -1.18
C TYR D 136 -27.68 -18.51 -0.44
N ALA D 137 -28.24 -17.34 -0.77
CA ALA D 137 -27.86 -16.04 -0.23
C ALA D 137 -27.49 -15.98 1.24
N ASN D 138 -28.21 -16.72 2.07
CA ASN D 138 -27.95 -16.72 3.51
C ASN D 138 -26.52 -17.13 3.92
N TYR D 139 -25.79 -17.86 3.07
CA TYR D 139 -24.42 -18.23 3.42
C TYR D 139 -23.59 -16.98 3.61
N ASN D 140 -23.89 -15.95 2.83
CA ASN D 140 -23.16 -14.70 2.91
C ASN D 140 -23.37 -14.06 4.29
N ALA D 141 -24.55 -14.25 4.87
CA ALA D 141 -24.85 -13.71 6.19
C ALA D 141 -23.98 -14.38 7.26
N PHE D 142 -23.84 -15.70 7.18
CA PHE D 142 -23.03 -16.42 8.15
C PHE D 142 -21.55 -16.12 7.95
N ALA D 143 -21.15 -15.91 6.70
CA ALA D 143 -19.76 -15.56 6.39
C ALA D 143 -19.44 -14.19 6.97
N LYS D 144 -20.35 -13.22 6.82
CA LYS D 144 -20.13 -11.88 7.38
C LYS D 144 -20.04 -11.89 8.91
N ILE D 145 -20.86 -12.71 9.56
CA ILE D 145 -20.83 -12.84 11.01
C ILE D 145 -19.50 -13.43 11.47
N ALA D 146 -19.00 -14.42 10.74
CA ALA D 146 -17.72 -15.03 11.08
C ALA D 146 -16.52 -14.24 10.57
N GLY D 147 -16.74 -13.19 9.79
CA GLY D 147 -15.64 -12.36 9.26
C GLY D 147 -14.90 -13.00 8.11
N VAL D 148 -15.52 -13.99 7.49
CA VAL D 148 -14.94 -14.72 6.37
C VAL D 148 -15.43 -14.14 5.06
N LYS D 149 -14.53 -14.06 4.07
CA LYS D 149 -14.85 -13.54 2.75
C LYS D 149 -15.34 -14.70 1.89
N LEU D 150 -16.45 -14.50 1.21
CA LEU D 150 -17.02 -15.53 0.38
C LEU D 150 -16.63 -15.20 -1.06
N ILE D 151 -15.96 -16.14 -1.74
CA ILE D 151 -15.48 -15.94 -3.12
C ILE D 151 -16.34 -16.69 -4.13
N PRO D 152 -16.97 -15.96 -5.07
CA PRO D 152 -17.83 -16.63 -6.04
C PRO D 152 -17.12 -17.31 -7.22
N VAL D 153 -17.65 -18.47 -7.60
CA VAL D 153 -17.17 -19.26 -8.73
C VAL D 153 -18.43 -19.42 -9.58
N THR D 154 -18.54 -18.54 -10.57
CA THR D 154 -19.70 -18.47 -11.46
C THR D 154 -20.00 -19.72 -12.30
N ARG D 155 -21.29 -20.06 -12.34
CA ARG D 155 -21.80 -21.18 -13.12
C ARG D 155 -22.83 -20.57 -14.06
N ARG D 156 -22.95 -21.15 -15.25
CA ARG D 156 -23.87 -20.66 -16.28
C ARG D 156 -25.05 -21.59 -16.49
N MSE D 157 -26.21 -21.01 -16.76
CA MSE D 157 -27.42 -21.79 -17.03
C MSE D 157 -27.24 -22.57 -18.34
O MSE D 157 -27.69 -23.71 -18.46
CB MSE D 157 -28.64 -20.86 -17.09
CG MSE D 157 -29.97 -21.56 -17.22
SE MSE D 157 -31.54 -20.35 -16.98
CE MSE D 157 -31.26 -19.71 -15.22
N GLU D 158 -26.56 -21.94 -19.30
CA GLU D 158 -26.28 -22.55 -20.61
C GLU D 158 -25.36 -23.78 -20.51
N GLU D 159 -24.61 -23.89 -19.42
CA GLU D 159 -23.72 -25.03 -19.18
C GLU D 159 -24.40 -26.01 -18.22
N GLY D 160 -25.69 -25.78 -17.92
CA GLY D 160 -26.45 -26.61 -17.00
C GLY D 160 -25.98 -26.40 -15.57
N PHE D 161 -25.46 -25.21 -15.28
CA PHE D 161 -24.92 -24.86 -13.96
C PHE D 161 -23.91 -25.90 -13.46
N ALA D 162 -23.02 -26.32 -14.35
CA ALA D 162 -22.01 -27.30 -14.01
C ALA D 162 -20.87 -26.65 -13.27
N ILE D 163 -20.03 -27.48 -12.65
CA ILE D 163 -18.87 -27.00 -11.92
C ILE D 163 -17.89 -26.54 -12.99
N PRO D 164 -17.51 -25.25 -12.98
CA PRO D 164 -16.58 -24.79 -14.02
C PRO D 164 -15.18 -25.38 -13.93
N GLN D 165 -14.52 -25.47 -15.09
CA GLN D 165 -13.18 -26.02 -15.18
C GLN D 165 -12.09 -25.13 -14.57
N ASN D 166 -12.38 -23.84 -14.38
CA ASN D 166 -11.42 -22.90 -13.79
C ASN D 166 -11.53 -22.79 -12.28
N LEU D 167 -12.11 -23.80 -11.63
CA LEU D 167 -12.31 -23.79 -10.17
C LEU D 167 -11.02 -23.63 -9.35
N GLU D 168 -9.98 -24.36 -9.76
CA GLU D 168 -8.69 -24.35 -9.09
C GLU D 168 -7.98 -22.98 -9.17
N SER D 169 -8.28 -22.19 -10.20
CA SER D 169 -7.67 -20.85 -10.38
C SER D 169 -8.03 -19.84 -9.28
N PHE D 170 -9.18 -20.04 -8.64
CA PHE D 170 -9.65 -19.15 -7.57
C PHE D 170 -8.99 -19.43 -6.21
N ILE D 171 -8.27 -20.55 -6.11
CA ILE D 171 -7.60 -20.93 -4.86
C ILE D 171 -6.32 -20.14 -4.64
N ASN D 172 -6.11 -19.70 -3.39
CA ASN D 172 -4.92 -18.95 -3.02
C ASN D 172 -4.55 -19.28 -1.56
N GLU D 173 -3.54 -18.59 -1.03
CA GLU D 173 -3.08 -18.80 0.35
C GLU D 173 -4.16 -18.59 1.41
N ARG D 174 -5.12 -17.71 1.12
CA ARG D 174 -6.22 -17.39 2.04
C ARG D 174 -7.42 -18.33 1.95
N THR D 175 -7.47 -19.14 0.89
CA THR D 175 -8.60 -20.06 0.69
C THR D 175 -8.56 -21.19 1.70
N LYS D 176 -9.65 -21.37 2.43
CA LYS D 176 -9.75 -22.42 3.45
C LYS D 176 -10.85 -23.47 3.23
N GLY D 177 -11.74 -23.24 2.27
CA GLY D 177 -12.79 -24.20 2.01
C GLY D 177 -13.64 -23.90 0.81
N ILE D 178 -14.57 -24.82 0.55
CA ILE D 178 -15.53 -24.71 -0.54
C ILE D 178 -16.89 -25.06 0.03
N VAL D 179 -17.91 -24.32 -0.33
CA VAL D 179 -19.25 -24.60 0.17
C VAL D 179 -20.27 -24.58 -0.96
N LEU D 180 -21.23 -25.49 -0.89
CA LEU D 180 -22.29 -25.59 -1.87
C LEU D 180 -23.43 -26.41 -1.30
N SER D 181 -24.55 -26.41 -2.02
CA SER D 181 -25.72 -27.18 -1.63
C SER D 181 -25.95 -28.26 -2.68
N ASN D 182 -26.37 -29.44 -2.25
CA ASN D 182 -26.63 -30.56 -3.15
C ASN D 182 -27.74 -31.43 -2.57
N PRO D 183 -28.96 -31.40 -3.15
CA PRO D 183 -29.43 -30.62 -4.29
C PRO D 183 -29.27 -29.13 -4.05
N CYS D 184 -29.02 -28.38 -5.12
CA CYS D 184 -28.78 -26.95 -5.02
C CYS D 184 -29.99 -26.01 -5.01
N ASN D 185 -29.87 -24.96 -4.19
CA ASN D 185 -30.84 -23.89 -4.06
C ASN D 185 -30.02 -22.73 -4.59
N PRO D 186 -30.50 -21.98 -5.62
CA PRO D 186 -31.75 -22.03 -6.37
C PRO D 186 -31.76 -22.76 -7.72
N THR D 187 -30.62 -23.29 -8.17
CA THR D 187 -30.54 -23.95 -9.49
C THR D 187 -31.25 -25.29 -9.59
N GLY D 188 -31.30 -26.04 -8.49
CA GLY D 188 -31.94 -27.36 -8.48
C GLY D 188 -31.06 -28.44 -9.09
N VAL D 189 -29.77 -28.17 -9.22
CA VAL D 189 -28.83 -29.12 -9.78
C VAL D 189 -28.53 -30.17 -8.74
N VAL D 190 -28.23 -31.38 -9.19
CA VAL D 190 -27.89 -32.48 -8.31
C VAL D 190 -26.60 -33.09 -8.81
N TYR D 191 -25.52 -32.88 -8.08
CA TYR D 191 -24.23 -33.44 -8.47
C TYR D 191 -24.14 -34.90 -8.06
N GLY D 192 -23.84 -35.76 -9.03
CA GLY D 192 -23.75 -37.19 -8.80
C GLY D 192 -22.45 -37.59 -8.12
N LYS D 193 -22.29 -38.90 -7.90
CA LYS D 193 -21.09 -39.45 -7.26
C LYS D 193 -19.79 -38.97 -7.89
N ASP D 194 -19.70 -39.09 -9.20
CA ASP D 194 -18.51 -38.69 -9.96
C ASP D 194 -18.12 -37.23 -9.76
N GLU D 195 -19.11 -36.35 -9.87
CA GLU D 195 -18.91 -34.92 -9.71
C GLU D 195 -18.50 -34.54 -8.28
N MSE D 196 -19.05 -35.25 -7.31
CA MSE D 196 -18.76 -35.00 -5.91
C MSE D 196 -17.35 -35.50 -5.57
O MSE D 196 -16.62 -34.82 -4.85
CB MSE D 196 -19.86 -35.69 -5.08
CG MSE D 196 -20.02 -35.26 -3.66
SE MSE D 196 -20.24 -33.33 -3.46
CE MSE D 196 -21.66 -33.01 -4.68
N ARG D 197 -16.96 -36.64 -6.12
CA ARG D 197 -15.63 -37.19 -5.88
C ARG D 197 -14.58 -36.21 -6.41
N TYR D 198 -14.82 -35.68 -7.60
CA TYR D 198 -13.94 -34.70 -8.22
C TYR D 198 -13.76 -33.49 -7.31
N LEU D 199 -14.87 -33.04 -6.74
CA LEU D 199 -14.89 -31.89 -5.86
C LEU D 199 -14.17 -32.20 -4.53
N VAL D 200 -14.28 -33.44 -4.06
CA VAL D 200 -13.59 -33.88 -2.84
C VAL D 200 -12.09 -33.98 -3.11
N GLU D 201 -11.72 -34.48 -4.30
CA GLU D 201 -10.33 -34.61 -4.68
C GLU D 201 -9.63 -33.26 -4.70
N ILE D 202 -10.32 -32.22 -5.17
CA ILE D 202 -9.74 -30.86 -5.20
C ILE D 202 -9.53 -30.35 -3.78
N ALA D 203 -10.50 -30.61 -2.92
CA ALA D 203 -10.42 -30.20 -1.53
C ALA D 203 -9.19 -30.79 -0.86
N GLU D 204 -9.01 -32.09 -1.02
CA GLU D 204 -7.87 -32.83 -0.44
C GLU D 204 -6.51 -32.39 -1.01
N ARG D 205 -6.42 -32.19 -2.33
CA ARG D 205 -5.18 -31.76 -2.98
C ARG D 205 -4.69 -30.41 -2.49
N HIS D 206 -5.63 -29.50 -2.19
CA HIS D 206 -5.30 -28.15 -1.71
C HIS D 206 -5.54 -27.93 -0.21
N GLY D 207 -5.80 -29.01 0.52
CA GLY D 207 -6.03 -28.94 1.98
C GLY D 207 -7.19 -28.06 2.40
N LEU D 208 -8.28 -28.14 1.65
CA LEU D 208 -9.48 -27.36 1.91
C LEU D 208 -10.60 -28.26 2.40
N PHE D 209 -11.52 -27.70 3.18
CA PHE D 209 -12.67 -28.45 3.66
C PHE D 209 -13.84 -28.24 2.71
N LEU D 210 -14.56 -29.32 2.43
CA LEU D 210 -15.70 -29.27 1.54
C LEU D 210 -16.98 -29.33 2.36
N ILE D 211 -17.71 -28.21 2.39
CA ILE D 211 -18.95 -28.10 3.12
C ILE D 211 -20.11 -28.32 2.15
N VAL D 212 -20.81 -29.44 2.29
CA VAL D 212 -21.92 -29.77 1.41
C VAL D 212 -23.24 -29.70 2.16
N ASP D 213 -24.08 -28.74 1.77
CA ASP D 213 -25.38 -28.54 2.37
C ASP D 213 -26.40 -29.47 1.71
N GLU D 214 -26.77 -30.55 2.42
CA GLU D 214 -27.71 -31.55 1.88
C GLU D 214 -29.11 -31.49 2.49
N VAL D 215 -29.59 -30.29 2.77
CA VAL D 215 -30.92 -30.11 3.34
C VAL D 215 -32.04 -30.59 2.43
N TYR D 216 -31.82 -30.56 1.11
CA TYR D 216 -32.84 -31.02 0.15
C TYR D 216 -32.70 -32.49 -0.28
N SER D 217 -31.79 -33.25 0.33
CA SER D 217 -31.65 -34.67 -0.06
C SER D 217 -33.03 -35.26 0.26
N GLU D 218 -33.46 -36.23 -0.54
CA GLU D 218 -34.80 -36.89 -0.48
C GLU D 218 -35.69 -36.24 -1.51
N ILE D 219 -35.48 -34.95 -1.78
CA ILE D 219 -36.25 -34.23 -2.79
C ILE D 219 -35.35 -34.28 -4.03
N VAL D 220 -35.24 -35.48 -4.59
CA VAL D 220 -34.42 -35.75 -5.76
C VAL D 220 -35.32 -36.44 -6.78
N PHE D 221 -35.28 -35.98 -8.03
CA PHE D 221 -36.13 -36.53 -9.09
C PHE D 221 -35.33 -37.30 -10.14
N ARG D 222 -34.28 -36.67 -10.67
CA ARG D 222 -33.40 -37.29 -11.67
C ARG D 222 -32.16 -37.82 -11.05
N GLY D 223 -31.64 -38.91 -11.61
CA GLY D 223 -30.41 -39.53 -11.16
C GLY D 223 -30.46 -40.14 -9.77
N GLU D 224 -29.33 -40.72 -9.39
CA GLU D 224 -29.17 -41.36 -8.10
C GLU D 224 -28.35 -40.40 -7.22
N PHE D 225 -28.97 -39.89 -6.16
CA PHE D 225 -28.28 -38.97 -5.26
C PHE D 225 -27.29 -39.70 -4.38
N ALA D 226 -26.11 -39.11 -4.23
CA ALA D 226 -25.06 -39.68 -3.40
C ALA D 226 -24.61 -38.61 -2.41
N SER D 227 -24.71 -38.92 -1.12
CA SER D 227 -24.29 -37.98 -0.08
C SER D 227 -22.78 -37.81 -0.13
N ALA D 228 -22.27 -36.64 0.21
CA ALA D 228 -20.83 -36.39 0.21
C ALA D 228 -20.10 -37.33 1.17
N LEU D 229 -20.82 -37.80 2.20
CA LEU D 229 -20.28 -38.75 3.19
C LEU D 229 -20.05 -40.14 2.57
N SER D 230 -20.70 -40.40 1.44
CA SER D 230 -20.53 -41.67 0.73
C SER D 230 -19.06 -41.81 0.29
N ILE D 231 -18.40 -40.66 0.09
CA ILE D 231 -17.00 -40.61 -0.29
C ILE D 231 -16.26 -40.38 1.02
N GLU D 232 -15.71 -41.43 1.62
CA GLU D 232 -15.01 -41.29 2.91
C GLU D 232 -13.73 -40.45 2.82
N SER D 233 -13.87 -39.21 3.28
CA SER D 233 -12.81 -38.22 3.29
C SER D 233 -12.84 -37.47 4.62
N ASP D 234 -11.68 -37.05 5.07
CA ASP D 234 -11.51 -36.33 6.31
C ASP D 234 -11.79 -34.82 6.13
N LYS D 235 -12.03 -34.39 4.89
CA LYS D 235 -12.28 -32.99 4.57
C LYS D 235 -13.74 -32.66 4.24
N VAL D 236 -14.62 -33.65 4.31
CA VAL D 236 -16.03 -33.43 4.00
C VAL D 236 -16.86 -33.14 5.26
N VAL D 237 -17.69 -32.11 5.18
CA VAL D 237 -18.58 -31.72 6.24
C VAL D 237 -19.97 -31.61 5.63
N VAL D 238 -20.90 -32.43 6.10
CA VAL D 238 -22.26 -32.38 5.58
C VAL D 238 -23.18 -31.66 6.57
N ILE D 239 -24.06 -30.83 6.00
CA ILE D 239 -25.03 -30.06 6.77
C ILE D 239 -26.39 -30.58 6.38
N ASP D 240 -27.24 -30.84 7.37
CA ASP D 240 -28.56 -31.33 7.07
C ASP D 240 -29.52 -30.68 8.06
N SER D 241 -30.82 -30.83 7.79
CA SER D 241 -31.83 -30.22 8.63
C SER D 241 -33.15 -30.94 8.50
N VAL D 242 -34.01 -30.67 9.46
CA VAL D 242 -35.34 -31.24 9.53
C VAL D 242 -36.31 -30.25 8.83
N SER D 243 -35.82 -29.08 8.46
CA SER D 243 -36.62 -28.02 7.83
C SER D 243 -37.42 -28.32 6.58
N1 LLP D 244 -29.61 -24.37 3.20
C2 LLP D 244 -30.31 -24.10 2.03
C2' LLP D 244 -29.56 -24.14 0.73
C3 LLP D 244 -31.67 -23.80 2.07
O3 LLP D 244 -32.30 -23.56 1.04
C4 LLP D 244 -32.35 -23.77 3.29
C4' LLP D 244 -33.83 -23.43 3.35
C5 LLP D 244 -31.62 -24.03 4.46
C6 LLP D 244 -30.25 -24.34 4.42
C5' LLP D 244 -32.32 -24.01 5.77
OP4 LLP D 244 -31.57 -23.84 6.98
P LLP D 244 -32.22 -24.36 8.35
OP1 LLP D 244 -31.52 -23.47 9.30
OP2 LLP D 244 -31.81 -25.76 8.49
OP3 LLP D 244 -33.66 -24.18 8.17
N LLP D 244 -36.72 -28.54 5.46
CA LLP D 244 -37.37 -28.76 4.17
CB LLP D 244 -36.39 -28.43 3.04
CG LLP D 244 -35.68 -27.11 3.15
CD LLP D 244 -36.60 -25.90 3.33
CE LLP D 244 -35.87 -24.57 3.08
NZ LLP D 244 -34.56 -24.46 3.80
C LLP D 244 -37.87 -30.19 3.94
O LLP D 244 -38.88 -30.44 3.30
N LYS D 245 -37.10 -31.11 4.48
CA LYS D 245 -37.34 -32.53 4.38
C LYS D 245 -38.65 -32.97 5.06
N PHE D 246 -38.92 -32.44 6.25
CA PHE D 246 -40.12 -32.79 7.00
C PHE D 246 -41.09 -31.62 7.20
N SER D 247 -40.86 -30.50 6.53
CA SER D 247 -41.70 -29.30 6.68
C SER D 247 -41.77 -28.93 8.17
N ALA D 248 -40.58 -28.80 8.77
CA ALA D 248 -40.41 -28.45 10.18
C ALA D 248 -39.42 -27.32 10.28
N CYS D 249 -39.56 -26.34 9.41
CA CYS D 249 -38.72 -25.15 9.38
C CYS D 249 -38.61 -24.42 10.71
N GLY D 250 -39.72 -24.33 11.43
CA GLY D 250 -39.76 -23.65 12.72
C GLY D 250 -39.11 -24.40 13.85
N ALA D 251 -38.71 -25.65 13.60
CA ALA D 251 -38.06 -26.45 14.63
C ALA D 251 -36.64 -25.95 14.97
N ARG D 252 -35.92 -25.45 13.97
CA ARG D 252 -34.55 -24.94 14.14
C ARG D 252 -33.67 -26.07 14.68
N VAL D 253 -33.76 -27.23 14.05
CA VAL D 253 -32.96 -28.39 14.42
C VAL D 253 -32.28 -28.88 13.16
N GLY D 254 -30.96 -28.89 13.19
CA GLY D 254 -30.16 -29.36 12.07
C GLY D 254 -28.93 -30.03 12.62
N CYS D 255 -27.93 -30.26 11.78
CA CYS D 255 -26.72 -30.89 12.26
C CYS D 255 -25.56 -30.68 11.33
N LEU D 256 -24.39 -30.95 11.88
CA LEU D 256 -23.14 -30.87 11.19
C LEU D 256 -22.63 -32.29 11.34
N ILE D 257 -22.35 -32.95 10.22
CA ILE D 257 -21.85 -34.34 10.26
C ILE D 257 -20.50 -34.38 9.56
N THR D 258 -19.54 -35.07 10.15
CA THR D 258 -18.21 -35.20 9.60
C THR D 258 -17.44 -36.30 10.32
N ARG D 259 -16.48 -36.91 9.62
CA ARG D 259 -15.65 -37.97 10.20
C ARG D 259 -14.38 -37.40 10.81
N ASN D 260 -14.16 -36.11 10.61
CA ASN D 260 -13.00 -35.44 11.15
C ASN D 260 -13.29 -35.17 12.62
N GLU D 261 -12.70 -36.00 13.48
CA GLU D 261 -12.88 -35.90 14.92
C GLU D 261 -12.35 -34.58 15.50
N GLU D 262 -11.28 -34.05 14.90
CA GLU D 262 -10.70 -32.80 15.35
C GLU D 262 -11.64 -31.62 15.05
N LEU D 263 -12.20 -31.59 13.86
CA LEU D 263 -13.12 -30.53 13.44
C LEU D 263 -14.35 -30.49 14.34
N ILE D 264 -14.96 -31.66 14.57
CA ILE D 264 -16.14 -31.74 15.40
C ILE D 264 -15.79 -31.34 16.85
N SER D 265 -14.58 -31.67 17.29
CA SER D 265 -14.12 -31.31 18.63
C SER D 265 -13.98 -29.79 18.75
N HIS D 266 -13.52 -29.14 17.68
CA HIS D 266 -13.40 -27.68 17.66
C HIS D 266 -14.77 -27.03 17.58
N ALA D 267 -15.67 -27.63 16.79
CA ALA D 267 -17.04 -27.12 16.63
C ALA D 267 -17.80 -27.23 17.95
N MSE D 268 -17.42 -28.22 18.76
CA MSE D 268 -18.04 -28.47 20.06
C MSE D 268 -17.83 -27.29 21.00
O MSE D 268 -18.71 -26.99 21.81
CB MSE D 268 -17.42 -29.72 20.68
CG MSE D 268 -18.02 -30.14 22.01
SE MSE D 268 -19.84 -30.79 21.81
CE MSE D 268 -19.36 -32.43 20.75
N LYS D 269 -16.66 -26.66 20.93
CA LYS D 269 -16.38 -25.50 21.78
C LYS D 269 -17.34 -24.37 21.47
N LEU D 270 -17.70 -24.19 20.20
CA LEU D 270 -18.64 -23.14 19.81
C LEU D 270 -20.06 -23.52 20.24
N ALA D 271 -20.39 -24.81 20.16
CA ALA D 271 -21.69 -25.31 20.57
C ALA D 271 -21.89 -25.12 22.06
N GLN D 272 -20.79 -25.24 22.84
CA GLN D 272 -20.84 -25.07 24.29
C GLN D 272 -21.08 -23.62 24.70
N GLY D 273 -20.55 -22.66 23.95
CA GLY D 273 -20.77 -21.23 24.26
C GLY D 273 -22.24 -20.88 24.12
N ARG D 274 -22.85 -21.47 23.11
CA ARG D 274 -24.25 -21.34 22.77
C ARG D 274 -25.13 -22.18 23.74
N LEU D 275 -24.51 -23.14 24.43
CA LEU D 275 -25.13 -24.02 25.43
C LEU D 275 -25.84 -25.24 24.85
N ALA D 276 -26.91 -25.04 24.09
CA ALA D 276 -27.63 -26.17 23.52
C ALA D 276 -28.68 -25.78 22.48
N PRO D 277 -29.13 -26.75 21.65
CA PRO D 277 -30.19 -26.44 20.68
C PRO D 277 -31.53 -26.53 21.42
N PRO D 278 -32.67 -26.22 20.75
CA PRO D 278 -33.98 -26.28 21.46
C PRO D 278 -34.37 -27.69 21.90
N LEU D 279 -34.72 -27.85 23.17
CA LEU D 279 -35.05 -29.16 23.72
C LEU D 279 -36.27 -29.87 23.11
N LEU D 280 -37.43 -29.24 23.18
CA LEU D 280 -38.66 -29.86 22.64
C LEU D 280 -38.57 -30.17 21.15
N GLU D 281 -37.90 -29.30 20.39
CA GLU D 281 -37.74 -29.53 18.97
C GLU D 281 -36.85 -30.73 18.70
N GLN D 282 -35.86 -30.98 19.56
CA GLN D 282 -35.00 -32.15 19.38
C GLN D 282 -35.78 -33.41 19.68
N ILE D 283 -36.62 -33.37 20.72
CA ILE D 283 -37.45 -34.51 21.10
C ILE D 283 -38.38 -34.90 19.95
N GLY D 284 -39.00 -33.90 19.32
CA GLY D 284 -39.88 -34.14 18.20
C GLY D 284 -39.16 -34.60 16.94
N SER D 285 -37.93 -34.11 16.75
CA SER D 285 -37.14 -34.47 15.57
C SER D 285 -36.74 -35.96 15.52
N VAL D 286 -36.65 -36.59 16.69
CA VAL D 286 -36.30 -38.01 16.76
C VAL D 286 -37.40 -38.82 16.05
N GLY D 287 -38.64 -38.37 16.18
CA GLY D 287 -39.79 -39.01 15.55
C GLY D 287 -39.78 -38.81 14.05
N LEU D 288 -39.44 -37.61 13.60
CA LEU D 288 -39.38 -37.30 12.18
C LEU D 288 -38.34 -38.15 11.48
N LEU D 289 -37.15 -38.22 12.06
CA LEU D 289 -36.06 -39.01 11.49
C LEU D 289 -36.33 -40.51 11.41
N ASN D 290 -37.25 -41.04 12.23
CA ASN D 290 -37.57 -42.47 12.19
C ASN D 290 -38.72 -42.79 11.23
N LEU D 291 -39.25 -41.79 10.52
CA LEU D 291 -40.34 -42.02 9.56
C LEU D 291 -39.97 -43.04 8.51
N ASP D 292 -40.97 -43.83 8.10
CA ASP D 292 -40.77 -44.89 7.12
C ASP D 292 -40.61 -44.38 5.68
N ASP D 293 -40.29 -45.30 4.77
CA ASP D 293 -40.08 -45.00 3.35
C ASP D 293 -41.29 -44.35 2.68
N SER D 294 -42.48 -44.81 3.02
CA SER D 294 -43.71 -44.26 2.43
C SER D 294 -43.78 -42.73 2.56
N PHE D 295 -43.38 -42.20 3.71
CA PHE D 295 -43.41 -40.76 3.91
C PHE D 295 -42.54 -40.01 2.91
N PHE D 296 -41.30 -40.47 2.73
CA PHE D 296 -40.38 -39.79 1.80
C PHE D 296 -40.85 -39.93 0.36
N ASP D 297 -41.48 -41.06 0.03
CA ASP D 297 -42.01 -41.27 -1.32
C ASP D 297 -43.10 -40.23 -1.59
N PHE D 298 -43.95 -39.99 -0.60
CA PHE D 298 -45.03 -39.00 -0.73
C PHE D 298 -44.50 -37.59 -0.94
N VAL D 299 -43.50 -37.22 -0.14
CA VAL D 299 -42.89 -35.90 -0.22
C VAL D 299 -42.21 -35.68 -1.57
N ARG D 300 -41.35 -36.61 -1.94
CA ARG D 300 -40.62 -36.54 -3.20
C ARG D 300 -41.58 -36.43 -4.40
N GLU D 301 -42.60 -37.27 -4.43
CA GLU D 301 -43.58 -37.27 -5.52
C GLU D 301 -44.50 -36.05 -5.52
N THR D 302 -44.79 -35.50 -4.34
CA THR D 302 -45.61 -34.31 -4.28
C THR D 302 -44.85 -33.19 -4.99
N TYR D 303 -43.59 -32.99 -4.62
CA TYR D 303 -42.78 -31.96 -5.27
C TYR D 303 -42.47 -32.24 -6.73
N ARG D 304 -42.41 -33.51 -7.12
CA ARG D 304 -42.12 -33.87 -8.50
C ARG D 304 -43.25 -33.37 -9.39
N GLU D 305 -44.49 -33.69 -9.00
CA GLU D 305 -45.67 -33.27 -9.76
C GLU D 305 -45.82 -31.75 -9.80
N ARG D 306 -45.43 -31.07 -8.72
CA ARG D 306 -45.51 -29.61 -8.66
C ARG D 306 -44.52 -28.98 -9.62
N VAL D 307 -43.26 -29.43 -9.55
CA VAL D 307 -42.22 -28.92 -10.43
C VAL D 307 -42.62 -29.13 -11.89
N GLU D 308 -43.06 -30.35 -12.20
CA GLU D 308 -43.51 -30.70 -13.55
C GLU D 308 -44.61 -29.76 -14.03
N THR D 309 -45.58 -29.50 -13.17
CA THR D 309 -46.71 -28.61 -13.50
C THR D 309 -46.22 -27.22 -13.93
N VAL D 310 -45.29 -26.65 -13.16
CA VAL D 310 -44.75 -25.33 -13.46
C VAL D 310 -43.94 -25.37 -14.76
N LEU D 311 -43.08 -26.38 -14.92
CA LEU D 311 -42.28 -26.52 -16.15
C LEU D 311 -43.16 -26.55 -17.41
N LYS D 312 -44.26 -27.29 -17.33
CA LYS D 312 -45.19 -27.39 -18.45
C LYS D 312 -45.84 -26.05 -18.75
N LYS D 313 -46.26 -25.35 -17.70
CA LYS D 313 -46.94 -24.06 -17.82
C LYS D 313 -45.99 -22.99 -18.40
N LEU D 314 -44.73 -23.01 -17.98
CA LEU D 314 -43.75 -22.05 -18.49
C LEU D 314 -43.48 -22.31 -19.97
N GLU D 315 -43.40 -23.58 -20.34
CA GLU D 315 -43.17 -23.99 -21.72
C GLU D 315 -44.34 -23.63 -22.62
N GLU D 316 -45.57 -23.89 -22.17
CA GLU D 316 -46.76 -23.57 -22.97
C GLU D 316 -47.01 -22.06 -23.17
N HIS D 317 -46.44 -21.23 -22.29
CA HIS D 317 -46.56 -19.76 -22.43
C HIS D 317 -45.37 -19.14 -23.19
N GLY D 318 -44.62 -19.97 -23.93
CA GLY D 318 -43.50 -19.50 -24.74
C GLY D 318 -42.20 -19.15 -24.06
N LEU D 319 -42.09 -19.35 -22.75
CA LEU D 319 -40.85 -19.02 -22.05
C LEU D 319 -39.84 -20.09 -22.45
N LYS D 320 -38.69 -19.67 -22.96
CA LYS D 320 -37.65 -20.59 -23.44
C LYS D 320 -36.54 -20.95 -22.44
N ARG D 321 -35.81 -19.95 -21.95
CA ARG D 321 -34.68 -20.18 -21.03
C ARG D 321 -35.00 -20.40 -19.54
N PHE D 322 -35.18 -21.66 -19.16
CA PHE D 322 -35.44 -22.04 -17.78
C PHE D 322 -34.81 -23.40 -17.53
N THR D 323 -34.52 -23.71 -16.27
CA THR D 323 -33.88 -24.97 -15.91
C THR D 323 -34.80 -26.02 -15.34
N LYS D 324 -34.57 -27.27 -15.73
CA LYS D 324 -35.34 -28.40 -15.24
C LYS D 324 -34.49 -28.94 -14.08
N PRO D 325 -34.96 -28.76 -12.84
CA PRO D 325 -34.15 -29.21 -11.72
C PRO D 325 -34.16 -30.72 -11.48
N SER D 326 -33.04 -31.23 -11.00
CA SER D 326 -32.89 -32.65 -10.69
C SER D 326 -33.28 -32.89 -9.24
N GLY D 327 -33.33 -31.81 -8.46
CA GLY D 327 -33.68 -31.90 -7.04
C GLY D 327 -34.19 -30.58 -6.48
N ALA D 328 -34.63 -30.63 -5.21
CA ALA D 328 -35.19 -29.47 -4.51
C ALA D 328 -36.51 -29.06 -5.17
N PHE D 329 -37.09 -27.96 -4.73
CA PHE D 329 -38.36 -27.50 -5.29
C PHE D 329 -38.32 -26.08 -5.88
N TYR D 330 -37.17 -25.72 -6.46
CA TYR D 330 -37.00 -24.40 -7.07
C TYR D 330 -36.78 -24.49 -8.57
N ILE D 331 -37.27 -23.49 -9.29
CA ILE D 331 -37.10 -23.41 -10.72
C ILE D 331 -36.56 -22.02 -11.01
N THR D 332 -35.41 -21.98 -11.66
CA THR D 332 -34.75 -20.74 -12.02
C THR D 332 -35.03 -20.51 -13.50
N ALA D 333 -35.44 -19.29 -13.84
CA ALA D 333 -35.77 -18.95 -15.22
C ALA D 333 -35.37 -17.54 -15.62
N GLU D 334 -35.03 -17.37 -16.90
CA GLU D 334 -34.65 -16.09 -17.48
C GLU D 334 -35.87 -15.54 -18.20
N LEU D 335 -36.25 -14.32 -17.85
CA LEU D 335 -37.41 -13.67 -18.46
C LEU D 335 -36.92 -12.75 -19.57
N PRO D 336 -37.80 -12.40 -20.52
CA PRO D 336 -37.44 -11.50 -21.60
C PRO D 336 -37.69 -10.05 -21.17
N VAL D 337 -37.03 -9.63 -20.09
CA VAL D 337 -37.15 -8.28 -19.54
C VAL D 337 -35.78 -7.75 -19.20
N GLU D 338 -35.66 -6.43 -19.13
CA GLU D 338 -34.41 -5.77 -18.79
C GLU D 338 -34.01 -6.05 -17.35
N ASP D 339 -34.93 -5.80 -16.42
CA ASP D 339 -34.69 -6.00 -14.99
C ASP D 339 -35.81 -6.85 -14.37
N ALA D 340 -35.45 -8.02 -13.86
CA ALA D 340 -36.42 -8.92 -13.24
C ALA D 340 -36.99 -8.36 -11.92
N GLU D 341 -36.15 -7.69 -11.15
CA GLU D 341 -36.56 -7.09 -9.89
C GLU D 341 -37.60 -5.98 -10.10
N GLU D 342 -37.50 -5.24 -11.21
CA GLU D 342 -38.48 -4.18 -11.48
C GLU D 342 -39.81 -4.83 -11.83
N PHE D 343 -39.75 -5.94 -12.58
CA PHE D 343 -40.95 -6.69 -12.97
C PHE D 343 -41.63 -7.32 -11.75
N ALA D 344 -40.84 -7.83 -10.80
CA ALA D 344 -41.39 -8.43 -9.60
C ALA D 344 -42.16 -7.38 -8.79
N ARG D 345 -41.59 -6.18 -8.67
CA ARG D 345 -42.24 -5.08 -7.95
C ARG D 345 -43.50 -4.63 -8.68
N TRP D 346 -43.40 -4.53 -10.01
CA TRP D 346 -44.52 -4.13 -10.85
C TRP D 346 -45.71 -5.06 -10.71
N MSE D 347 -45.41 -6.35 -10.60
CA MSE D 347 -46.41 -7.40 -10.44
C MSE D 347 -47.29 -7.12 -9.22
O MSE D 347 -48.51 -7.29 -9.27
CB MSE D 347 -45.68 -8.75 -10.31
CG MSE D 347 -46.54 -9.99 -10.33
SE MSE D 347 -47.67 -10.19 -11.89
CE MSE D 347 -46.37 -10.25 -13.14
N LEU D 348 -46.67 -6.63 -8.14
CA LEU D 348 -47.38 -6.29 -6.91
C LEU D 348 -48.10 -4.95 -6.95
N THR D 349 -47.40 -3.92 -7.44
CA THR D 349 -47.94 -2.58 -7.49
C THR D 349 -48.95 -2.28 -8.61
N ASP D 350 -48.52 -2.45 -9.86
CA ASP D 350 -49.38 -2.14 -11.02
C ASP D 350 -50.05 -3.32 -11.74
N PHE D 351 -50.33 -4.43 -11.06
CA PHE D 351 -50.98 -5.58 -11.74
C PHE D 351 -51.76 -6.54 -10.83
N ASN D 352 -52.90 -7.03 -11.36
CA ASN D 352 -53.76 -7.97 -10.65
C ASN D 352 -54.81 -8.59 -11.59
N MSE D 353 -54.64 -9.86 -11.92
CA MSE D 353 -55.54 -10.59 -12.82
C MSE D 353 -56.63 -11.22 -11.97
O MSE D 353 -56.34 -12.07 -11.11
CB MSE D 353 -54.64 -11.59 -13.61
CG MSE D 353 -55.11 -12.13 -14.97
SE MSE D 353 -56.29 -13.68 -15.06
CE MSE D 353 -56.60 -13.75 -17.05
N ASP D 354 -57.88 -10.77 -12.15
CA ASP D 354 -59.04 -11.28 -11.38
C ASP D 354 -58.75 -11.13 -9.88
N GLY D 355 -58.22 -9.97 -9.48
CA GLY D 355 -57.89 -9.71 -8.09
C GLY D 355 -56.77 -10.58 -7.53
N GLU D 356 -55.95 -11.17 -8.40
CA GLU D 356 -54.83 -12.02 -7.98
C GLU D 356 -53.52 -11.60 -8.64
N THR D 357 -52.42 -11.85 -7.95
CA THR D 357 -51.09 -11.53 -8.42
C THR D 357 -50.14 -12.60 -7.89
N THR D 358 -48.95 -12.72 -8.49
CA THR D 358 -47.96 -13.71 -8.06
C THR D 358 -46.62 -13.10 -7.73
N MSE D 359 -46.05 -13.52 -6.60
CA MSE D 359 -44.76 -13.01 -6.16
C MSE D 359 -43.64 -14.00 -6.40
O MSE D 359 -43.69 -15.15 -5.92
CB MSE D 359 -44.71 -12.72 -4.67
CG MSE D 359 -45.23 -11.39 -4.25
SE MSE D 359 -44.78 -11.06 -2.37
CE MSE D 359 -42.93 -10.89 -2.46
N VAL D 360 -42.62 -13.55 -7.12
CA VAL D 360 -41.44 -14.36 -7.41
C VAL D 360 -40.22 -13.68 -6.79
N ALA D 361 -39.14 -14.46 -6.66
CA ALA D 361 -37.91 -13.96 -6.08
C ALA D 361 -36.89 -13.60 -7.16
N PRO D 362 -36.49 -12.30 -7.25
CA PRO D 362 -35.47 -11.97 -8.23
C PRO D 362 -34.19 -12.74 -7.89
N LEU D 363 -33.50 -13.23 -8.90
CA LEU D 363 -32.31 -14.03 -8.70
C LEU D 363 -31.03 -13.21 -8.43
N ARG D 364 -31.08 -11.89 -8.61
CA ARG D 364 -29.87 -11.07 -8.40
C ARG D 364 -29.28 -11.20 -6.98
N GLY D 365 -30.12 -11.45 -5.98
CA GLY D 365 -29.67 -11.63 -4.61
C GLY D 365 -28.91 -12.92 -4.35
N PHE D 366 -28.94 -13.85 -5.31
CA PHE D 366 -28.24 -15.14 -5.21
C PHE D 366 -26.83 -15.12 -5.82
N TYR D 367 -26.44 -13.98 -6.39
CA TYR D 367 -25.12 -13.81 -6.99
C TYR D 367 -24.33 -12.75 -6.23
N LEU D 368 -23.02 -12.94 -6.13
CA LEU D 368 -22.11 -11.97 -5.52
C LEU D 368 -21.53 -11.10 -6.62
N THR D 369 -21.17 -11.72 -7.74
CA THR D 369 -20.62 -11.00 -8.88
C THR D 369 -21.64 -9.96 -9.31
N PRO D 370 -21.24 -8.67 -9.38
CA PRO D 370 -22.20 -7.65 -9.75
C PRO D 370 -22.66 -7.76 -11.20
N GLY D 371 -23.96 -7.56 -11.43
CA GLY D 371 -24.54 -7.63 -12.75
C GLY D 371 -25.20 -8.94 -13.15
N LEU D 372 -24.82 -10.03 -12.50
CA LEU D 372 -25.39 -11.33 -12.84
C LEU D 372 -26.77 -11.55 -12.21
N GLY D 373 -27.64 -12.23 -12.95
CA GLY D 373 -29.00 -12.53 -12.51
C GLY D 373 -29.95 -11.35 -12.56
N LYS D 374 -29.66 -10.39 -13.43
CA LYS D 374 -30.49 -9.19 -13.57
C LYS D 374 -31.86 -9.49 -14.18
N LYS D 375 -31.90 -10.41 -15.14
CA LYS D 375 -33.15 -10.79 -15.82
C LYS D 375 -33.67 -12.17 -15.40
N GLU D 376 -33.11 -12.74 -14.33
CA GLU D 376 -33.49 -14.06 -13.87
C GLU D 376 -34.30 -14.05 -12.56
N ILE D 377 -35.16 -15.06 -12.39
CA ILE D 377 -36.01 -15.19 -11.21
C ILE D 377 -36.03 -16.62 -10.68
N ARG D 378 -36.46 -16.79 -9.44
CA ARG D 378 -36.57 -18.11 -8.82
C ARG D 378 -38.03 -18.34 -8.44
N ILE D 379 -38.53 -19.53 -8.72
CA ILE D 379 -39.89 -19.92 -8.40
C ILE D 379 -39.83 -21.07 -7.40
N ALA D 380 -40.49 -20.91 -6.26
CA ALA D 380 -40.54 -21.95 -5.23
C ALA D 380 -41.85 -22.68 -5.37
N CYS D 381 -41.77 -24.00 -5.59
CA CYS D 381 -42.97 -24.82 -5.76
C CYS D 381 -43.51 -25.27 -4.40
N VAL D 382 -44.03 -24.31 -3.63
CA VAL D 382 -44.55 -24.57 -2.29
C VAL D 382 -46.07 -24.35 -2.14
N LEU D 383 -46.82 -24.67 -3.18
CA LEU D 383 -48.29 -24.57 -3.17
C LEU D 383 -48.80 -25.84 -3.81
N GLU D 384 -50.05 -26.22 -3.54
CA GLU D 384 -50.59 -27.45 -4.16
C GLU D 384 -50.58 -27.21 -5.68
N LYS D 385 -50.37 -28.28 -6.43
CA LYS D 385 -50.27 -28.23 -7.91
C LYS D 385 -51.28 -27.36 -8.67
N ASP D 386 -52.57 -27.41 -8.29
CA ASP D 386 -53.58 -26.59 -8.98
C ASP D 386 -53.42 -25.08 -8.71
N LEU D 387 -53.10 -24.71 -7.48
CA LEU D 387 -52.85 -23.29 -7.14
C LEU D 387 -51.60 -22.82 -7.88
N LEU D 388 -50.58 -23.66 -7.90
CA LEU D 388 -49.32 -23.36 -8.60
C LEU D 388 -49.56 -23.10 -10.07
N SER D 389 -50.40 -23.94 -10.69
CA SER D 389 -50.74 -23.80 -12.09
C SER D 389 -51.40 -22.44 -12.31
N ARG D 390 -52.30 -22.08 -11.41
CA ARG D 390 -53.00 -20.79 -11.47
C ARG D 390 -52.01 -19.65 -11.25
N ALA D 391 -51.13 -19.81 -10.27
CA ALA D 391 -50.12 -18.81 -9.95
C ALA D 391 -49.24 -18.51 -11.16
N ILE D 392 -48.92 -19.54 -11.95
CA ILE D 392 -48.08 -19.34 -13.14
C ILE D 392 -48.90 -18.65 -14.24
N ASP D 393 -50.19 -18.97 -14.35
CA ASP D 393 -51.07 -18.32 -15.34
C ASP D 393 -51.10 -16.82 -15.12
N VAL D 394 -51.23 -16.44 -13.85
CA VAL D 394 -51.27 -15.03 -13.44
C VAL D 394 -49.94 -14.35 -13.74
N LEU D 395 -48.84 -15.06 -13.47
CA LEU D 395 -47.50 -14.53 -13.70
C LEU D 395 -47.23 -14.28 -15.19
N MSE D 396 -47.63 -15.23 -16.04
CA MSE D 396 -47.40 -15.09 -17.48
C MSE D 396 -48.31 -14.06 -18.13
O MSE D 396 -47.91 -13.42 -19.12
CB MSE D 396 -47.53 -16.45 -18.17
CG MSE D 396 -46.52 -17.47 -17.65
SE MSE D 396 -44.67 -16.89 -17.79
CE MSE D 396 -44.54 -16.68 -19.76
N GLU D 397 -49.52 -13.90 -17.61
CA GLU D 397 -50.45 -12.91 -18.14
C GLU D 397 -49.86 -11.53 -17.81
N GLY D 398 -49.25 -11.43 -16.62
CA GLY D 398 -48.62 -10.20 -16.16
C GLY D 398 -47.36 -9.90 -16.97
N LEU D 399 -46.62 -10.95 -17.30
CA LEU D 399 -45.40 -10.82 -18.10
C LEU D 399 -45.74 -10.34 -19.51
N LYS D 400 -46.87 -10.80 -20.06
CA LYS D 400 -47.29 -10.42 -21.40
C LYS D 400 -47.68 -8.94 -21.47
N MSE D 401 -48.35 -8.45 -20.43
CA MSE D 401 -48.77 -7.05 -20.39
C MSE D 401 -47.59 -6.10 -20.15
O MSE D 401 -47.54 -5.02 -20.74
CB MSE D 401 -49.81 -6.84 -19.28
N PHE D 402 -46.67 -6.53 -19.31
CA PHE D 402 -45.48 -5.75 -18.97
C PHE D 402 -44.73 -5.31 -20.23
N HIS E 11 38.03 28.52 -13.60
CA HIS E 11 38.13 27.02 -13.59
C HIS E 11 39.06 26.60 -14.73
N HIS E 12 39.40 25.32 -14.75
CA HIS E 12 40.28 24.75 -15.77
C HIS E 12 39.52 23.78 -16.68
N MSE E 13 40.09 23.47 -17.84
CA MSE E 13 39.46 22.55 -18.79
C MSE E 13 39.56 21.12 -18.30
O MSE E 13 40.45 20.80 -17.51
CB MSE E 13 40.10 22.62 -20.19
CG MSE E 13 41.59 22.19 -20.26
SE MSE E 13 42.31 22.05 -22.09
CE MSE E 13 41.18 20.63 -22.76
N ASP E 14 38.65 20.28 -18.78
CA ASP E 14 38.67 18.88 -18.44
C ASP E 14 39.65 18.29 -19.44
N VAL E 15 40.71 17.65 -18.95
CA VAL E 15 41.68 17.03 -19.82
C VAL E 15 41.41 15.55 -19.79
N PHE E 16 40.68 15.08 -20.80
CA PHE E 16 40.38 13.68 -20.91
C PHE E 16 41.48 12.99 -21.69
N SER E 17 41.48 11.66 -21.65
CA SER E 17 42.48 10.87 -22.34
C SER E 17 42.32 10.92 -23.86
N ASP E 18 43.44 10.81 -24.56
CA ASP E 18 43.45 10.81 -26.03
C ASP E 18 42.58 9.66 -26.50
N ARG E 19 42.76 8.54 -25.81
CA ARG E 19 42.04 7.30 -26.02
C ARG E 19 40.56 7.56 -26.30
N VAL E 20 39.91 8.41 -25.49
CA VAL E 20 38.47 8.70 -25.68
C VAL E 20 38.19 9.96 -26.51
N LEU E 21 39.14 10.89 -26.59
CA LEU E 21 38.94 12.11 -27.40
C LEU E 21 38.98 11.81 -28.90
N LEU E 22 39.87 10.90 -29.29
CA LEU E 22 40.02 10.49 -30.68
C LEU E 22 38.86 9.62 -31.18
N THR E 23 38.16 8.99 -30.25
CA THR E 23 37.06 8.11 -30.58
C THR E 23 35.78 8.86 -30.98
N GLU E 24 35.45 8.79 -32.26
CA GLU E 24 34.23 9.40 -32.78
C GLU E 24 33.14 8.41 -32.41
N GLU E 25 31.88 8.84 -32.33
CA GLU E 25 30.83 7.88 -31.98
C GLU E 25 30.44 7.02 -33.19
N SER E 26 30.07 5.77 -32.91
CA SER E 26 29.69 4.79 -33.93
C SER E 26 28.67 5.32 -34.95
N PRO E 27 28.89 5.02 -36.26
CA PRO E 27 27.95 5.45 -37.32
C PRO E 27 26.54 4.89 -37.08
N ILE E 28 26.47 3.74 -36.40
CA ILE E 28 25.20 3.10 -36.07
C ILE E 28 24.52 3.94 -34.99
N ARG E 29 25.27 4.23 -33.91
CA ARG E 29 24.74 5.04 -32.80
C ARG E 29 24.34 6.47 -33.24
N LYS E 30 25.02 7.00 -34.25
CA LYS E 30 24.71 8.33 -34.78
C LYS E 30 23.35 8.40 -35.47
N LEU E 31 22.77 7.23 -35.79
CA LEU E 31 21.45 7.14 -36.43
C LEU E 31 20.29 7.05 -35.41
N VAL E 32 20.61 6.78 -34.15
CA VAL E 32 19.59 6.66 -33.08
C VAL E 32 18.75 7.94 -32.89
N PRO E 33 19.40 9.13 -32.88
CA PRO E 33 18.59 10.34 -32.72
C PRO E 33 17.57 10.51 -33.86
N PHE E 34 17.97 10.16 -35.08
CA PHE E 34 17.10 10.27 -36.25
C PHE E 34 15.99 9.20 -36.20
N ALA E 35 16.31 8.05 -35.62
CA ALA E 35 15.35 6.94 -35.46
C ALA E 35 14.28 7.30 -34.42
N GLU E 36 14.73 7.83 -33.29
CA GLU E 36 13.84 8.24 -32.21
C GLU E 36 12.84 9.29 -32.71
N MSE E 37 13.33 10.23 -33.52
CA MSE E 37 12.47 11.29 -34.09
C MSE E 37 11.45 10.71 -35.09
O MSE E 37 10.38 11.29 -35.28
CB MSE E 37 13.33 12.36 -34.76
N ALA E 38 11.78 9.58 -35.73
CA ALA E 38 10.90 8.91 -36.69
C ALA E 38 9.75 8.20 -35.96
N LYS E 39 10.05 7.59 -34.81
CA LYS E 39 9.04 6.89 -34.00
C LYS E 39 8.01 7.91 -33.49
N LYS E 40 8.48 9.12 -33.19
CA LYS E 40 7.61 10.20 -32.73
C LYS E 40 6.61 10.56 -33.82
N ARG E 41 7.01 10.49 -35.09
CA ARG E 41 6.12 10.80 -36.23
C ARG E 41 5.14 9.66 -36.55
N GLY E 42 5.22 8.55 -35.81
CA GLY E 42 4.34 7.39 -36.00
C GLY E 42 4.82 6.46 -37.09
N VAL E 43 6.09 6.05 -37.02
CA VAL E 43 6.69 5.17 -38.01
C VAL E 43 7.20 3.89 -37.35
N ARG E 44 6.76 2.75 -37.87
CA ARG E 44 7.18 1.44 -37.36
C ARG E 44 8.53 1.14 -38.03
N ILE E 45 9.58 1.08 -37.24
CA ILE E 45 10.94 0.82 -37.73
C ILE E 45 11.37 -0.64 -37.64
N HIS E 46 11.87 -1.20 -38.75
CA HIS E 46 12.37 -2.58 -38.77
C HIS E 46 13.87 -2.51 -38.49
N HIS E 47 14.27 -2.93 -37.28
CA HIS E 47 15.68 -2.90 -36.85
C HIS E 47 16.52 -4.05 -37.35
N LEU E 48 17.31 -3.81 -38.41
CA LEU E 48 18.21 -4.83 -38.96
C LEU E 48 19.64 -4.35 -38.77
N ASN E 49 19.83 -3.37 -37.87
CA ASN E 49 21.13 -2.77 -37.61
C ASN E 49 21.88 -3.30 -36.40
N ILE E 50 21.20 -4.02 -35.52
CA ILE E 50 21.82 -4.55 -34.29
C ILE E 50 21.82 -6.05 -34.27
N GLY E 51 22.88 -6.64 -33.72
CA GLY E 51 22.98 -8.10 -33.63
C GLY E 51 22.30 -8.69 -32.39
N GLN E 52 21.15 -8.15 -32.01
CA GLN E 52 20.38 -8.60 -30.86
C GLN E 52 19.39 -9.67 -31.31
N PRO E 53 19.62 -10.94 -30.93
CA PRO E 53 18.68 -12.00 -31.33
C PRO E 53 17.28 -11.76 -30.74
N ASP E 54 16.26 -12.14 -31.49
CA ASP E 54 14.86 -12.00 -31.04
C ASP E 54 14.29 -13.30 -30.51
N LEU E 55 15.08 -14.38 -30.55
CA LEU E 55 14.63 -15.69 -30.09
C LEU E 55 14.46 -15.73 -28.58
N LYS E 56 13.47 -16.50 -28.13
CA LYS E 56 13.19 -16.65 -26.70
C LYS E 56 14.36 -17.37 -26.03
N THR E 57 14.77 -16.86 -24.86
CA THR E 57 15.85 -17.48 -24.12
C THR E 57 15.29 -18.82 -23.62
N PRO E 58 16.02 -19.93 -23.82
CA PRO E 58 15.48 -21.20 -23.34
C PRO E 58 15.08 -21.17 -21.86
N GLU E 59 13.94 -21.77 -21.53
CA GLU E 59 13.42 -21.80 -20.16
C GLU E 59 14.36 -22.41 -19.12
N VAL E 60 15.22 -23.34 -19.55
CA VAL E 60 16.18 -24.00 -18.66
C VAL E 60 17.04 -22.97 -17.90
N PHE E 61 17.36 -21.86 -18.55
CA PHE E 61 18.14 -20.79 -17.97
C PHE E 61 17.47 -20.23 -16.72
N PHE E 62 16.17 -19.98 -16.79
CA PHE E 62 15.42 -19.45 -15.65
C PHE E 62 15.15 -20.53 -14.60
N GLU E 63 14.87 -21.73 -15.07
CA GLU E 63 14.57 -22.85 -14.19
C GLU E 63 15.74 -23.19 -13.27
N ARG E 64 16.94 -23.33 -13.82
CA ARG E 64 18.13 -23.63 -13.01
C ARG E 64 18.39 -22.55 -11.96
N ILE E 65 18.16 -21.30 -12.32
CA ILE E 65 18.32 -20.18 -11.40
C ILE E 65 17.32 -20.29 -10.25
N TYR E 66 16.08 -20.56 -10.59
CA TYR E 66 15.00 -20.70 -9.61
C TYR E 66 15.24 -21.89 -8.67
N GLU E 67 15.69 -23.02 -9.24
CA GLU E 67 15.98 -24.23 -8.48
C GLU E 67 17.19 -24.10 -7.55
N ASN E 68 18.18 -23.31 -7.95
CA ASN E 68 19.40 -23.11 -7.18
C ASN E 68 19.57 -21.69 -6.68
N LYS E 69 18.51 -21.16 -6.10
CA LYS E 69 18.50 -19.82 -5.55
C LYS E 69 19.40 -19.82 -4.31
N PRO E 70 20.52 -19.07 -4.34
CA PRO E 70 21.39 -19.05 -3.17
C PRO E 70 20.87 -18.08 -2.13
N GLU E 71 21.10 -18.37 -0.86
CA GLU E 71 20.66 -17.50 0.22
C GLU E 71 21.43 -16.18 0.19
N VAL E 72 22.69 -16.24 -0.25
CA VAL E 72 23.56 -15.07 -0.37
C VAL E 72 24.11 -15.01 -1.79
N VAL E 73 23.91 -13.88 -2.46
CA VAL E 73 24.40 -13.70 -3.83
C VAL E 73 25.88 -13.27 -3.68
N TYR E 74 26.74 -14.28 -3.54
CA TYR E 74 28.18 -14.10 -3.33
C TYR E 74 29.05 -13.98 -4.58
N TYR E 75 30.30 -13.56 -4.36
CA TYR E 75 31.27 -13.49 -5.44
C TYR E 75 31.70 -14.95 -5.63
N SER E 76 31.59 -15.47 -6.85
CA SER E 76 31.98 -16.85 -7.13
C SER E 76 33.50 -16.87 -7.24
N HIS E 77 34.06 -18.04 -7.51
CA HIS E 77 35.50 -18.17 -7.71
C HIS E 77 35.80 -17.25 -8.89
N SER E 78 36.95 -16.57 -8.88
CA SER E 78 37.31 -15.63 -9.96
C SER E 78 37.22 -16.22 -11.37
N ALA E 79 37.61 -17.48 -11.53
CA ALA E 79 37.55 -18.14 -12.84
C ALA E 79 36.14 -18.57 -13.22
N GLY E 80 35.20 -18.47 -12.28
CA GLY E 80 33.79 -18.87 -12.50
C GLY E 80 33.43 -20.05 -11.64
N ILE E 81 32.13 -20.33 -11.51
CA ILE E 81 31.69 -21.49 -10.72
C ILE E 81 32.24 -22.73 -11.40
N TRP E 82 32.78 -23.65 -10.60
CA TRP E 82 33.36 -24.87 -11.13
C TRP E 82 32.45 -25.61 -12.12
N GLU E 83 31.17 -25.73 -11.79
CA GLU E 83 30.20 -26.42 -12.64
C GLU E 83 30.06 -25.78 -14.02
N LEU E 84 30.17 -24.46 -14.10
CA LEU E 84 30.07 -23.76 -15.38
C LEU E 84 31.33 -23.99 -16.20
N ARG E 85 32.47 -24.08 -15.51
CA ARG E 85 33.74 -24.33 -16.19
C ARG E 85 33.67 -25.73 -16.79
N GLU E 86 33.04 -26.66 -16.08
CA GLU E 86 32.83 -28.01 -16.58
C GLU E 86 31.81 -27.99 -17.73
N ALA E 87 30.76 -27.18 -17.58
CA ALA E 87 29.73 -27.06 -18.60
C ALA E 87 30.34 -26.59 -19.92
N PHE E 88 31.21 -25.59 -19.89
CA PHE E 88 31.89 -25.15 -21.12
C PHE E 88 32.78 -26.25 -21.67
N ALA E 89 33.53 -26.91 -20.79
CA ALA E 89 34.43 -28.00 -21.21
C ALA E 89 33.65 -29.10 -21.93
N SER E 90 32.55 -29.55 -21.33
CA SER E 90 31.72 -30.60 -21.93
C SER E 90 31.08 -30.16 -23.22
N TYR E 91 30.69 -28.89 -23.32
CA TYR E 91 30.12 -28.37 -24.56
C TYR E 91 31.10 -28.56 -25.70
N TYR E 92 32.34 -28.13 -25.50
CA TYR E 92 33.38 -28.29 -26.52
C TYR E 92 33.68 -29.73 -26.94
N LYS E 93 33.60 -30.66 -26.00
CA LYS E 93 33.85 -32.05 -26.33
C LYS E 93 32.66 -32.64 -27.08
N ARG E 94 31.46 -32.40 -26.55
CA ARG E 94 30.25 -32.94 -27.16
C ARG E 94 29.88 -32.31 -28.49
N ARG E 95 29.92 -30.98 -28.54
CA ARG E 95 29.51 -30.27 -29.74
C ARG E 95 30.63 -29.79 -30.68
N GLN E 96 31.78 -29.37 -30.18
CA GLN E 96 32.88 -28.93 -31.05
C GLN E 96 33.94 -30.03 -31.26
N ARG E 97 33.76 -31.20 -30.63
CA ARG E 97 34.69 -32.33 -30.73
C ARG E 97 36.12 -31.96 -30.35
N VAL E 98 36.25 -31.16 -29.31
CA VAL E 98 37.51 -30.67 -28.82
C VAL E 98 37.71 -31.10 -27.37
N ASP E 99 38.89 -31.61 -27.04
CA ASP E 99 39.18 -32.03 -25.67
C ASP E 99 39.72 -30.88 -24.84
N VAL E 100 38.85 -30.30 -24.02
CA VAL E 100 39.25 -29.21 -23.11
C VAL E 100 38.92 -29.61 -21.69
N LYS E 101 39.76 -29.19 -20.76
CA LYS E 101 39.56 -29.48 -19.35
C LYS E 101 38.99 -28.23 -18.70
N PRO E 102 38.28 -28.38 -17.56
CA PRO E 102 37.76 -27.18 -16.89
C PRO E 102 38.87 -26.18 -16.52
N GLU E 103 40.08 -26.68 -16.24
CA GLU E 103 41.21 -25.82 -15.91
C GLU E 103 41.62 -24.90 -17.05
N ASN E 104 41.22 -25.24 -18.29
CA ASN E 104 41.53 -24.43 -19.47
C ASN E 104 40.50 -23.32 -19.71
N VAL E 105 39.41 -23.35 -18.96
CA VAL E 105 38.33 -22.37 -19.11
C VAL E 105 38.35 -21.30 -18.01
N LEU E 106 38.19 -20.05 -18.42
CA LEU E 106 38.15 -18.94 -17.51
C LEU E 106 36.85 -18.19 -17.82
N VAL E 107 35.89 -18.24 -16.91
CA VAL E 107 34.60 -17.57 -17.13
C VAL E 107 34.77 -16.07 -16.95
N THR E 108 34.18 -15.30 -17.87
CA THR E 108 34.26 -13.85 -17.85
C THR E 108 32.91 -13.19 -18.06
N ASN E 109 32.87 -11.86 -17.92
CA ASN E 109 31.65 -11.09 -18.15
C ASN E 109 31.41 -10.95 -19.65
N GLY E 110 30.94 -12.03 -20.26
CA GLY E 110 30.70 -12.10 -21.70
C GLY E 110 32.03 -12.21 -22.43
N GLY E 111 31.95 -12.39 -23.74
CA GLY E 111 33.14 -12.47 -24.58
C GLY E 111 33.90 -11.17 -24.53
N SER E 112 33.17 -10.06 -24.37
CA SER E 112 33.75 -8.72 -24.29
C SER E 112 34.94 -8.62 -23.34
N GLU E 113 34.76 -9.13 -22.12
CA GLU E 113 35.82 -9.08 -21.14
C GLU E 113 36.94 -10.07 -21.43
N ALA E 114 36.60 -11.24 -21.96
CA ALA E 114 37.61 -12.25 -22.32
C ALA E 114 38.57 -11.68 -23.36
N ILE E 115 38.04 -10.82 -24.25
CA ILE E 115 38.85 -10.16 -25.27
C ILE E 115 39.77 -9.13 -24.62
N LEU E 116 39.20 -8.33 -23.72
CA LEU E 116 39.97 -7.32 -23.00
C LEU E 116 41.13 -7.97 -22.23
N PHE E 117 40.86 -9.06 -21.53
CA PHE E 117 41.91 -9.73 -20.78
C PHE E 117 42.98 -10.27 -21.71
N SER E 118 42.56 -10.92 -22.78
CA SER E 118 43.49 -11.47 -23.76
C SER E 118 44.46 -10.39 -24.22
N PHE E 119 43.91 -9.26 -24.62
CA PHE E 119 44.68 -8.12 -25.08
C PHE E 119 45.66 -7.62 -24.02
N ALA E 120 45.19 -7.44 -22.79
CA ALA E 120 46.05 -6.96 -21.70
C ALA E 120 47.16 -7.94 -21.30
N VAL E 121 46.87 -9.24 -21.35
CA VAL E 121 47.84 -10.27 -21.00
C VAL E 121 48.95 -10.45 -22.03
N ILE E 122 48.65 -10.35 -23.33
CA ILE E 122 49.67 -10.54 -24.37
C ILE E 122 50.40 -9.28 -24.86
N ALA E 123 49.75 -8.12 -24.76
CA ALA E 123 50.32 -6.87 -25.24
C ALA E 123 50.47 -5.81 -24.17
N ASN E 124 51.48 -4.98 -24.37
CA ASN E 124 51.87 -3.90 -23.50
C ASN E 124 51.22 -2.63 -24.09
N PRO E 125 51.01 -1.56 -23.30
CA PRO E 125 50.44 -0.38 -23.96
C PRO E 125 51.39 0.09 -25.04
N GLY E 126 50.88 0.34 -26.24
CA GLY E 126 51.72 0.77 -27.37
C GLY E 126 52.04 -0.36 -28.33
N ASP E 127 51.84 -1.62 -27.90
CA ASP E 127 52.08 -2.78 -28.76
C ASP E 127 50.98 -2.90 -29.80
N GLU E 128 51.17 -3.80 -30.75
CA GLU E 128 50.22 -3.99 -31.83
C GLU E 128 49.60 -5.38 -31.92
N ILE E 129 48.34 -5.41 -32.34
CA ILE E 129 47.58 -6.64 -32.55
C ILE E 129 46.95 -6.54 -33.93
N LEU E 130 47.20 -7.54 -34.76
CA LEU E 130 46.65 -7.56 -36.10
C LEU E 130 45.19 -7.95 -36.07
N VAL E 131 44.39 -7.32 -36.93
CA VAL E 131 42.96 -7.63 -37.02
C VAL E 131 42.57 -7.69 -38.49
N LEU E 132 41.73 -8.66 -38.83
CA LEU E 132 41.27 -8.84 -40.19
C LEU E 132 40.07 -7.93 -40.41
N GLU E 133 40.26 -6.93 -41.28
CA GLU E 133 39.26 -5.92 -41.59
C GLU E 133 38.39 -6.34 -42.79
N PRO E 134 37.06 -6.08 -42.73
CA PRO E 134 36.29 -5.42 -41.69
C PRO E 134 36.14 -6.33 -40.49
N PHE E 135 35.99 -5.75 -39.31
CA PHE E 135 35.89 -6.53 -38.09
C PHE E 135 34.90 -5.96 -37.11
N TYR E 136 34.55 -6.78 -36.12
CA TYR E 136 33.64 -6.41 -35.05
C TYR E 136 34.23 -5.20 -34.33
N ALA E 137 33.67 -4.03 -34.65
CA ALA E 137 34.10 -2.72 -34.15
C ALA E 137 34.42 -2.64 -32.67
N ASN E 138 33.70 -3.37 -31.83
CA ASN E 138 33.93 -3.34 -30.39
C ASN E 138 35.33 -3.79 -29.95
N TYR E 139 36.08 -4.53 -30.78
CA TYR E 139 37.44 -4.92 -30.42
C TYR E 139 38.29 -3.68 -30.23
N ASN E 140 38.02 -2.67 -31.04
CA ASN E 140 38.77 -1.45 -30.98
C ASN E 140 38.57 -0.77 -29.63
N ALA E 141 37.39 -0.94 -29.03
CA ALA E 141 37.08 -0.38 -27.74
C ALA E 141 37.93 -1.04 -26.65
N PHE E 142 38.05 -2.37 -26.70
CA PHE E 142 38.83 -3.10 -25.69
C PHE E 142 40.32 -2.81 -25.88
N ALA E 143 40.73 -2.63 -27.13
CA ALA E 143 42.11 -2.30 -27.46
C ALA E 143 42.46 -0.93 -26.87
N LYS E 144 41.58 0.05 -27.06
CA LYS E 144 41.78 1.39 -26.53
C LYS E 144 41.85 1.40 -24.99
N ILE E 145 41.03 0.59 -24.32
CA ILE E 145 41.06 0.50 -22.85
C ILE E 145 42.38 -0.10 -22.40
N ALA E 146 42.88 -1.10 -23.11
CA ALA E 146 44.14 -1.74 -22.75
C ALA E 146 45.36 -0.98 -23.26
N GLY E 147 45.16 0.08 -24.03
CA GLY E 147 46.27 0.87 -24.58
C GLY E 147 47.01 0.20 -25.72
N VAL E 148 46.38 -0.80 -26.34
CA VAL E 148 46.98 -1.55 -27.44
C VAL E 148 46.50 -0.98 -28.77
N LYS E 149 47.40 -0.93 -29.75
CA LYS E 149 47.09 -0.41 -31.09
C LYS E 149 46.61 -1.58 -31.93
N LEU E 150 45.50 -1.38 -32.62
CA LEU E 150 44.91 -2.43 -33.43
C LEU E 150 45.32 -2.11 -34.87
N ILE E 151 45.98 -3.06 -35.54
CA ILE E 151 46.48 -2.89 -36.91
C ILE E 151 45.61 -3.64 -37.92
N PRO E 152 45.01 -2.92 -38.90
CA PRO E 152 44.14 -3.59 -39.86
C PRO E 152 44.85 -4.31 -41.02
N VAL E 153 44.30 -5.46 -41.37
CA VAL E 153 44.77 -6.27 -42.48
C VAL E 153 43.54 -6.40 -43.35
N THR E 154 43.44 -5.53 -44.36
CA THR E 154 42.29 -5.47 -45.25
C THR E 154 41.98 -6.71 -46.08
N ARG E 155 40.69 -7.03 -46.13
CA ARG E 155 40.16 -8.16 -46.90
C ARG E 155 39.14 -7.55 -47.83
N ARG E 156 39.01 -8.14 -49.02
CA ARG E 156 38.09 -7.62 -50.03
C ARG E 156 36.92 -8.54 -50.29
N MSE E 157 35.76 -7.94 -50.56
CA MSE E 157 34.54 -8.71 -50.83
C MSE E 157 34.71 -9.51 -52.12
O MSE E 157 34.26 -10.66 -52.20
CB MSE E 157 33.34 -7.78 -50.96
CG MSE E 157 32.00 -8.51 -51.11
SE MSE E 157 30.40 -7.33 -51.13
CE MSE E 157 30.67 -6.38 -49.48
N GLU E 158 35.39 -8.92 -53.09
CA GLU E 158 35.63 -9.58 -54.37
C GLU E 158 36.59 -10.79 -54.29
N GLU E 159 37.31 -10.91 -53.19
CA GLU E 159 38.21 -12.01 -52.96
C GLU E 159 37.51 -12.99 -51.98
N GLY E 160 36.23 -12.73 -51.68
CA GLY E 160 35.45 -13.54 -50.75
C GLY E 160 35.91 -13.33 -49.32
N PHE E 161 36.43 -12.13 -49.03
CA PHE E 161 36.95 -11.78 -47.71
C PHE E 161 37.93 -12.84 -47.18
N ALA E 162 38.84 -13.27 -48.06
CA ALA E 162 39.83 -14.28 -47.69
C ALA E 162 40.98 -13.63 -46.94
N ILE E 163 41.80 -14.46 -46.32
CA ILE E 163 42.97 -14.02 -45.58
C ILE E 163 43.96 -13.57 -46.65
N PRO E 164 44.39 -12.29 -46.62
CA PRO E 164 45.31 -11.85 -47.68
C PRO E 164 46.69 -12.48 -47.58
N GLN E 165 47.35 -12.60 -48.72
CA GLN E 165 48.68 -13.20 -48.80
C GLN E 165 49.80 -12.33 -48.21
N ASN E 166 49.51 -11.05 -48.03
CA ASN E 166 50.47 -10.09 -47.49
C ASN E 166 50.36 -9.95 -45.97
N LEU E 167 49.78 -10.95 -45.29
CA LEU E 167 49.59 -10.92 -43.83
C LEU E 167 50.86 -10.76 -43.01
N GLU E 168 51.90 -11.52 -43.39
CA GLU E 168 53.18 -11.47 -42.68
C GLU E 168 53.91 -10.13 -42.77
N SER E 169 53.66 -9.35 -43.83
CA SER E 169 54.31 -8.06 -44.01
C SER E 169 53.92 -7.01 -42.96
N PHE E 170 52.76 -7.19 -42.32
CA PHE E 170 52.29 -6.28 -41.28
C PHE E 170 52.93 -6.56 -39.91
N ILE E 171 53.63 -7.68 -39.77
CA ILE E 171 54.28 -8.06 -38.52
C ILE E 171 55.57 -7.28 -38.30
N ASN E 172 55.80 -6.85 -37.05
CA ASN E 172 56.99 -6.11 -36.67
C ASN E 172 57.36 -6.43 -35.22
N GLU E 173 58.36 -5.73 -34.67
CA GLU E 173 58.81 -5.96 -33.29
C GLU E 173 57.73 -5.70 -32.24
N ARG E 174 56.78 -4.81 -32.54
CA ARG E 174 55.71 -4.49 -31.60
C ARG E 174 54.45 -5.34 -31.74
N THR E 175 54.40 -6.19 -32.77
CA THR E 175 53.25 -7.08 -32.99
C THR E 175 53.25 -8.20 -31.95
N LYS E 176 52.14 -8.35 -31.22
CA LYS E 176 52.02 -9.38 -30.19
C LYS E 176 50.92 -10.41 -30.42
N GLY E 177 50.04 -10.18 -31.39
CA GLY E 177 48.97 -11.13 -31.64
C GLY E 177 48.13 -10.83 -32.85
N ILE E 178 47.19 -11.73 -33.11
CA ILE E 178 46.26 -11.65 -34.21
C ILE E 178 44.88 -11.96 -33.64
N VAL E 179 43.87 -11.20 -34.05
CA VAL E 179 42.53 -11.44 -33.54
C VAL E 179 41.51 -11.42 -34.69
N LEU E 180 40.53 -12.32 -34.60
CA LEU E 180 39.48 -12.41 -35.60
C LEU E 180 38.32 -13.18 -35.02
N SER E 181 37.20 -13.17 -35.73
CA SER E 181 36.02 -13.92 -35.34
C SER E 181 35.79 -15.00 -36.39
N ASN E 182 35.33 -16.17 -35.94
CA ASN E 182 35.07 -17.31 -36.82
C ASN E 182 33.94 -18.13 -36.25
N PRO E 183 32.73 -18.08 -36.85
CA PRO E 183 32.28 -17.33 -38.02
C PRO E 183 32.45 -15.83 -37.78
N CYS E 184 32.72 -15.10 -38.85
CA CYS E 184 32.99 -13.68 -38.77
C CYS E 184 31.81 -12.71 -38.78
N ASN E 185 31.94 -11.65 -37.98
CA ASN E 185 30.98 -10.56 -37.88
C ASN E 185 31.83 -9.42 -38.43
N PRO E 186 31.38 -8.70 -39.47
CA PRO E 186 30.13 -8.73 -40.24
C PRO E 186 30.12 -9.48 -41.58
N THR E 187 31.25 -10.03 -42.00
CA THR E 187 31.35 -10.71 -43.30
C THR E 187 30.60 -12.04 -43.39
N GLY E 188 30.53 -12.76 -42.28
CA GLY E 188 29.87 -14.06 -42.27
C GLY E 188 30.72 -15.17 -42.85
N VAL E 189 32.03 -14.91 -42.99
CA VAL E 189 32.95 -15.91 -43.52
C VAL E 189 33.22 -16.94 -42.45
N VAL E 190 33.51 -18.17 -42.88
CA VAL E 190 33.81 -19.26 -41.98
C VAL E 190 35.11 -19.91 -42.46
N TYR E 191 36.19 -19.70 -41.73
CA TYR E 191 37.47 -20.29 -42.09
C TYR E 191 37.50 -21.74 -41.67
N GLY E 192 37.80 -22.63 -42.63
CA GLY E 192 37.86 -24.06 -42.38
C GLY E 192 39.14 -24.46 -41.68
N LYS E 193 39.27 -25.77 -41.45
CA LYS E 193 40.44 -26.35 -40.77
C LYS E 193 41.76 -25.93 -41.40
N ASP E 194 41.86 -26.04 -42.72
CA ASP E 194 43.09 -25.68 -43.46
C ASP E 194 43.48 -24.22 -43.26
N GLU E 195 42.50 -23.32 -43.41
CA GLU E 195 42.73 -21.88 -43.25
C GLU E 195 43.14 -21.50 -41.83
N MSE E 196 42.57 -22.19 -40.83
CA MSE E 196 42.92 -21.93 -39.42
C MSE E 196 44.31 -22.44 -39.11
O MSE E 196 45.06 -21.78 -38.40
CB MSE E 196 41.92 -22.57 -38.45
CG MSE E 196 40.53 -21.95 -38.44
SE MSE E 196 40.50 -20.02 -38.03
CE MSE E 196 41.29 -20.02 -36.34
N ARG E 197 44.65 -23.62 -39.62
CA ARG E 197 45.98 -24.21 -39.37
C ARG E 197 47.04 -23.24 -39.91
N TYR E 198 46.81 -22.72 -41.11
CA TYR E 198 47.72 -21.75 -41.73
C TYR E 198 47.91 -20.53 -40.83
N LEU E 199 46.81 -20.05 -40.29
CA LEU E 199 46.79 -18.89 -39.43
C LEU E 199 47.51 -19.18 -38.10
N VAL E 200 47.36 -20.41 -37.61
CA VAL E 200 48.03 -20.85 -36.38
C VAL E 200 49.54 -20.99 -36.65
N GLU E 201 49.90 -21.52 -37.82
CA GLU E 201 51.32 -21.68 -38.18
C GLU E 201 52.04 -20.34 -38.21
N ILE E 202 51.38 -19.29 -38.69
CA ILE E 202 51.97 -17.96 -38.73
C ILE E 202 52.18 -17.44 -37.32
N ALA E 203 51.19 -17.65 -36.47
CA ALA E 203 51.26 -17.23 -35.08
C ALA E 203 52.49 -17.83 -34.41
N GLU E 204 52.64 -19.15 -34.55
CA GLU E 204 53.77 -19.87 -33.97
C GLU E 204 55.13 -19.47 -34.53
N ARG E 205 55.22 -19.31 -35.85
CA ARG E 205 56.48 -18.91 -36.49
C ARG E 205 56.99 -17.56 -36.00
N HIS E 206 56.08 -16.62 -35.73
CA HIS E 206 56.43 -15.28 -35.26
C HIS E 206 56.19 -15.03 -33.76
N GLY E 207 55.89 -16.10 -33.01
CA GLY E 207 55.65 -15.99 -31.56
C GLY E 207 54.49 -15.10 -31.17
N LEU E 208 53.41 -15.17 -31.93
CA LEU E 208 52.22 -14.36 -31.68
C LEU E 208 51.07 -15.23 -31.19
N PHE E 209 50.16 -14.63 -30.42
CA PHE E 209 48.99 -15.35 -29.92
C PHE E 209 47.82 -15.13 -30.88
N LEU E 210 47.09 -16.20 -31.16
CA LEU E 210 45.95 -16.15 -32.06
C LEU E 210 44.68 -16.16 -31.24
N ILE E 211 43.97 -15.04 -31.25
CA ILE E 211 42.72 -14.88 -30.53
C ILE E 211 41.57 -15.10 -31.51
N VAL E 212 40.84 -16.22 -31.36
CA VAL E 212 39.75 -16.56 -32.25
C VAL E 212 38.41 -16.44 -31.50
N ASP E 213 37.61 -15.48 -31.93
CA ASP E 213 36.30 -15.21 -31.33
C ASP E 213 35.26 -16.13 -31.99
N GLU E 214 34.88 -17.20 -31.28
CA GLU E 214 33.94 -18.21 -31.78
C GLU E 214 32.52 -18.13 -31.21
N VAL E 215 32.07 -16.91 -30.97
CA VAL E 215 30.74 -16.65 -30.42
C VAL E 215 29.61 -17.16 -31.32
N TYR E 216 29.81 -17.13 -32.63
CA TYR E 216 28.79 -17.61 -33.58
C TYR E 216 28.92 -19.06 -34.01
N SER E 217 29.82 -19.84 -33.39
CA SER E 217 29.94 -21.25 -33.76
C SER E 217 28.59 -21.82 -33.43
N GLU E 218 28.13 -22.77 -34.25
CA GLU E 218 26.81 -23.40 -34.13
C GLU E 218 25.89 -22.77 -35.18
N ILE E 219 26.11 -21.48 -35.49
CA ILE E 219 25.36 -20.77 -36.52
C ILE E 219 26.27 -20.85 -37.76
N VAL E 220 26.37 -22.07 -38.29
CA VAL E 220 27.18 -22.38 -39.46
C VAL E 220 26.28 -23.05 -40.47
N PHE E 221 26.35 -22.62 -41.73
CA PHE E 221 25.50 -23.16 -42.77
C PHE E 221 26.27 -23.96 -43.83
N ARG E 222 27.33 -23.37 -44.34
CA ARG E 222 28.20 -23.96 -45.37
C ARG E 222 29.45 -24.52 -44.73
N GLY E 223 29.94 -25.64 -45.26
CA GLY E 223 31.16 -26.25 -44.76
C GLY E 223 31.10 -26.85 -43.37
N GLU E 224 32.21 -27.48 -42.98
CA GLU E 224 32.35 -28.10 -41.67
C GLU E 224 33.17 -27.15 -40.80
N PHE E 225 32.56 -26.62 -39.75
CA PHE E 225 33.26 -25.69 -38.86
C PHE E 225 34.23 -26.42 -37.95
N ALA E 226 35.43 -25.87 -37.80
CA ALA E 226 36.47 -26.43 -36.95
C ALA E 226 36.93 -25.37 -35.98
N SER E 227 36.79 -25.66 -34.69
CA SER E 227 37.23 -24.73 -33.65
C SER E 227 38.75 -24.59 -33.70
N ALA E 228 39.26 -23.42 -33.34
CA ALA E 228 40.71 -23.20 -33.35
C ALA E 228 41.41 -24.14 -32.37
N LEU E 229 40.68 -24.56 -31.34
CA LEU E 229 41.20 -25.50 -30.34
C LEU E 229 41.41 -26.89 -30.94
N SER E 230 40.76 -27.18 -32.07
CA SER E 230 40.90 -28.45 -32.76
C SER E 230 42.37 -28.62 -33.19
N ILE E 231 43.06 -27.51 -33.42
CA ILE E 231 44.47 -27.48 -33.78
C ILE E 231 45.19 -27.24 -32.46
N GLU E 232 45.73 -28.30 -31.84
CA GLU E 232 46.39 -28.13 -30.55
C GLU E 232 47.71 -27.36 -30.63
N SER E 233 47.62 -26.11 -30.17
CA SER E 233 48.71 -25.15 -30.13
C SER E 233 48.65 -24.36 -28.83
N ASP E 234 49.83 -23.97 -28.34
CA ASP E 234 49.91 -23.18 -27.12
C ASP E 234 49.70 -21.69 -27.35
N LYS E 235 49.49 -21.29 -28.60
CA LYS E 235 49.29 -19.89 -28.92
C LYS E 235 47.86 -19.53 -29.32
N VAL E 236 46.94 -20.50 -29.23
CA VAL E 236 45.54 -20.27 -29.56
C VAL E 236 44.72 -19.95 -28.31
N VAL E 237 43.91 -18.90 -28.42
CA VAL E 237 43.01 -18.50 -27.35
C VAL E 237 41.64 -18.36 -28.00
N VAL E 238 40.68 -19.13 -27.52
CA VAL E 238 39.32 -19.08 -28.05
C VAL E 238 38.40 -18.32 -27.09
N ILE E 239 37.53 -17.48 -27.66
CA ILE E 239 36.57 -16.68 -26.91
C ILE E 239 35.21 -17.19 -27.32
N ASP E 240 34.35 -17.41 -26.34
CA ASP E 240 33.01 -17.89 -26.64
C ASP E 240 32.06 -17.22 -25.66
N SER E 241 30.77 -17.36 -25.91
CA SER E 241 29.76 -16.74 -25.09
C SER E 241 28.40 -17.41 -25.22
N VAL E 242 27.53 -17.13 -24.26
CA VAL E 242 26.18 -17.67 -24.29
C VAL E 242 25.26 -16.66 -25.01
N SER E 243 25.80 -15.49 -25.35
CA SER E 243 25.02 -14.41 -25.98
C SER E 243 24.24 -14.73 -27.25
N1 LLP E 244 32.17 -11.15 -30.73
C2 LLP E 244 31.48 -10.86 -31.88
C2' LLP E 244 32.20 -10.96 -33.20
C3 LLP E 244 30.14 -10.48 -31.83
O3 LLP E 244 29.53 -10.21 -32.86
C4 LLP E 244 29.48 -10.38 -30.59
C4' LLP E 244 28.04 -9.96 -30.52
C5 LLP E 244 30.21 -10.69 -29.44
C6 LLP E 244 31.54 -11.06 -29.50
C5' LLP E 244 29.52 -10.58 -28.12
OP4 LLP E 244 30.24 -10.64 -26.87
P LLP E 244 29.38 -10.78 -25.53
OP1 LLP E 244 27.99 -10.45 -25.91
OP2 LLP E 244 30.04 -9.74 -24.72
OP3 LLP E 244 29.59 -12.16 -25.04
N LLP E 244 24.96 -14.97 -28.35
CA LLP E 244 24.30 -15.19 -29.64
CB LLP E 244 25.26 -14.87 -30.78
CG LLP E 244 26.00 -13.53 -30.67
CD LLP E 244 25.12 -12.32 -30.41
CE LLP E 244 25.89 -11.00 -30.66
NZ LLP E 244 27.27 -10.95 -30.03
C LLP E 244 23.80 -16.63 -29.82
O LLP E 244 22.76 -16.86 -30.45
N LYS E 245 24.55 -17.59 -29.28
CA LYS E 245 24.20 -19.01 -29.37
C LYS E 245 22.86 -19.35 -28.73
N PHE E 246 22.64 -18.83 -27.52
CA PHE E 246 21.40 -19.13 -26.79
C PHE E 246 20.47 -17.93 -26.61
N SER E 247 20.74 -16.82 -27.30
CA SER E 247 19.92 -15.61 -27.17
C SER E 247 19.85 -15.25 -25.68
N ALA E 248 21.03 -15.12 -25.08
CA ALA E 248 21.20 -14.76 -23.68
C ALA E 248 22.21 -13.62 -23.57
N CYS E 249 22.09 -12.65 -24.48
CA CYS E 249 22.95 -11.48 -24.52
C CYS E 249 23.07 -10.75 -23.20
N GLY E 250 21.96 -10.62 -22.48
CA GLY E 250 21.92 -9.94 -21.19
C GLY E 250 22.53 -10.70 -20.03
N ALA E 251 22.94 -11.95 -20.27
CA ALA E 251 23.56 -12.75 -19.23
C ALA E 251 24.97 -12.27 -18.88
N ARG E 252 25.70 -11.81 -19.89
CA ARG E 252 27.07 -11.30 -19.74
C ARG E 252 27.94 -12.41 -19.15
N VAL E 253 27.84 -13.58 -19.77
CA VAL E 253 28.61 -14.75 -19.37
C VAL E 253 29.30 -15.28 -20.62
N GLY E 254 30.62 -15.33 -20.58
CA GLY E 254 31.41 -15.82 -21.69
C GLY E 254 32.62 -16.52 -21.11
N CYS E 255 33.62 -16.76 -21.94
CA CYS E 255 34.82 -17.41 -21.45
C CYS E 255 35.98 -17.23 -22.37
N LEU E 256 37.14 -17.52 -21.80
CA LEU E 256 38.41 -17.48 -22.46
C LEU E 256 38.87 -18.91 -22.29
N ILE E 257 39.17 -19.59 -23.40
CA ILE E 257 39.64 -20.98 -23.34
C ILE E 257 40.99 -21.06 -24.03
N THR E 258 41.94 -21.76 -23.41
CA THR E 258 43.29 -21.91 -23.94
C THR E 258 44.02 -23.03 -23.20
N ARG E 259 44.97 -23.67 -23.88
CA ARG E 259 45.77 -24.75 -23.28
C ARG E 259 47.05 -24.19 -22.68
N ASN E 260 47.30 -22.91 -22.90
CA ASN E 260 48.47 -22.24 -22.37
C ASN E 260 48.18 -21.94 -20.89
N GLU E 261 48.73 -22.78 -20.02
CA GLU E 261 48.55 -22.65 -18.57
C GLU E 261 49.11 -21.35 -18.01
N GLU E 262 50.16 -20.84 -18.62
CA GLU E 262 50.78 -19.59 -18.18
C GLU E 262 49.86 -18.40 -18.49
N LEU E 263 49.31 -18.37 -19.71
CA LEU E 263 48.43 -17.29 -20.13
C LEU E 263 47.19 -17.23 -19.24
N ILE E 264 46.56 -18.38 -19.02
CA ILE E 264 45.36 -18.44 -18.17
C ILE E 264 45.70 -18.02 -16.74
N SER E 265 46.91 -18.37 -16.27
CA SER E 265 47.35 -17.98 -14.93
C SER E 265 47.53 -16.46 -14.84
N HIS E 266 48.01 -15.84 -15.91
CA HIS E 266 48.17 -14.39 -15.94
C HIS E 266 46.80 -13.71 -16.06
N ALA E 267 45.90 -14.30 -16.85
CA ALA E 267 44.54 -13.75 -17.02
C ALA E 267 43.77 -13.85 -15.72
N MSE E 268 44.13 -14.84 -14.89
CA MSE E 268 43.50 -15.04 -13.59
C MSE E 268 43.71 -13.85 -12.66
O MSE E 268 42.82 -13.51 -11.89
CB MSE E 268 44.10 -16.29 -12.93
CG MSE E 268 43.41 -16.71 -11.66
SE MSE E 268 41.63 -17.31 -12.09
CE MSE E 268 42.18 -19.01 -13.05
N LYS E 269 44.90 -13.25 -12.73
CA LYS E 269 45.17 -12.09 -11.90
C LYS E 269 44.23 -10.94 -12.23
N LEU E 270 43.90 -10.78 -13.50
CA LEU E 270 42.97 -9.72 -13.92
C LEU E 270 41.54 -10.06 -13.50
N ALA E 271 41.20 -11.35 -13.56
CA ALA E 271 39.88 -11.83 -13.17
C ALA E 271 39.68 -11.62 -11.66
N GLN E 272 40.76 -11.75 -10.89
CA GLN E 272 40.69 -11.56 -9.43
C GLN E 272 40.47 -10.09 -9.04
N GLY E 273 41.03 -9.15 -9.80
CA GLY E 273 40.85 -7.71 -9.53
C GLY E 273 39.38 -7.31 -9.67
N ARG E 274 38.77 -7.91 -10.68
CA ARG E 274 37.36 -7.77 -11.03
C ARG E 274 36.48 -8.59 -10.06
N LEU E 275 37.08 -9.55 -9.35
CA LEU E 275 36.43 -10.40 -8.34
C LEU E 275 35.71 -11.63 -8.91
N ALA E 276 34.64 -11.41 -9.67
CA ALA E 276 33.89 -12.54 -10.24
C ALA E 276 32.87 -12.13 -11.30
N PRO E 277 32.44 -13.08 -12.15
CA PRO E 277 31.39 -12.76 -13.12
C PRO E 277 30.03 -12.83 -12.38
N PRO E 278 28.89 -12.51 -13.05
CA PRO E 278 27.59 -12.54 -12.36
C PRO E 278 27.16 -13.94 -11.90
N LEU E 279 26.81 -14.09 -10.63
CA LEU E 279 26.43 -15.39 -10.08
C LEU E 279 25.22 -16.07 -10.70
N LEU E 280 24.05 -15.42 -10.64
CA LEU E 280 22.83 -16.03 -11.18
C LEU E 280 22.93 -16.37 -12.66
N GLU E 281 23.60 -15.51 -13.42
CA GLU E 281 23.77 -15.71 -14.85
C GLU E 281 24.64 -16.96 -15.09
N GLN E 282 25.61 -17.22 -14.21
CA GLN E 282 26.46 -18.41 -14.37
C GLN E 282 25.64 -19.66 -14.08
N ILE E 283 24.80 -19.60 -13.04
CA ILE E 283 23.94 -20.72 -12.66
C ILE E 283 23.02 -21.11 -13.82
N GLY E 284 22.43 -20.11 -14.46
CA GLY E 284 21.54 -20.34 -15.59
C GLY E 284 22.28 -20.83 -16.83
N SER E 285 23.51 -20.36 -17.01
CA SER E 285 24.33 -20.75 -18.18
C SER E 285 24.69 -22.24 -18.20
N VAL E 286 24.76 -22.87 -17.02
CA VAL E 286 25.07 -24.29 -16.94
C VAL E 286 23.98 -25.09 -17.66
N GLY E 287 22.74 -24.62 -17.53
CA GLY E 287 21.59 -25.25 -18.17
C GLY E 287 21.60 -25.06 -19.67
N LEU E 288 21.98 -23.86 -20.12
CA LEU E 288 22.05 -23.57 -21.56
C LEU E 288 23.08 -24.45 -22.25
N LEU E 289 24.26 -24.56 -21.64
CA LEU E 289 25.34 -25.38 -22.20
C LEU E 289 25.05 -26.87 -22.25
N ASN E 290 24.11 -27.37 -21.44
CA ASN E 290 23.75 -28.79 -21.45
C ASN E 290 22.60 -29.10 -22.42
N LEU E 291 22.12 -28.10 -23.16
CA LEU E 291 21.03 -28.31 -24.12
C LEU E 291 21.39 -29.36 -25.16
N ASP E 292 20.38 -30.14 -25.55
CA ASP E 292 20.55 -31.21 -26.53
C ASP E 292 20.75 -30.72 -27.97
N ASP E 293 21.05 -31.67 -28.85
CA ASP E 293 21.28 -31.38 -30.28
C ASP E 293 20.10 -30.73 -30.98
N SER E 294 18.88 -31.15 -30.63
CA SER E 294 17.67 -30.59 -31.22
C SER E 294 17.62 -29.06 -31.13
N PHE E 295 18.03 -28.52 -29.99
CA PHE E 295 18.03 -27.09 -29.80
C PHE E 295 18.93 -26.38 -30.82
N PHE E 296 20.15 -26.86 -30.97
CA PHE E 296 21.09 -26.23 -31.90
C PHE E 296 20.64 -26.37 -33.35
N ASP E 297 19.98 -27.49 -33.66
CA ASP E 297 19.46 -27.71 -35.01
C ASP E 297 18.40 -26.64 -35.31
N PHE E 298 17.54 -26.36 -34.33
CA PHE E 298 16.49 -25.36 -34.50
C PHE E 298 17.06 -23.96 -34.70
N VAL E 299 18.06 -23.60 -33.91
CA VAL E 299 18.68 -22.28 -34.00
C VAL E 299 19.38 -22.12 -35.34
N ARG E 300 20.22 -23.09 -35.69
CA ARG E 300 20.95 -23.05 -36.95
C ARG E 300 20.00 -22.92 -38.16
N GLU E 301 18.96 -23.74 -38.20
CA GLU E 301 18.02 -23.71 -39.31
C GLU E 301 17.12 -22.48 -39.31
N THR E 302 16.83 -21.91 -38.15
CA THR E 302 16.02 -20.71 -38.10
C THR E 302 16.82 -19.62 -38.82
N TYR E 303 18.08 -19.45 -38.44
CA TYR E 303 18.92 -18.45 -39.08
C TYR E 303 19.23 -18.74 -40.54
N ARG E 304 19.28 -20.01 -40.92
CA ARG E 304 19.56 -20.37 -42.31
C ARG E 304 18.44 -19.84 -43.20
N GLU E 305 17.20 -20.15 -42.83
CA GLU E 305 16.03 -19.72 -43.60
C GLU E 305 15.90 -18.21 -43.66
N ARG E 306 16.30 -17.53 -42.58
CA ARG E 306 16.24 -16.06 -42.54
C ARG E 306 17.27 -15.46 -43.50
N VAL E 307 18.51 -15.93 -43.41
CA VAL E 307 19.56 -15.46 -44.29
C VAL E 307 19.17 -15.70 -45.74
N GLU E 308 18.70 -16.90 -46.05
CA GLU E 308 18.27 -17.25 -47.42
C GLU E 308 17.18 -16.29 -47.92
N THR E 309 16.22 -15.98 -47.05
CA THR E 309 15.12 -15.08 -47.40
C THR E 309 15.64 -13.72 -47.84
N VAL E 310 16.56 -13.16 -47.07
CA VAL E 310 17.14 -11.85 -47.37
C VAL E 310 17.95 -11.91 -48.67
N LEU E 311 18.78 -12.95 -48.83
CA LEU E 311 19.59 -13.13 -50.04
C LEU E 311 18.72 -13.16 -51.30
N LYS E 312 17.60 -13.88 -51.23
CA LYS E 312 16.68 -13.97 -52.36
C LYS E 312 16.06 -12.60 -52.66
N LYS E 313 15.63 -11.89 -51.62
CA LYS E 313 15.01 -10.57 -51.83
C LYS E 313 15.99 -9.54 -52.37
N LEU E 314 17.25 -9.59 -51.95
CA LEU E 314 18.25 -8.67 -52.45
C LEU E 314 18.52 -8.96 -53.93
N GLU E 315 18.59 -10.26 -54.30
CA GLU E 315 18.85 -10.62 -55.71
C GLU E 315 17.65 -10.23 -56.59
N GLU E 316 16.43 -10.47 -56.11
CA GLU E 316 15.21 -10.14 -56.88
C GLU E 316 15.06 -8.66 -57.16
N HIS E 317 15.60 -7.82 -56.28
CA HIS E 317 15.54 -6.35 -56.45
C HIS E 317 16.73 -5.79 -57.23
N GLY E 318 17.47 -6.64 -57.93
CA GLY E 318 18.60 -6.22 -58.74
C GLY E 318 19.89 -5.86 -58.06
N LEU E 319 19.99 -6.05 -56.74
CA LEU E 319 21.22 -5.71 -56.03
C LEU E 319 22.21 -6.82 -56.40
N LYS E 320 23.38 -6.42 -56.91
CA LYS E 320 24.41 -7.38 -57.35
C LYS E 320 25.50 -7.75 -56.34
N ARG E 321 26.25 -6.75 -55.85
CA ARG E 321 27.35 -7.02 -54.91
C ARG E 321 27.03 -7.18 -53.42
N PHE E 322 26.82 -8.44 -53.03
CA PHE E 322 26.56 -8.79 -51.63
C PHE E 322 27.15 -10.17 -51.37
N THR E 323 27.42 -10.47 -50.11
CA THR E 323 28.03 -11.73 -49.72
C THR E 323 27.07 -12.75 -49.17
N LYS E 324 27.30 -14.01 -49.53
CA LYS E 324 26.51 -15.14 -49.05
C LYS E 324 27.32 -15.67 -47.88
N PRO E 325 26.86 -15.45 -46.63
CA PRO E 325 27.64 -15.91 -45.49
C PRO E 325 27.59 -17.41 -45.24
N SER E 326 28.71 -17.95 -44.76
CA SER E 326 28.82 -19.36 -44.42
C SER E 326 28.42 -19.57 -42.96
N GLY E 327 28.37 -18.48 -42.19
CA GLY E 327 27.99 -18.55 -40.79
C GLY E 327 27.51 -17.22 -40.25
N ALA E 328 27.09 -17.24 -38.99
CA ALA E 328 26.54 -16.05 -38.30
C ALA E 328 25.24 -15.63 -38.97
N PHE E 329 24.67 -14.50 -38.55
CA PHE E 329 23.41 -14.01 -39.13
C PHE E 329 23.50 -12.62 -39.75
N TYR E 330 24.65 -12.29 -40.31
CA TYR E 330 24.85 -10.99 -40.94
C TYR E 330 25.08 -11.11 -42.44
N ILE E 331 24.61 -10.10 -43.16
CA ILE E 331 24.77 -10.03 -44.59
C ILE E 331 25.35 -8.66 -44.90
N THR E 332 26.51 -8.65 -45.55
CA THR E 332 27.19 -7.43 -45.92
C THR E 332 26.94 -7.21 -47.41
N ALA E 333 26.56 -5.99 -47.77
CA ALA E 333 26.24 -5.66 -49.15
C ALA E 333 26.68 -4.27 -49.57
N GLU E 334 27.03 -4.13 -50.84
CA GLU E 334 27.46 -2.87 -51.43
C GLU E 334 26.25 -2.30 -52.16
N LEU E 335 25.87 -1.08 -51.84
CA LEU E 335 24.73 -0.42 -52.47
C LEU E 335 25.24 0.50 -53.57
N PRO E 336 24.37 0.85 -54.54
CA PRO E 336 24.76 1.74 -55.63
C PRO E 336 24.54 3.19 -55.21
N VAL E 337 25.21 3.60 -54.13
CA VAL E 337 25.11 4.95 -53.60
C VAL E 337 26.50 5.48 -53.27
N GLU E 338 26.62 6.81 -53.21
CA GLU E 338 27.90 7.43 -52.89
C GLU E 338 28.28 7.19 -51.43
N ASP E 339 27.34 7.45 -50.52
CA ASP E 339 27.56 7.28 -49.08
C ASP E 339 26.43 6.46 -48.45
N ALA E 340 26.76 5.28 -47.93
CA ALA E 340 25.77 4.40 -47.30
C ALA E 340 25.19 5.00 -46.00
N GLU E 341 26.05 5.64 -45.21
CA GLU E 341 25.63 6.25 -43.95
C GLU E 341 24.63 7.39 -44.18
N GLU E 342 24.74 8.09 -45.30
CA GLU E 342 23.82 9.17 -45.66
C GLU E 342 22.46 8.55 -45.99
N PHE E 343 22.49 7.43 -46.71
CA PHE E 343 21.27 6.71 -47.09
C PHE E 343 20.57 6.10 -45.87
N ALA E 344 21.35 5.60 -44.91
CA ALA E 344 20.78 5.03 -43.70
C ALA E 344 20.02 6.10 -42.93
N ARG E 345 20.61 7.28 -42.81
CA ARG E 345 19.98 8.41 -42.11
C ARG E 345 18.74 8.87 -42.87
N TRP E 346 18.84 8.95 -44.19
CA TRP E 346 17.74 9.37 -45.05
C TRP E 346 16.53 8.44 -44.89
N MSE E 347 16.81 7.16 -44.77
CA MSE E 347 15.79 6.13 -44.60
C MSE E 347 14.90 6.45 -43.39
O MSE E 347 13.68 6.27 -43.45
CB MSE E 347 16.50 4.78 -44.43
CG MSE E 347 15.63 3.56 -44.55
SE MSE E 347 14.62 3.46 -46.21
CE MSE E 347 15.97 3.50 -47.34
N LEU E 348 15.52 6.94 -42.32
CA LEU E 348 14.81 7.31 -41.09
C LEU E 348 14.12 8.67 -41.16
N THR E 349 14.83 9.67 -41.66
CA THR E 349 14.31 11.04 -41.73
C THR E 349 13.32 11.32 -42.86
N ASP E 350 13.75 11.14 -44.11
CA ASP E 350 12.92 11.45 -45.28
C ASP E 350 12.23 10.28 -46.00
N PHE E 351 11.93 9.17 -45.30
CA PHE E 351 11.28 8.03 -45.96
C PHE E 351 10.46 7.09 -45.06
N ASN E 352 9.34 6.61 -45.60
CA ASN E 352 8.45 5.68 -44.89
C ASN E 352 7.39 5.08 -45.82
N MSE E 353 7.53 3.79 -46.14
CA MSE E 353 6.58 3.10 -47.01
C MSE E 353 5.47 2.51 -46.16
O MSE E 353 5.74 1.66 -45.29
CB MSE E 353 7.28 1.98 -47.77
N ASP E 354 4.23 2.96 -46.37
CA ASP E 354 3.06 2.50 -45.61
C ASP E 354 3.33 2.65 -44.10
N GLY E 355 3.91 3.79 -43.73
CA GLY E 355 4.23 4.07 -42.33
C GLY E 355 5.33 3.18 -41.75
N GLU E 356 6.16 2.59 -42.61
CA GLU E 356 7.25 1.71 -42.17
C GLU E 356 8.58 2.10 -42.82
N THR E 357 9.66 1.82 -42.10
CA THR E 357 11.02 2.10 -42.56
C THR E 357 11.93 1.03 -42.03
N THR E 358 13.12 0.89 -42.62
CA THR E 358 14.08 -0.13 -42.19
C THR E 358 15.44 0.49 -41.83
N MSE E 359 15.98 0.07 -40.69
CA MSE E 359 17.29 0.56 -40.25
C MSE E 359 18.40 -0.45 -40.44
O MSE E 359 18.34 -1.55 -39.91
CB MSE E 359 17.36 0.93 -38.77
CG MSE E 359 16.88 2.30 -38.39
SE MSE E 359 17.64 2.74 -36.63
CE MSE E 359 17.08 1.32 -35.67
N VAL E 360 19.43 -0.04 -41.16
CA VAL E 360 20.59 -0.87 -41.42
C VAL E 360 21.83 -0.21 -40.81
N ALA E 361 22.88 -1.00 -40.66
CA ALA E 361 24.13 -0.51 -40.08
C ALA E 361 25.16 -0.19 -41.15
N PRO E 362 25.60 1.09 -41.24
CA PRO E 362 26.63 1.41 -42.23
C PRO E 362 27.89 0.61 -41.88
N LEU E 363 28.57 0.08 -42.88
CA LEU E 363 29.74 -0.74 -42.63
C LEU E 363 31.03 0.05 -42.38
N ARG E 364 31.01 1.38 -42.57
CA ARG E 364 32.24 2.17 -42.38
C ARG E 364 32.81 2.06 -40.96
N GLY E 365 31.95 1.84 -39.97
CA GLY E 365 32.40 1.67 -38.57
C GLY E 365 33.14 0.38 -38.30
N PHE E 366 33.08 -0.57 -39.24
CA PHE E 366 33.77 -1.87 -39.11
C PHE E 366 35.17 -1.89 -39.72
N TYR E 367 35.60 -0.76 -40.29
CA TYR E 367 36.94 -0.64 -40.88
C TYR E 367 37.73 0.42 -40.13
N LEU E 368 39.04 0.20 -40.03
CA LEU E 368 39.96 1.16 -39.42
C LEU E 368 40.56 2.01 -40.53
N THR E 369 40.91 1.37 -41.63
CA THR E 369 41.48 2.05 -42.79
C THR E 369 40.48 3.12 -43.24
N PRO E 370 40.91 4.40 -43.30
CA PRO E 370 39.97 5.43 -43.70
C PRO E 370 39.53 5.31 -45.14
N GLY E 371 38.24 5.53 -45.40
CA GLY E 371 37.67 5.47 -46.74
C GLY E 371 37.01 4.17 -47.13
N LEU E 372 37.34 3.07 -46.46
CA LEU E 372 36.74 1.77 -46.79
C LEU E 372 35.37 1.59 -46.15
N GLY E 373 34.49 0.92 -46.89
CA GLY E 373 33.12 0.66 -46.44
C GLY E 373 32.18 1.86 -46.52
N LYS E 374 32.50 2.82 -47.39
CA LYS E 374 31.66 4.00 -47.55
C LYS E 374 30.30 3.70 -48.17
N LYS E 375 30.27 2.77 -49.12
CA LYS E 375 29.04 2.40 -49.82
C LYS E 375 28.48 1.05 -49.36
N GLU E 376 29.02 0.49 -48.29
CA GLU E 376 28.60 -0.81 -47.81
C GLU E 376 27.74 -0.74 -46.54
N ILE E 377 26.89 -1.75 -46.35
CA ILE E 377 26.02 -1.84 -45.17
C ILE E 377 25.98 -3.27 -44.66
N ARG E 378 25.55 -3.43 -43.40
CA ARG E 378 25.43 -4.74 -42.79
C ARG E 378 23.96 -4.91 -42.40
N ILE E 379 23.42 -6.10 -42.66
CA ILE E 379 22.05 -6.44 -42.35
C ILE E 379 22.08 -7.59 -41.34
N ALA E 380 21.41 -7.42 -40.21
CA ALA E 380 21.34 -8.43 -39.17
C ALA E 380 20.01 -9.16 -39.30
N CYS E 381 20.06 -10.47 -39.49
CA CYS E 381 18.85 -11.28 -39.66
C CYS E 381 18.30 -11.71 -38.31
N VAL E 382 17.79 -10.75 -37.56
CA VAL E 382 17.26 -10.99 -36.21
C VAL E 382 15.73 -10.73 -36.07
N LEU E 383 14.99 -11.04 -37.13
CA LEU E 383 13.53 -10.89 -37.15
C LEU E 383 12.99 -12.15 -37.80
N GLU E 384 11.75 -12.52 -37.50
CA GLU E 384 11.14 -13.71 -38.10
C GLU E 384 11.18 -13.51 -39.62
N LYS E 385 11.40 -14.60 -40.36
CA LYS E 385 11.53 -14.53 -41.84
C LYS E 385 10.52 -13.68 -42.63
N ASP E 386 9.24 -13.71 -42.27
CA ASP E 386 8.24 -12.89 -42.98
C ASP E 386 8.45 -11.38 -42.72
N LEU E 387 8.76 -10.99 -41.48
CA LEU E 387 9.03 -9.58 -41.17
C LEU E 387 10.28 -9.14 -41.91
N LEU E 388 11.30 -10.01 -41.91
CA LEU E 388 12.56 -9.74 -42.62
C LEU E 388 12.31 -9.49 -44.08
N SER E 389 11.49 -10.33 -44.69
CA SER E 389 11.18 -10.18 -46.11
C SER E 389 10.53 -8.81 -46.33
N ARG E 390 9.63 -8.42 -45.44
CA ARG E 390 8.95 -7.13 -45.52
C ARG E 390 9.96 -6.01 -45.31
N ALA E 391 10.83 -6.17 -44.31
CA ALA E 391 11.84 -5.17 -44.01
C ALA E 391 12.75 -4.91 -45.21
N ILE E 392 13.04 -5.95 -45.99
CA ILE E 392 13.90 -5.79 -47.16
C ILE E 392 13.11 -5.12 -48.29
N ASP E 393 11.82 -5.41 -48.41
CA ASP E 393 10.97 -4.78 -49.42
C ASP E 393 10.96 -3.27 -49.21
N VAL E 394 10.82 -2.86 -47.95
CA VAL E 394 10.80 -1.44 -47.56
C VAL E 394 12.15 -0.78 -47.85
N LEU E 395 13.23 -1.50 -47.55
CA LEU E 395 14.57 -1.00 -47.77
C LEU E 395 14.89 -0.79 -49.25
N MSE E 396 14.45 -1.72 -50.10
CA MSE E 396 14.70 -1.62 -51.53
C MSE E 396 13.83 -0.58 -52.22
O MSE E 396 14.27 0.05 -53.18
CB MSE E 396 14.57 -2.99 -52.20
CG MSE E 396 15.56 -4.00 -51.68
SE MSE E 396 17.36 -3.32 -51.81
N GLU E 397 12.60 -0.40 -51.73
CA GLU E 397 11.72 0.61 -52.31
C GLU E 397 12.32 1.99 -51.96
N GLY E 398 12.91 2.09 -50.76
CA GLY E 398 13.56 3.32 -50.31
C GLY E 398 14.83 3.57 -51.12
N LEU E 399 15.56 2.50 -51.43
CA LEU E 399 16.79 2.60 -52.22
C LEU E 399 16.49 3.06 -53.64
N LYS E 400 15.35 2.61 -54.19
CA LYS E 400 14.95 3.00 -55.55
C LYS E 400 14.59 4.49 -55.63
N MSE E 401 13.92 5.00 -54.61
CA MSE E 401 13.52 6.41 -54.59
C MSE E 401 14.70 7.33 -54.36
O MSE E 401 14.78 8.41 -54.95
CB MSE E 401 12.47 6.65 -53.49
N PHE E 402 15.62 6.89 -53.50
CA PHE E 402 16.82 7.66 -53.16
C PHE E 402 17.57 8.13 -54.41
N CYS E 403 17.56 7.35 -55.49
CA CYS E 403 18.25 7.74 -56.73
C CYS E 403 17.73 6.99 -57.93
N VAL F 15 56.00 -13.72 -25.52
CA VAL F 15 56.21 -13.06 -24.20
C VAL F 15 54.96 -12.27 -23.80
N PHE F 16 54.62 -12.34 -22.50
CA PHE F 16 53.45 -11.67 -21.96
C PHE F 16 53.76 -10.21 -21.64
N SER F 17 52.72 -9.44 -21.36
CA SER F 17 52.87 -8.03 -21.06
C SER F 17 53.53 -7.78 -19.70
N ASP F 18 54.30 -6.70 -19.60
CA ASP F 18 54.98 -6.31 -18.35
C ASP F 18 53.94 -6.15 -17.26
N ARG F 19 52.85 -5.53 -17.67
CA ARG F 19 51.67 -5.30 -16.87
C ARG F 19 51.33 -6.49 -15.98
N VAL F 20 51.35 -7.68 -16.55
CA VAL F 20 51.00 -8.89 -15.82
C VAL F 20 52.23 -9.71 -15.29
N LEU F 21 53.40 -9.48 -15.88
CA LEU F 21 54.63 -10.16 -15.43
C LEU F 21 55.13 -9.57 -14.10
N LEU F 22 55.02 -8.25 -13.95
CA LEU F 22 55.45 -7.55 -12.74
C LEU F 22 54.50 -7.75 -11.57
N THR F 23 53.25 -8.12 -11.86
CA THR F 23 52.24 -8.33 -10.82
C THR F 23 52.44 -9.66 -10.07
N GLU F 24 52.87 -9.57 -8.80
CA GLU F 24 53.06 -10.76 -7.95
C GLU F 24 51.65 -11.05 -7.46
N GLU F 25 51.36 -12.29 -7.04
CA GLU F 25 49.99 -12.60 -6.59
C GLU F 25 49.74 -12.06 -5.17
N SER F 26 48.49 -11.68 -4.92
CA SER F 26 48.06 -11.13 -3.64
C SER F 26 48.47 -11.95 -2.41
N PRO F 27 49.03 -11.28 -1.37
CA PRO F 27 49.39 -11.97 -0.13
C PRO F 27 48.23 -12.75 0.48
N ILE F 28 47.00 -12.29 0.24
CA ILE F 28 45.80 -12.97 0.73
C ILE F 28 45.63 -14.26 -0.06
N ARG F 29 45.70 -14.16 -1.38
CA ARG F 29 45.55 -15.34 -2.24
C ARG F 29 46.66 -16.36 -2.04
N LYS F 30 47.85 -15.90 -1.66
CA LYS F 30 48.98 -16.80 -1.41
C LYS F 30 48.76 -17.70 -0.16
N LEU F 31 47.76 -17.36 0.66
CA LEU F 31 47.42 -18.13 1.86
C LEU F 31 46.36 -19.21 1.58
N VAL F 32 45.69 -19.14 0.43
CA VAL F 32 44.67 -20.11 0.04
C VAL F 32 45.18 -21.57 -0.02
N PRO F 33 46.36 -21.80 -0.62
CA PRO F 33 46.86 -23.17 -0.66
C PRO F 33 47.08 -23.75 0.74
N PHE F 34 47.56 -22.91 1.66
CA PHE F 34 47.80 -23.34 3.04
C PHE F 34 46.47 -23.57 3.79
N ALA F 35 45.47 -22.78 3.42
CA ALA F 35 44.13 -22.89 4.01
C ALA F 35 43.45 -24.19 3.56
N GLU F 36 43.51 -24.46 2.25
CA GLU F 36 42.93 -25.66 1.67
C GLU F 36 43.53 -26.91 2.33
N MSE F 37 44.86 -26.90 2.56
CA MSE F 37 45.52 -28.04 3.19
C MSE F 37 45.13 -28.19 4.66
O MSE F 37 45.22 -29.29 5.23
CB MSE F 37 47.05 -28.01 3.00
CG MSE F 37 47.80 -26.90 3.71
N ALA F 38 44.71 -27.10 5.30
CA ALA F 38 44.26 -27.13 6.70
C ALA F 38 42.88 -27.76 6.82
N LYS F 39 41.99 -27.48 5.85
CA LYS F 39 40.64 -28.05 5.83
C LYS F 39 40.75 -29.57 5.66
N LYS F 40 41.73 -30.02 4.88
CA LYS F 40 41.95 -31.46 4.66
C LYS F 40 42.29 -32.15 5.97
N ARG F 41 43.01 -31.45 6.85
CA ARG F 41 43.39 -31.98 8.17
C ARG F 41 42.23 -31.96 9.18
N GLY F 42 41.08 -31.42 8.78
CA GLY F 42 39.90 -31.37 9.64
C GLY F 42 39.92 -30.16 10.57
N VAL F 43 40.12 -28.98 10.00
CA VAL F 43 40.17 -27.74 10.78
C VAL F 43 39.12 -26.76 10.28
N ARG F 44 38.29 -26.28 11.21
CA ARG F 44 37.25 -25.32 10.88
C ARG F 44 37.92 -23.95 10.87
N ILE F 45 37.97 -23.31 9.71
CA ILE F 45 38.62 -22.01 9.59
C ILE F 45 37.62 -20.85 9.64
N HIS F 46 37.92 -19.83 10.45
CA HIS F 46 37.08 -18.64 10.55
C HIS F 46 37.66 -17.58 9.58
N HIS F 47 36.96 -17.37 8.47
CA HIS F 47 37.42 -16.42 7.45
C HIS F 47 37.12 -14.96 7.75
N LEU F 48 38.16 -14.23 8.19
CA LEU F 48 38.04 -12.80 8.46
C LEU F 48 38.95 -12.04 7.50
N ASN F 49 39.34 -12.71 6.42
CA ASN F 49 40.26 -12.16 5.42
C ASN F 49 39.61 -11.60 4.17
N ILE F 50 38.34 -11.90 3.94
CA ILE F 50 37.63 -11.45 2.73
C ILE F 50 36.45 -10.57 3.08
N GLY F 51 36.20 -9.56 2.25
CA GLY F 51 35.09 -8.65 2.46
C GLY F 51 33.78 -9.12 1.88
N GLN F 52 33.50 -10.42 2.00
CA GLN F 52 32.26 -11.02 1.49
C GLN F 52 31.21 -11.01 2.60
N PRO F 53 30.18 -10.16 2.47
CA PRO F 53 29.15 -10.15 3.51
C PRO F 53 28.43 -11.50 3.64
N ASP F 54 28.05 -11.87 4.86
CA ASP F 54 27.34 -13.13 5.11
C ASP F 54 25.83 -12.92 5.23
N LEU F 55 25.39 -11.66 5.17
CA LEU F 55 23.98 -11.35 5.32
C LEU F 55 23.15 -11.84 4.13
N LYS F 56 21.92 -12.27 4.42
CA LYS F 56 21.01 -12.76 3.38
C LYS F 56 20.67 -11.63 2.44
N THR F 57 20.68 -11.91 1.15
CA THR F 57 20.33 -10.91 0.15
C THR F 57 18.82 -10.69 0.31
N PRO F 58 18.37 -9.42 0.42
CA PRO F 58 16.94 -9.18 0.58
C PRO F 58 16.08 -9.88 -0.49
N GLU F 59 14.96 -10.47 -0.08
CA GLU F 59 14.08 -11.21 -0.98
C GLU F 59 13.54 -10.40 -2.17
N VAL F 60 13.40 -9.09 -1.99
CA VAL F 60 12.90 -8.21 -3.04
C VAL F 60 13.71 -8.35 -4.34
N PHE F 61 15.01 -8.62 -4.20
CA PHE F 61 15.89 -8.82 -5.35
C PHE F 61 15.42 -9.98 -6.22
N PHE F 62 15.07 -11.09 -5.58
CA PHE F 62 14.61 -12.28 -6.32
C PHE F 62 13.19 -12.11 -6.81
N GLU F 63 12.33 -11.48 -5.98
CA GLU F 63 10.93 -11.25 -6.33
C GLU F 63 10.80 -10.43 -7.60
N ARG F 64 11.49 -9.30 -7.67
CA ARG F 64 11.43 -8.44 -8.85
C ARG F 64 11.83 -9.20 -10.11
N ILE F 65 12.90 -9.99 -9.99
CA ILE F 65 13.38 -10.76 -11.11
C ILE F 65 12.31 -11.74 -11.56
N TYR F 66 11.70 -12.45 -10.61
CA TYR F 66 10.65 -13.42 -10.92
C TYR F 66 9.40 -12.77 -11.53
N GLU F 67 9.01 -11.62 -10.99
CA GLU F 67 7.83 -10.90 -11.47
C GLU F 67 8.03 -10.27 -12.84
N ASN F 68 9.26 -9.88 -13.18
CA ASN F 68 9.56 -9.26 -14.46
C ASN F 68 10.50 -10.10 -15.31
N LYS F 69 10.19 -11.39 -15.41
CA LYS F 69 11.01 -12.30 -16.22
C LYS F 69 10.78 -11.94 -17.68
N PRO F 70 11.84 -11.50 -18.39
CA PRO F 70 11.65 -11.17 -19.79
C PRO F 70 11.71 -12.43 -20.66
N GLU F 71 10.98 -12.44 -21.76
CA GLU F 71 10.97 -13.59 -22.65
C GLU F 71 12.34 -13.77 -23.33
N VAL F 72 13.03 -12.65 -23.56
CA VAL F 72 14.35 -12.65 -24.17
C VAL F 72 15.32 -11.92 -23.25
N VAL F 73 16.41 -12.57 -22.85
CA VAL F 73 17.41 -11.94 -21.99
C VAL F 73 18.30 -11.12 -22.93
N TYR F 74 17.85 -9.91 -23.22
CA TYR F 74 18.52 -8.97 -24.16
C TYR F 74 19.57 -8.02 -23.56
N TYR F 75 20.36 -7.39 -24.42
CA TYR F 75 21.33 -6.39 -23.96
C TYR F 75 20.50 -5.16 -23.63
N SER F 76 20.64 -4.62 -22.43
CA SER F 76 19.89 -3.42 -22.06
C SER F 76 20.59 -2.24 -22.71
N HIS F 77 20.07 -1.04 -22.47
CA HIS F 77 20.69 0.18 -22.98
C HIS F 77 22.05 0.16 -22.32
N SER F 78 23.10 0.60 -23.03
CA SER F 78 24.47 0.59 -22.49
C SER F 78 24.64 1.27 -21.14
N ALA F 79 23.94 2.36 -20.90
CA ALA F 79 24.02 3.06 -19.61
C ALA F 79 23.24 2.35 -18.50
N GLY F 80 22.46 1.33 -18.87
CA GLY F 80 21.66 0.56 -17.93
C GLY F 80 20.20 0.76 -18.19
N ILE F 81 19.36 -0.09 -17.58
CA ILE F 81 17.92 0.03 -17.74
C ILE F 81 17.53 1.38 -17.16
N TRP F 82 16.67 2.12 -17.86
CA TRP F 82 16.25 3.44 -17.40
C TRP F 82 15.74 3.44 -15.97
N GLU F 83 14.93 2.44 -15.58
CA GLU F 83 14.43 2.36 -14.21
C GLU F 83 15.51 2.27 -13.16
N LEU F 84 16.59 1.54 -13.48
CA LEU F 84 17.69 1.37 -12.54
C LEU F 84 18.44 2.68 -12.39
N ARG F 85 18.54 3.43 -13.48
CA ARG F 85 19.21 4.72 -13.44
C ARG F 85 18.39 5.65 -12.55
N GLU F 86 17.07 5.53 -12.65
CA GLU F 86 16.15 6.28 -11.80
C GLU F 86 16.24 5.79 -10.35
N ALA F 87 16.39 4.48 -10.15
CA ALA F 87 16.52 3.88 -8.83
C ALA F 87 17.75 4.39 -8.11
N PHE F 88 18.89 4.46 -8.81
CA PHE F 88 20.11 5.02 -8.20
C PHE F 88 19.92 6.50 -7.90
N ALA F 89 19.32 7.24 -8.84
CA ALA F 89 19.08 8.69 -8.65
C ALA F 89 18.23 8.93 -7.40
N SER F 90 17.13 8.20 -7.27
CA SER F 90 16.24 8.31 -6.13
C SER F 90 16.91 7.95 -4.83
N TYR F 91 17.74 6.92 -4.86
CA TYR F 91 18.46 6.49 -3.67
C TYR F 91 19.29 7.65 -3.14
N TYR F 92 20.08 8.28 -4.01
CA TYR F 92 20.92 9.43 -3.61
C TYR F 92 20.15 10.62 -3.04
N LYS F 93 18.97 10.87 -3.58
CA LYS F 93 18.13 11.97 -3.11
C LYS F 93 17.50 11.62 -1.76
N ARG F 94 16.93 10.43 -1.68
CA ARG F 94 16.25 9.96 -0.49
C ARG F 94 17.17 9.61 0.67
N ARG F 95 18.28 8.93 0.40
CA ARG F 95 19.24 8.53 1.45
C ARG F 95 20.48 9.41 1.63
N GLN F 96 21.10 9.85 0.53
CA GLN F 96 22.32 10.68 0.62
C GLN F 96 22.01 12.19 0.56
N ARG F 97 20.73 12.56 0.37
CA ARG F 97 20.30 13.95 0.27
C ARG F 97 21.08 14.74 -0.79
N VAL F 98 21.27 14.09 -1.93
CA VAL F 98 21.99 14.65 -3.07
C VAL F 98 21.07 14.66 -4.28
N ASP F 99 21.02 15.79 -4.99
CA ASP F 99 20.17 15.91 -6.16
C ASP F 99 20.91 15.38 -7.39
N VAL F 100 20.55 14.17 -7.81
CA VAL F 100 21.13 13.50 -8.96
C VAL F 100 20.02 13.17 -9.94
N LYS F 101 20.29 13.32 -11.23
CA LYS F 101 19.31 13.02 -12.25
C LYS F 101 19.72 11.68 -12.87
N PRO F 102 18.76 10.92 -13.44
CA PRO F 102 19.14 9.65 -14.04
C PRO F 102 20.21 9.80 -15.12
N GLU F 103 20.22 10.93 -15.82
CA GLU F 103 21.19 11.23 -16.86
C GLU F 103 22.62 11.28 -16.32
N ASN F 104 22.78 11.50 -15.01
CA ASN F 104 24.08 11.55 -14.34
C ASN F 104 24.60 10.17 -13.94
N VAL F 105 23.76 9.14 -14.06
CA VAL F 105 24.11 7.78 -13.66
C VAL F 105 24.42 6.88 -14.85
N LEU F 106 25.50 6.13 -14.74
CA LEU F 106 25.91 5.19 -15.78
C LEU F 106 26.03 3.85 -15.06
N VAL F 107 25.14 2.92 -15.36
CA VAL F 107 25.20 1.59 -14.71
C VAL F 107 26.32 0.76 -15.30
N THR F 108 27.07 0.10 -14.44
CA THR F 108 28.23 -0.70 -14.83
C THR F 108 28.24 -2.07 -14.15
N ASN F 109 29.17 -2.93 -14.59
CA ASN F 109 29.34 -4.25 -13.99
C ASN F 109 30.06 -4.12 -12.66
N GLY F 110 29.31 -3.73 -11.65
CA GLY F 110 29.82 -3.48 -10.32
C GLY F 110 30.63 -2.20 -10.32
N GLY F 111 31.10 -1.81 -9.13
CA GLY F 111 31.95 -0.65 -8.98
C GLY F 111 33.28 -0.87 -9.69
N SER F 112 33.72 -2.13 -9.77
CA SER F 112 34.97 -2.48 -10.45
C SER F 112 35.09 -1.83 -11.83
N GLU F 113 34.06 -2.02 -12.65
CA GLU F 113 34.08 -1.48 -14.00
C GLU F 113 33.97 0.04 -14.03
N ALA F 114 33.18 0.60 -13.13
CA ALA F 114 33.03 2.05 -13.07
C ALA F 114 34.38 2.70 -12.81
N ILE F 115 35.22 2.03 -12.02
CA ILE F 115 36.56 2.51 -11.70
C ILE F 115 37.44 2.43 -12.94
N LEU F 116 37.39 1.28 -13.61
CA LEU F 116 38.15 1.07 -14.83
C LEU F 116 37.82 2.14 -15.89
N PHE F 117 36.53 2.39 -16.09
CA PHE F 117 36.08 3.41 -17.04
C PHE F 117 36.59 4.79 -16.67
N SER F 118 36.44 5.14 -15.39
CA SER F 118 36.90 6.44 -14.89
C SER F 118 38.37 6.63 -15.20
N PHE F 119 39.17 5.62 -14.89
CA PHE F 119 40.62 5.64 -15.15
C PHE F 119 40.91 5.84 -16.63
N ALA F 120 40.26 5.07 -17.49
CA ALA F 120 40.49 5.15 -18.93
C ALA F 120 40.00 6.45 -19.57
N VAL F 121 38.94 7.03 -19.04
CA VAL F 121 38.39 8.30 -19.56
C VAL F 121 39.24 9.51 -19.20
N ILE F 122 39.80 9.54 -18.00
CA ILE F 122 40.60 10.69 -17.56
C ILE F 122 42.11 10.63 -17.81
N ALA F 123 42.67 9.42 -17.85
CA ALA F 123 44.12 9.25 -18.05
C ALA F 123 44.51 8.44 -19.26
N ASN F 124 45.66 8.78 -19.82
CA ASN F 124 46.25 8.10 -20.97
C ASN F 124 47.17 7.03 -20.43
N PRO F 125 47.56 6.06 -21.27
CA PRO F 125 48.53 5.09 -20.77
C PRO F 125 49.81 5.82 -20.41
N GLY F 126 50.33 5.60 -19.21
CA GLY F 126 51.55 6.28 -18.76
C GLY F 126 51.29 7.47 -17.84
N ASP F 127 50.04 7.94 -17.79
CA ASP F 127 49.65 9.06 -16.93
C ASP F 127 49.55 8.56 -15.49
N GLU F 128 49.39 9.49 -14.57
CA GLU F 128 49.35 9.15 -13.15
C GLU F 128 48.06 9.52 -12.42
N ILE F 129 47.68 8.68 -11.45
CA ILE F 129 46.52 8.90 -10.61
C ILE F 129 46.97 8.71 -9.18
N LEU F 130 46.73 9.72 -8.37
CA LEU F 130 47.10 9.67 -6.97
C LEU F 130 46.13 8.79 -6.20
N VAL F 131 46.66 8.05 -5.23
CA VAL F 131 45.85 7.18 -4.40
C VAL F 131 46.34 7.29 -2.96
N LEU F 132 45.41 7.31 -2.03
CA LEU F 132 45.73 7.42 -0.61
C LEU F 132 45.98 6.02 -0.03
N GLU F 133 47.24 5.78 0.34
CA GLU F 133 47.72 4.50 0.92
C GLU F 133 47.47 4.38 2.42
N PRO F 134 47.08 3.20 2.92
CA PRO F 134 46.81 1.95 2.22
C PRO F 134 45.49 2.06 1.50
N PHE F 135 45.32 1.31 0.44
CA PHE F 135 44.10 1.41 -0.35
C PHE F 135 43.64 0.06 -0.86
N TYR F 136 42.40 0.04 -1.33
CA TYR F 136 41.76 -1.15 -1.90
C TYR F 136 42.61 -1.62 -3.08
N ALA F 137 43.40 -2.66 -2.82
CA ALA F 137 44.34 -3.25 -3.77
C ALA F 137 43.87 -3.42 -5.19
N ASN F 138 42.60 -3.77 -5.37
CA ASN F 138 42.06 -3.97 -6.71
C ASN F 138 42.10 -2.75 -7.65
N TYR F 139 42.27 -1.53 -7.11
CA TYR F 139 42.36 -0.35 -7.98
C TYR F 139 43.60 -0.50 -8.84
N ASN F 140 44.64 -1.10 -8.27
CA ASN F 140 45.88 -1.29 -8.99
C ASN F 140 45.67 -2.20 -10.21
N ALA F 141 44.75 -3.14 -10.09
CA ALA F 141 44.43 -4.07 -11.17
C ALA F 141 43.79 -3.31 -12.34
N PHE F 142 42.85 -2.42 -12.03
CA PHE F 142 42.15 -1.64 -13.07
C PHE F 142 43.12 -0.63 -13.68
N ALA F 143 44.02 -0.10 -12.86
CA ALA F 143 45.03 0.83 -13.34
C ALA F 143 45.94 0.13 -14.35
N LYS F 144 46.41 -1.07 -14.01
CA LYS F 144 47.28 -1.84 -14.90
C LYS F 144 46.59 -2.16 -16.22
N ILE F 145 45.31 -2.51 -16.19
CA ILE F 145 44.56 -2.80 -17.41
C ILE F 145 44.45 -1.57 -18.28
N ALA F 146 44.23 -0.41 -17.67
CA ALA F 146 44.11 0.84 -18.40
C ALA F 146 45.46 1.44 -18.75
N GLY F 147 46.56 0.87 -18.26
CA GLY F 147 47.91 1.38 -18.55
C GLY F 147 48.26 2.65 -17.79
N VAL F 148 47.53 2.91 -16.71
CA VAL F 148 47.72 4.09 -15.88
C VAL F 148 48.59 3.73 -14.66
N LYS F 149 49.47 4.65 -14.29
CA LYS F 149 50.37 4.45 -13.15
C LYS F 149 49.67 5.01 -11.93
N LEU F 150 49.67 4.22 -10.86
CA LEU F 150 48.98 4.61 -9.65
C LEU F 150 50.08 5.10 -8.68
N ILE F 151 49.97 6.34 -8.22
CA ILE F 151 50.97 6.97 -7.34
C ILE F 151 50.50 7.05 -5.89
N PRO F 152 51.21 6.38 -4.97
CA PRO F 152 50.79 6.38 -3.58
C PRO F 152 51.10 7.64 -2.76
N VAL F 153 50.16 8.02 -1.91
CA VAL F 153 50.30 9.15 -1.01
C VAL F 153 50.03 8.52 0.36
N THR F 154 51.13 8.20 1.05
CA THR F 154 51.10 7.52 2.35
C THR F 154 50.39 8.23 3.50
N ARG F 155 49.61 7.45 4.24
CA ARG F 155 48.88 7.92 5.41
C ARG F 155 49.35 7.02 6.53
N ARG F 156 49.38 7.56 7.76
CA ARG F 156 49.86 6.80 8.90
C ARG F 156 48.78 6.57 9.92
N MSE F 157 48.83 5.40 10.56
CA MSE F 157 47.86 5.03 11.59
C MSE F 157 47.94 6.00 12.76
O MSE F 157 46.92 6.38 13.34
CB MSE F 157 48.14 3.62 12.10
CG MSE F 157 47.21 3.19 13.25
SE MSE F 157 47.47 1.37 13.87
CE MSE F 157 46.96 0.41 12.20
N GLU F 158 49.16 6.40 13.09
CA GLU F 158 49.42 7.32 14.17
C GLU F 158 48.81 8.72 13.95
N GLU F 159 48.50 9.05 12.70
CA GLU F 159 47.89 10.32 12.34
C GLU F 159 46.39 10.09 12.10
N GLY F 160 45.89 8.90 12.43
CA GLY F 160 44.49 8.54 12.22
C GLY F 160 44.18 8.40 10.75
N PHE F 161 45.20 8.01 9.96
CA PHE F 161 45.09 7.86 8.51
C PHE F 161 44.47 9.10 7.84
N ALA F 162 44.94 10.27 8.26
CA ALA F 162 44.47 11.54 7.74
C ALA F 162 45.10 11.82 6.39
N ILE F 163 44.50 12.76 5.67
CA ILE F 163 45.00 13.18 4.37
C ILE F 163 46.27 13.96 4.70
N PRO F 164 47.44 13.52 4.19
CA PRO F 164 48.67 14.23 4.51
C PRO F 164 48.77 15.62 3.90
N GLN F 165 49.50 16.50 4.58
CA GLN F 165 49.68 17.88 4.14
C GLN F 165 50.53 18.02 2.89
N ASN F 166 51.35 17.02 2.57
CA ASN F 166 52.20 17.09 1.37
C ASN F 166 51.53 16.49 0.11
N LEU F 167 50.21 16.44 0.09
CA LEU F 167 49.46 15.89 -1.03
C LEU F 167 49.75 16.57 -2.37
N GLU F 168 49.80 17.91 -2.37
CA GLU F 168 50.07 18.67 -3.59
C GLU F 168 51.46 18.44 -4.19
N SER F 169 52.41 18.04 -3.36
CA SER F 169 53.79 17.78 -3.80
C SER F 169 53.91 16.64 -4.80
N PHE F 170 52.97 15.70 -4.75
CA PHE F 170 52.97 14.54 -5.65
C PHE F 170 52.39 14.83 -7.03
N ILE F 171 51.79 16.00 -7.20
CA ILE F 171 51.19 16.39 -8.47
C ILE F 171 52.25 16.85 -9.47
N ASN F 172 52.11 16.42 -10.72
CA ASN F 172 53.02 16.81 -11.80
C ASN F 172 52.26 16.90 -13.13
N GLU F 173 52.95 17.12 -14.24
CA GLU F 173 52.27 17.25 -15.55
C GLU F 173 51.52 15.98 -15.98
N ARG F 174 51.94 14.82 -15.48
CA ARG F 174 51.29 13.55 -15.83
C ARG F 174 50.12 13.17 -14.92
N THR F 175 49.96 13.88 -13.81
CA THR F 175 48.89 13.60 -12.86
C THR F 175 47.54 14.00 -13.46
N LYS F 176 46.59 13.06 -13.50
CA LYS F 176 45.26 13.32 -14.07
C LYS F 176 44.09 13.17 -13.09
N GLY F 177 44.33 12.60 -11.92
CA GLY F 177 43.24 12.42 -10.96
C GLY F 177 43.70 11.92 -9.62
N ILE F 178 42.72 11.79 -8.71
CA ILE F 178 42.91 11.31 -7.36
C ILE F 178 41.81 10.31 -7.12
N VAL F 179 42.13 9.20 -6.47
CA VAL F 179 41.13 8.17 -6.18
C VAL F 179 41.22 7.68 -4.72
N LEU F 180 40.07 7.46 -4.11
CA LEU F 180 39.98 6.97 -2.75
C LEU F 180 38.60 6.42 -2.51
N SER F 181 38.46 5.74 -1.36
CA SER F 181 37.19 5.18 -0.93
C SER F 181 36.75 5.92 0.34
N ASN F 182 35.45 6.17 0.45
CA ASN F 182 34.89 6.87 1.62
C ASN F 182 33.47 6.36 1.86
N PRO F 183 33.24 5.58 2.95
CA PRO F 183 34.19 5.07 3.96
C PRO F 183 35.29 4.26 3.31
N CYS F 184 36.47 4.31 3.90
CA CYS F 184 37.65 3.64 3.36
C CYS F 184 37.87 2.17 3.71
N ASN F 185 38.36 1.43 2.72
CA ASN F 185 38.73 0.04 2.82
C ASN F 185 40.23 0.13 2.55
N PRO F 186 41.07 -0.38 3.47
CA PRO F 186 40.89 -1.11 4.73
C PRO F 186 40.94 -0.34 6.05
N THR F 187 41.20 0.97 6.02
CA THR F 187 41.33 1.76 7.27
C THR F 187 40.03 2.04 8.01
N GLY F 188 38.93 2.14 7.29
CA GLY F 188 37.65 2.42 7.91
C GLY F 188 37.47 3.89 8.27
N VAL F 189 38.30 4.77 7.72
CA VAL F 189 38.17 6.19 7.99
C VAL F 189 37.02 6.72 7.17
N VAL F 190 36.40 7.78 7.69
CA VAL F 190 35.28 8.43 7.04
C VAL F 190 35.60 9.91 7.00
N TYR F 191 35.86 10.43 5.80
CA TYR F 191 36.15 11.82 5.62
C TYR F 191 34.85 12.64 5.59
N GLY F 192 34.77 13.64 6.46
CA GLY F 192 33.59 14.48 6.57
C GLY F 192 33.51 15.51 5.46
N LYS F 193 32.45 16.30 5.50
CA LYS F 193 32.18 17.35 4.52
C LYS F 193 33.39 18.27 4.31
N ASP F 194 33.96 18.77 5.42
CA ASP F 194 35.11 19.66 5.38
C ASP F 194 36.33 19.06 4.67
N GLU F 195 36.65 17.82 5.02
CA GLU F 195 37.79 17.09 4.43
C GLU F 195 37.58 16.82 2.95
N MSE F 196 36.36 16.51 2.57
CA MSE F 196 36.06 16.25 1.16
C MSE F 196 36.11 17.54 0.35
O MSE F 196 36.60 17.52 -0.78
CB MSE F 196 34.72 15.55 0.97
CG MSE F 196 34.66 14.12 1.48
SE MSE F 196 35.90 12.78 0.66
CE MSE F 196 37.55 13.28 1.34
N ARG F 197 35.60 18.63 0.91
CA ARG F 197 35.63 19.90 0.20
C ARG F 197 37.08 20.26 -0.10
N TYR F 198 37.94 20.12 0.90
CA TYR F 198 39.37 20.39 0.75
C TYR F 198 39.97 19.60 -0.39
N LEU F 199 39.58 18.34 -0.45
CA LEU F 199 40.07 17.42 -1.46
C LEU F 199 39.53 17.79 -2.84
N VAL F 200 38.29 18.30 -2.90
CA VAL F 200 37.68 18.74 -4.15
C VAL F 200 38.36 20.04 -4.61
N GLU F 201 38.67 20.92 -3.66
CA GLU F 201 39.34 22.19 -3.97
C GLU F 201 40.69 21.95 -4.62
N ILE F 202 41.41 20.95 -4.15
CA ILE F 202 42.72 20.59 -4.72
C ILE F 202 42.54 20.08 -6.15
N ALA F 203 41.53 19.24 -6.34
CA ALA F 203 41.25 18.69 -7.66
C ALA F 203 41.01 19.81 -8.66
N GLU F 204 40.13 20.75 -8.30
CA GLU F 204 39.79 21.87 -9.16
C GLU F 204 40.96 22.81 -9.45
N ARG F 205 41.75 23.10 -8.41
CA ARG F 205 42.89 23.99 -8.56
C ARG F 205 43.92 23.46 -9.57
N HIS F 206 44.12 22.14 -9.58
CA HIS F 206 45.07 21.49 -10.48
C HIS F 206 44.45 20.77 -11.68
N GLY F 207 43.15 20.98 -11.92
CA GLY F 207 42.44 20.37 -13.04
C GLY F 207 42.42 18.85 -13.04
N LEU F 208 42.26 18.26 -11.86
CA LEU F 208 42.23 16.82 -11.70
C LEU F 208 40.84 16.34 -11.35
N PHE F 209 40.52 15.11 -11.71
CA PHE F 209 39.23 14.50 -11.39
C PHE F 209 39.36 13.76 -10.05
N LEU F 210 38.34 13.88 -9.20
CA LEU F 210 38.32 13.21 -7.91
C LEU F 210 37.35 12.06 -7.98
N ILE F 211 37.90 10.85 -7.92
CA ILE F 211 37.11 9.61 -7.98
C ILE F 211 36.92 9.14 -6.55
N VAL F 212 35.68 9.19 -6.06
CA VAL F 212 35.37 8.78 -4.69
C VAL F 212 34.52 7.52 -4.70
N ASP F 213 35.10 6.44 -4.19
CA ASP F 213 34.43 5.14 -4.13
C ASP F 213 33.59 5.09 -2.86
N GLU F 214 32.27 5.24 -3.01
CA GLU F 214 31.36 5.25 -1.86
C GLU F 214 30.52 3.97 -1.71
N VAL F 215 31.13 2.82 -2.00
CA VAL F 215 30.42 1.54 -1.89
C VAL F 215 29.99 1.21 -0.46
N TYR F 216 30.74 1.69 0.54
CA TYR F 216 30.39 1.46 1.95
C TYR F 216 29.52 2.53 2.60
N SER F 217 29.00 3.49 1.82
CA SER F 217 28.13 4.53 2.41
C SER F 217 26.95 3.72 2.97
N GLU F 218 26.39 4.18 4.08
CA GLU F 218 25.29 3.49 4.81
C GLU F 218 25.90 2.71 5.98
N ILE F 219 27.12 2.22 5.80
CA ILE F 219 27.83 1.50 6.86
C ILE F 219 28.75 2.55 7.50
N VAL F 220 28.13 3.50 8.19
CA VAL F 220 28.81 4.60 8.85
C VAL F 220 28.35 4.58 10.30
N PHE F 221 29.29 4.69 11.24
CA PHE F 221 28.98 4.65 12.67
C PHE F 221 29.20 6.00 13.36
N ARG F 222 30.36 6.60 13.17
CA ARG F 222 30.68 7.89 13.77
C ARG F 222 30.58 9.00 12.73
N GLY F 223 30.19 10.18 13.20
CA GLY F 223 30.05 11.35 12.35
C GLY F 223 28.89 11.31 11.37
N GLU F 224 28.75 12.40 10.63
CA GLU F 224 27.72 12.54 9.60
C GLU F 224 28.42 12.36 8.27
N PHE F 225 28.06 11.31 7.54
CA PHE F 225 28.67 11.05 6.25
C PHE F 225 28.09 12.00 5.19
N ALA F 226 28.96 12.53 4.34
CA ALA F 226 28.57 13.41 3.26
C ALA F 226 29.14 12.86 1.95
N SER F 227 28.26 12.60 0.99
CA SER F 227 28.69 12.11 -0.30
C SER F 227 29.48 13.22 -1.02
N ALA F 228 30.44 12.83 -1.84
CA ALA F 228 31.23 13.81 -2.58
C ALA F 228 30.34 14.65 -3.52
N LEU F 229 29.21 14.07 -3.93
CA LEU F 229 28.25 14.76 -4.79
C LEU F 229 27.54 15.89 -4.04
N SER F 230 27.58 15.87 -2.70
CA SER F 230 26.98 16.95 -1.90
C SER F 230 27.71 18.26 -2.20
N ILE F 231 28.97 18.16 -2.64
CA ILE F 231 29.78 19.31 -3.00
C ILE F 231 29.70 19.39 -4.53
N GLU F 232 28.86 20.29 -5.03
CA GLU F 232 28.65 20.44 -6.47
C GLU F 232 29.92 20.90 -7.19
N SER F 233 30.54 19.96 -7.87
CA SER F 233 31.76 20.17 -8.60
C SER F 233 31.72 19.33 -9.88
N ASP F 234 32.29 19.88 -10.95
CA ASP F 234 32.34 19.23 -12.25
C ASP F 234 33.48 18.20 -12.32
N LYS F 235 34.29 18.10 -11.25
CA LYS F 235 35.43 17.17 -11.18
C LYS F 235 35.25 15.95 -10.30
N VAL F 236 34.07 15.82 -9.69
CA VAL F 236 33.79 14.72 -8.81
C VAL F 236 33.08 13.59 -9.54
N VAL F 237 33.58 12.36 -9.32
CA VAL F 237 32.99 11.16 -9.90
C VAL F 237 32.80 10.21 -8.73
N VAL F 238 31.55 9.82 -8.47
CA VAL F 238 31.27 8.89 -7.39
C VAL F 238 31.00 7.51 -7.94
N ILE F 239 31.52 6.50 -7.24
CA ILE F 239 31.34 5.10 -7.61
C ILE F 239 30.55 4.46 -6.50
N ASP F 240 29.52 3.69 -6.84
CA ASP F 240 28.74 3.04 -5.82
C ASP F 240 28.37 1.67 -6.38
N SER F 241 27.84 0.82 -5.50
CA SER F 241 27.50 -0.53 -5.86
C SER F 241 26.45 -1.13 -4.94
N VAL F 242 25.82 -2.17 -5.44
CA VAL F 242 24.82 -2.94 -4.74
C VAL F 242 25.48 -4.03 -3.89
N SER F 243 26.78 -4.26 -4.10
CA SER F 243 27.54 -5.31 -3.43
C SER F 243 27.57 -5.38 -1.90
N1 LLP F 244 35.49 -0.67 -3.75
C2 LLP F 244 35.83 -1.05 -2.47
C2' LLP F 244 36.51 -0.02 -1.61
C3 LLP F 244 35.55 -2.35 -2.01
O3 LLP F 244 35.86 -2.69 -0.86
C4 LLP F 244 34.91 -3.28 -2.84
C4' LLP F 244 34.58 -4.67 -2.35
C5 LLP F 244 34.58 -2.88 -4.14
C6 LLP F 244 34.87 -1.58 -4.57
C5' LLP F 244 33.91 -3.81 -5.11
OP4 LLP F 244 32.60 -3.48 -5.62
P LLP F 244 31.92 -4.28 -6.84
OP1 LLP F 244 31.67 -5.62 -6.28
OP2 LLP F 244 32.90 -4.26 -7.96
OP3 LLP F 244 30.72 -3.45 -7.04
N LLP F 244 28.20 -4.41 -1.26
CA LLP F 244 28.38 -4.43 0.19
CB LLP F 244 29.63 -3.61 0.57
CG LLP F 244 30.93 -3.86 -0.23
CD LLP F 244 31.37 -5.34 -0.36
CE LLP F 244 32.84 -5.50 -0.86
NZ LLP F 244 33.24 -4.70 -2.09
C LLP F 244 27.17 -3.92 0.97
O LLP F 244 26.83 -4.41 2.06
N LYS F 245 26.52 -2.93 0.37
CA LYS F 245 25.37 -2.27 0.92
C LYS F 245 24.15 -3.20 1.09
N PHE F 246 23.90 -4.05 0.10
CA PHE F 246 22.77 -4.98 0.13
C PHE F 246 23.16 -6.46 0.16
N SER F 247 24.46 -6.75 0.33
CA SER F 247 24.95 -8.13 0.32
C SER F 247 24.51 -8.80 -0.99
N ALA F 248 24.85 -8.14 -2.09
CA ALA F 248 24.52 -8.61 -3.43
C ALA F 248 25.78 -8.50 -4.30
N CYS F 249 26.89 -8.94 -3.73
CA CYS F 249 28.20 -8.95 -4.41
C CYS F 249 28.20 -9.66 -5.75
N GLY F 250 27.48 -10.78 -5.85
CA GLY F 250 27.40 -11.55 -7.08
C GLY F 250 26.55 -10.93 -8.18
N ALA F 251 25.86 -9.84 -7.87
CA ALA F 251 25.03 -9.16 -8.85
C ALA F 251 25.87 -8.46 -9.94
N ARG F 252 27.00 -7.91 -9.55
CA ARG F 252 27.89 -7.21 -10.45
C ARG F 252 27.15 -6.02 -11.08
N VAL F 253 26.50 -5.24 -10.21
CA VAL F 253 25.76 -4.05 -10.61
C VAL F 253 26.25 -2.88 -9.78
N GLY F 254 26.79 -1.87 -10.46
CA GLY F 254 27.27 -0.69 -9.78
C GLY F 254 27.01 0.49 -10.66
N CYS F 255 27.64 1.61 -10.38
CA CYS F 255 27.42 2.77 -11.20
C CYS F 255 28.50 3.82 -11.01
N LEU F 256 28.53 4.70 -12.01
CA LEU F 256 29.42 5.81 -12.06
C LEU F 256 28.45 6.98 -12.05
N ILE F 257 28.62 7.89 -11.11
CA ILE F 257 27.74 9.06 -11.02
C ILE F 257 28.58 10.33 -11.05
N THR F 258 28.18 11.29 -11.88
CA THR F 258 28.90 12.55 -12.01
C THR F 258 28.01 13.57 -12.71
N ARG F 259 28.27 14.84 -12.46
CA ARG F 259 27.54 15.93 -13.10
C ARG F 259 28.22 16.41 -14.36
N ASN F 260 29.42 15.89 -14.63
CA ASN F 260 30.17 16.25 -15.81
C ASN F 260 29.59 15.45 -16.97
N GLU F 261 28.76 16.13 -17.77
CA GLU F 261 28.10 15.51 -18.92
C GLU F 261 29.09 15.03 -19.98
N GLU F 262 30.23 15.71 -20.13
CA GLU F 262 31.22 15.31 -21.11
C GLU F 262 31.89 14.00 -20.67
N LEU F 263 32.24 13.89 -19.40
CA LEU F 263 32.87 12.69 -18.88
C LEU F 263 31.96 11.50 -19.06
N ILE F 264 30.69 11.62 -18.64
CA ILE F 264 29.77 10.49 -18.82
C ILE F 264 29.55 10.16 -20.28
N SER F 265 29.58 11.16 -21.17
CA SER F 265 29.40 10.91 -22.60
C SER F 265 30.62 10.12 -23.11
N HIS F 266 31.81 10.39 -22.57
CA HIS F 266 33.02 9.66 -22.96
C HIS F 266 32.99 8.26 -22.39
N ALA F 267 32.50 8.14 -21.16
CA ALA F 267 32.40 6.87 -20.49
C ALA F 267 31.38 5.98 -21.21
N MSE F 268 30.40 6.61 -21.84
CA MSE F 268 29.38 5.86 -22.54
C MSE F 268 29.92 5.14 -23.78
O MSE F 268 29.42 4.07 -24.14
CB MSE F 268 28.10 6.65 -22.74
CG MSE F 268 27.05 5.77 -23.32
SE MSE F 268 25.52 5.79 -22.23
CE MSE F 268 25.07 7.81 -22.17
N LYS F 269 30.96 5.67 -24.40
CA LYS F 269 31.57 5.00 -25.55
C LYS F 269 32.20 3.68 -25.10
N LEU F 270 32.73 3.66 -23.89
CA LEU F 270 33.35 2.45 -23.34
C LEU F 270 32.26 1.46 -22.94
N ALA F 271 31.16 1.98 -22.40
CA ALA F 271 30.02 1.15 -21.99
C ALA F 271 29.38 0.47 -23.21
N GLN F 272 29.40 1.15 -24.35
CA GLN F 272 28.85 0.63 -25.60
C GLN F 272 29.68 -0.50 -26.18
N GLY F 273 31.01 -0.45 -26.05
CA GLY F 273 31.89 -1.52 -26.56
C GLY F 273 31.60 -2.82 -25.82
N ARG F 274 31.37 -2.66 -24.53
CA ARG F 274 31.04 -3.72 -23.59
C ARG F 274 29.56 -4.20 -23.78
N LEU F 275 28.76 -3.35 -24.43
CA LEU F 275 27.34 -3.60 -24.76
C LEU F 275 26.37 -3.25 -23.64
N ALA F 276 26.42 -3.98 -22.52
CA ALA F 276 25.50 -3.71 -21.40
C ALA F 276 25.86 -4.47 -20.14
N PRO F 277 25.34 -4.03 -18.97
CA PRO F 277 25.55 -4.78 -17.72
C PRO F 277 24.59 -5.98 -17.68
N PRO F 278 24.64 -6.84 -16.65
CA PRO F 278 23.73 -8.01 -16.62
C PRO F 278 22.27 -7.59 -16.44
N LEU F 279 21.38 -8.11 -17.30
CA LEU F 279 19.97 -7.74 -17.26
C LEU F 279 19.20 -8.11 -16.01
N LEU F 280 19.16 -9.39 -15.65
CA LEU F 280 18.41 -9.83 -14.47
C LEU F 280 18.90 -9.18 -13.19
N GLU F 281 20.21 -8.98 -13.08
CA GLU F 281 20.77 -8.33 -11.89
C GLU F 281 20.31 -6.88 -11.80
N GLN F 282 20.15 -6.22 -12.95
CA GLN F 282 19.67 -4.85 -12.97
C GLN F 282 18.21 -4.80 -12.52
N ILE F 283 17.41 -5.75 -12.99
CA ILE F 283 16.00 -5.84 -12.63
C ILE F 283 15.84 -6.01 -11.11
N GLY F 284 16.66 -6.88 -10.52
CA GLY F 284 16.64 -7.12 -9.08
C GLY F 284 17.17 -5.94 -8.27
N SER F 285 18.16 -5.23 -8.81
CA SER F 285 18.75 -4.06 -8.12
C SER F 285 17.76 -2.90 -7.92
N VAL F 286 16.76 -2.78 -8.80
CA VAL F 286 15.76 -1.73 -8.69
C VAL F 286 14.99 -1.91 -7.36
N GLY F 287 14.77 -3.17 -6.98
CA GLY F 287 14.09 -3.50 -5.75
C GLY F 287 14.94 -3.20 -4.52
N LEU F 288 16.23 -3.50 -4.62
CA LEU F 288 17.16 -3.26 -3.51
C LEU F 288 17.27 -1.77 -3.22
N LEU F 289 17.43 -0.96 -4.27
CA LEU F 289 17.55 0.49 -4.13
C LEU F 289 16.29 1.17 -3.57
N ASN F 290 15.13 0.54 -3.69
CA ASN F 290 13.90 1.13 -3.16
C ASN F 290 13.58 0.69 -1.72
N LEU F 291 14.47 -0.10 -1.10
CA LEU F 291 14.27 -0.54 0.29
C LEU F 291 14.12 0.64 1.25
N ASP F 292 13.28 0.45 2.27
CA ASP F 292 12.99 1.49 3.25
C ASP F 292 14.13 1.70 4.26
N ASP F 293 13.97 2.74 5.08
CA ASP F 293 14.96 3.11 6.09
C ASP F 293 15.27 1.99 7.09
N SER F 294 14.26 1.24 7.51
CA SER F 294 14.44 0.14 8.47
C SER F 294 15.52 -0.84 8.03
N PHE F 295 15.58 -1.13 6.74
CA PHE F 295 16.59 -2.04 6.21
C PHE F 295 18.02 -1.55 6.45
N PHE F 296 18.27 -0.28 6.13
CA PHE F 296 19.59 0.29 6.32
C PHE F 296 19.96 0.41 7.79
N ASP F 297 18.97 0.67 8.63
CA ASP F 297 19.19 0.76 10.07
C ASP F 297 19.69 -0.60 10.59
N PHE F 298 19.06 -1.66 10.12
CA PHE F 298 19.43 -3.03 10.50
C PHE F 298 20.86 -3.37 10.06
N VAL F 299 21.20 -3.05 8.81
CA VAL F 299 22.52 -3.32 8.27
C VAL F 299 23.61 -2.55 9.03
N ARG F 300 23.40 -1.25 9.17
CA ARG F 300 24.34 -0.38 9.87
C ARG F 300 24.61 -0.86 11.29
N GLU F 301 23.54 -1.15 12.02
CA GLU F 301 23.62 -1.59 13.41
C GLU F 301 24.21 -3.00 13.55
N THR F 302 23.96 -3.87 12.58
CA THR F 302 24.52 -5.22 12.62
C THR F 302 26.02 -5.08 12.60
N TYR F 303 26.54 -4.34 11.62
CA TYR F 303 27.98 -4.13 11.51
C TYR F 303 28.58 -3.31 12.67
N ARG F 304 27.80 -2.41 13.28
CA ARG F 304 28.29 -1.62 14.40
C ARG F 304 28.60 -2.55 15.59
N GLU F 305 27.65 -3.41 15.92
CA GLU F 305 27.80 -4.37 17.02
C GLU F 305 28.95 -5.35 16.78
N ARG F 306 29.15 -5.74 15.53
CA ARG F 306 30.24 -6.65 15.17
C ARG F 306 31.59 -5.99 15.33
N VAL F 307 31.74 -4.80 14.76
CA VAL F 307 32.99 -4.05 14.85
C VAL F 307 33.33 -3.81 16.32
N GLU F 308 32.35 -3.38 17.10
CA GLU F 308 32.53 -3.09 18.52
C GLU F 308 32.98 -4.35 19.28
N THR F 309 32.40 -5.51 18.95
CA THR F 309 32.78 -6.79 19.57
C THR F 309 34.27 -7.10 19.36
N VAL F 310 34.74 -6.93 18.13
CA VAL F 310 36.13 -7.17 17.79
C VAL F 310 37.04 -6.21 18.53
N LEU F 311 36.70 -4.93 18.50
CA LEU F 311 37.49 -3.90 19.17
C LEU F 311 37.68 -4.21 20.65
N LYS F 312 36.61 -4.66 21.30
CA LYS F 312 36.66 -5.01 22.72
C LYS F 312 37.58 -6.22 22.95
N LYS F 313 37.43 -7.24 22.11
CA LYS F 313 38.25 -8.45 22.21
C LYS F 313 39.74 -8.17 21.97
N LEU F 314 40.05 -7.30 21.01
CA LEU F 314 41.44 -6.94 20.73
C LEU F 314 42.05 -6.21 21.93
N GLU F 315 41.26 -5.30 22.51
CA GLU F 315 41.68 -4.52 23.66
C GLU F 315 41.89 -5.38 24.91
N GLU F 316 40.96 -6.31 25.18
CA GLU F 316 41.09 -7.17 26.36
C GLU F 316 42.25 -8.17 26.28
N HIS F 317 42.73 -8.46 25.07
CA HIS F 317 43.88 -9.36 24.89
C HIS F 317 45.22 -8.61 24.79
N GLY F 318 45.23 -7.36 25.24
CA GLY F 318 46.44 -6.54 25.26
C GLY F 318 46.96 -5.93 23.98
N LEU F 319 46.23 -6.08 22.88
CA LEU F 319 46.67 -5.50 21.61
C LEU F 319 46.45 -3.99 21.71
N LYS F 320 47.51 -3.23 21.47
CA LYS F 320 47.45 -1.77 21.58
C LYS F 320 47.16 -1.00 20.30
N ARG F 321 48.04 -1.15 19.31
CA ARG F 321 47.91 -0.40 18.06
C ARG F 321 46.91 -0.93 17.01
N PHE F 322 45.67 -0.43 17.08
CA PHE F 322 44.62 -0.78 16.14
C PHE F 322 43.73 0.44 15.95
N THR F 323 43.03 0.50 14.82
CA THR F 323 42.18 1.65 14.54
C THR F 323 40.69 1.37 14.72
N LYS F 324 39.98 2.35 15.25
CA LYS F 324 38.54 2.28 15.47
C LYS F 324 37.93 2.92 14.24
N PRO F 325 37.31 2.11 13.36
CA PRO F 325 36.76 2.68 12.15
C PRO F 325 35.48 3.48 12.33
N SER F 326 35.32 4.52 11.51
CA SER F 326 34.11 5.34 11.53
C SER F 326 33.09 4.77 10.55
N GLY F 327 33.54 3.91 9.64
CA GLY F 327 32.67 3.31 8.64
C GLY F 327 33.23 2.01 8.10
N ALA F 328 32.44 1.36 7.24
CA ALA F 328 32.78 0.07 6.63
C ALA F 328 32.82 -1.00 7.73
N PHE F 329 33.26 -2.22 7.37
CA PHE F 329 33.34 -3.31 8.35
C PHE F 329 34.73 -3.94 8.48
N TYR F 330 35.77 -3.11 8.35
CA TYR F 330 37.14 -3.58 8.47
C TYR F 330 37.86 -2.94 9.63
N ILE F 331 38.77 -3.70 10.22
CA ILE F 331 39.58 -3.25 11.32
C ILE F 331 41.02 -3.55 10.97
N THR F 332 41.83 -2.50 10.95
CA THR F 332 43.24 -2.59 10.65
C THR F 332 43.99 -2.55 11.98
N ALA F 333 44.94 -3.47 12.16
CA ALA F 333 45.70 -3.54 13.40
C ALA F 333 47.16 -3.93 13.20
N GLU F 334 48.03 -3.41 14.07
CA GLU F 334 49.46 -3.71 14.04
C GLU F 334 49.70 -4.74 15.12
N LEU F 335 50.34 -5.85 14.73
CA LEU F 335 50.65 -6.94 15.64
C LEU F 335 52.09 -6.80 16.12
N PRO F 336 52.44 -7.41 17.27
CA PRO F 336 53.80 -7.36 17.78
C PRO F 336 54.60 -8.52 17.18
N VAL F 337 54.72 -8.52 15.86
CA VAL F 337 55.40 -9.58 15.11
C VAL F 337 56.28 -8.94 14.04
N GLU F 338 57.33 -9.64 13.61
CA GLU F 338 58.22 -9.12 12.57
C GLU F 338 57.49 -9.06 11.23
N ASP F 339 56.87 -10.17 10.83
CA ASP F 339 56.14 -10.26 9.56
C ASP F 339 54.73 -10.81 9.77
N ALA F 340 53.73 -9.98 9.45
CA ALA F 340 52.33 -10.37 9.58
C ALA F 340 51.94 -11.49 8.63
N GLU F 341 52.43 -11.44 7.40
CA GLU F 341 52.08 -12.48 6.41
C GLU F 341 52.66 -13.85 6.80
N GLU F 342 53.77 -13.87 7.54
CA GLU F 342 54.36 -15.13 8.01
C GLU F 342 53.45 -15.70 9.10
N PHE F 343 52.96 -14.81 9.96
CA PHE F 343 52.04 -15.18 11.05
C PHE F 343 50.70 -15.70 10.51
N ALA F 344 50.20 -15.07 9.45
CA ALA F 344 48.95 -15.49 8.84
C ALA F 344 49.06 -16.92 8.30
N ARG F 345 50.18 -17.19 7.63
CA ARG F 345 50.44 -18.52 7.06
C ARG F 345 50.60 -19.54 8.18
N TRP F 346 51.31 -19.14 9.23
CA TRP F 346 51.56 -20.00 10.40
C TRP F 346 50.23 -20.41 11.06
N MSE F 347 49.30 -19.46 11.15
CA MSE F 347 47.99 -19.72 11.74
C MSE F 347 47.30 -20.91 11.07
O MSE F 347 46.69 -21.74 11.74
CB MSE F 347 47.04 -18.51 11.66
CG MSE F 347 47.37 -17.34 12.57
SE MSE F 347 47.21 -17.73 14.49
CE MSE F 347 45.31 -18.06 14.56
N LEU F 348 47.43 -20.99 9.74
CA LEU F 348 46.82 -22.06 8.96
C LEU F 348 47.60 -23.37 9.01
N THR F 349 48.91 -23.29 8.84
CA THR F 349 49.76 -24.49 8.84
C THR F 349 50.07 -25.11 10.19
N ASP F 350 50.72 -24.36 11.07
CA ASP F 350 51.16 -24.88 12.37
C ASP F 350 50.30 -24.49 13.60
N PHE F 351 48.99 -24.27 13.43
CA PHE F 351 48.14 -23.90 14.60
C PHE F 351 46.64 -24.16 14.44
N ASN F 352 46.03 -24.62 15.54
CA ASN F 352 44.59 -24.91 15.60
C ASN F 352 44.09 -25.14 17.04
N MSE F 353 43.33 -24.18 17.55
CA MSE F 353 42.79 -24.26 18.92
C MSE F 353 41.45 -24.98 18.85
O MSE F 353 40.52 -24.49 18.20
CB MSE F 353 42.59 -22.89 19.53
CG MSE F 353 42.23 -22.94 21.02
SE MSE F 353 41.94 -21.18 21.80
CE MSE F 353 41.69 -21.75 23.68
N ASP F 354 41.36 -26.14 19.53
CA ASP F 354 40.12 -26.93 19.55
C ASP F 354 39.65 -27.23 18.14
N GLY F 355 40.59 -27.54 17.25
CA GLY F 355 40.29 -27.85 15.85
C GLY F 355 39.84 -26.64 15.04
N GLU F 356 40.15 -25.44 15.51
CA GLU F 356 39.77 -24.18 14.85
C GLU F 356 40.95 -23.24 14.65
N THR F 357 40.87 -22.43 13.60
CA THR F 357 41.91 -21.43 13.31
C THR F 357 41.22 -20.22 12.66
N THR F 358 41.91 -19.09 12.63
CA THR F 358 41.35 -17.85 12.07
C THR F 358 42.25 -17.32 10.95
N MSE F 359 41.63 -16.92 9.85
CA MSE F 359 42.36 -16.42 8.69
C MSE F 359 42.16 -14.91 8.53
O MSE F 359 41.02 -14.42 8.39
CB MSE F 359 41.89 -17.17 7.45
CG MSE F 359 42.88 -17.19 6.30
SE MSE F 359 42.19 -18.09 4.69
CE MSE F 359 41.47 -19.61 5.41
N VAL F 360 43.27 -14.17 8.56
CA VAL F 360 43.27 -12.71 8.42
C VAL F 360 44.04 -12.32 7.17
N ALA F 361 43.82 -11.10 6.72
CA ALA F 361 44.48 -10.59 5.52
C ALA F 361 45.69 -9.72 5.86
N PRO F 362 46.89 -10.13 5.44
CA PRO F 362 48.04 -9.27 5.69
C PRO F 362 47.81 -7.94 4.97
N LEU F 363 48.18 -6.84 5.60
CA LEU F 363 47.94 -5.52 5.02
C LEU F 363 48.98 -5.07 3.98
N ARG F 364 50.07 -5.83 3.84
CA ARG F 364 51.15 -5.51 2.89
C ARG F 364 50.64 -5.32 1.46
N GLY F 365 49.62 -6.08 1.09
CA GLY F 365 49.03 -6.00 -0.25
C GLY F 365 48.22 -4.74 -0.53
N PHE F 366 47.95 -3.95 0.52
CA PHE F 366 47.19 -2.70 0.39
C PHE F 366 48.08 -1.47 0.22
N TYR F 367 49.40 -1.67 0.23
CA TYR F 367 50.35 -0.60 0.04
C TYR F 367 51.16 -0.81 -1.23
N LEU F 368 51.51 0.29 -1.89
CA LEU F 368 52.38 0.25 -3.08
C LEU F 368 53.81 0.49 -2.64
N THR F 369 53.99 1.44 -1.72
CA THR F 369 55.32 1.76 -1.19
C THR F 369 55.91 0.48 -0.58
N PRO F 370 57.10 0.06 -1.04
CA PRO F 370 57.66 -1.17 -0.50
C PRO F 370 58.07 -1.05 0.97
N GLY F 371 57.79 -2.10 1.74
CA GLY F 371 58.13 -2.15 3.16
C GLY F 371 57.01 -1.78 4.11
N LEU F 372 56.01 -1.03 3.65
CA LEU F 372 54.91 -0.62 4.52
C LEU F 372 53.85 -1.72 4.70
N GLY F 373 53.30 -1.80 5.91
CA GLY F 373 52.29 -2.77 6.28
C GLY F 373 52.82 -4.18 6.51
N LYS F 374 54.10 -4.31 6.85
CA LYS F 374 54.73 -5.62 7.09
C LYS F 374 54.20 -6.30 8.33
N LYS F 375 53.92 -5.52 9.37
CA LYS F 375 53.43 -6.03 10.65
C LYS F 375 51.94 -5.77 10.88
N GLU F 376 51.24 -5.30 9.85
CA GLU F 376 49.81 -4.97 9.94
C GLU F 376 48.89 -5.98 9.26
N ILE F 377 47.66 -6.10 9.77
CA ILE F 377 46.66 -7.01 9.20
C ILE F 377 45.31 -6.34 9.14
N ARG F 378 44.42 -6.90 8.34
CA ARG F 378 43.07 -6.38 8.21
C ARG F 378 42.10 -7.48 8.64
N ILE F 379 41.08 -7.11 9.43
CA ILE F 379 40.05 -8.04 9.90
C ILE F 379 38.72 -7.59 9.30
N ALA F 380 38.04 -8.49 8.59
CA ALA F 380 36.76 -8.20 7.99
C ALA F 380 35.69 -8.77 8.93
N CYS F 381 34.79 -7.91 9.39
CA CYS F 381 33.72 -8.30 10.30
C CYS F 381 32.51 -8.81 9.54
N VAL F 382 32.67 -9.96 8.91
CA VAL F 382 31.62 -10.57 8.10
C VAL F 382 31.08 -11.92 8.64
N LEU F 383 31.00 -12.02 9.96
CA LEU F 383 30.47 -13.22 10.63
C LEU F 383 29.57 -12.69 11.73
N GLU F 384 28.62 -13.50 12.19
CA GLU F 384 27.73 -13.08 13.28
C GLU F 384 28.61 -12.77 14.50
N LYS F 385 28.21 -11.77 15.29
CA LYS F 385 29.00 -11.33 16.45
C LYS F 385 29.58 -12.39 17.39
N ASP F 386 28.83 -13.45 17.70
CA ASP F 386 29.35 -14.52 18.57
C ASP F 386 30.48 -15.33 17.91
N LEU F 387 30.34 -15.64 16.62
CA LEU F 387 31.40 -16.37 15.91
C LEU F 387 32.63 -15.48 15.81
N LEU F 388 32.40 -14.19 15.53
CA LEU F 388 33.49 -13.21 15.45
C LEU F 388 34.26 -13.15 16.74
N SER F 389 33.54 -13.14 17.86
CA SER F 389 34.16 -13.12 19.18
C SER F 389 35.07 -14.33 19.32
N ARG F 390 34.55 -15.48 18.91
CA ARG F 390 35.29 -16.73 18.99
C ARG F 390 36.49 -16.70 18.05
N ALA F 391 36.29 -16.20 16.83
CA ALA F 391 37.35 -16.10 15.83
C ALA F 391 38.52 -15.26 16.34
N ILE F 392 38.22 -14.23 17.12
CA ILE F 392 39.25 -13.36 17.68
C ILE F 392 39.96 -14.06 18.85
N ASP F 393 39.22 -14.84 19.65
CA ASP F 393 39.82 -15.59 20.76
C ASP F 393 40.87 -16.56 20.21
N VAL F 394 40.52 -17.24 19.11
CA VAL F 394 41.43 -18.18 18.46
C VAL F 394 42.65 -17.48 17.89
N LEU F 395 42.43 -16.30 17.30
CA LEU F 395 43.50 -15.50 16.71
C LEU F 395 44.50 -15.02 17.76
N MSE F 396 44.00 -14.57 18.92
CA MSE F 396 44.87 -14.08 20.00
C MSE F 396 45.60 -15.20 20.72
O MSE F 396 46.72 -14.98 21.18
CB MSE F 396 44.06 -13.27 21.03
CG MSE F 396 43.47 -11.99 20.50
SE MSE F 396 44.88 -10.83 19.86
CE MSE F 396 43.93 -9.32 19.46
N GLU F 397 44.97 -16.36 20.84
CA GLU F 397 45.61 -17.51 21.48
C GLU F 397 46.77 -17.93 20.58
N GLY F 398 46.55 -17.86 19.27
CA GLY F 398 47.57 -18.20 18.28
C GLY F 398 48.70 -17.20 18.31
N LEU F 399 48.35 -15.92 18.47
CA LEU F 399 49.32 -14.84 18.54
C LEU F 399 50.22 -14.99 19.76
N LYS F 400 49.63 -15.44 20.88
CA LYS F 400 50.38 -15.63 22.11
C LYS F 400 51.39 -16.76 22.00
N MSE F 401 51.02 -17.86 21.33
CA MSE F 401 51.92 -18.99 21.15
C MSE F 401 53.05 -18.69 20.17
O MSE F 401 54.19 -19.10 20.38
CB MSE F 401 51.15 -20.21 20.63
CG MSE F 401 50.10 -20.79 21.54
SE MSE F 401 50.75 -21.51 23.22
CE MSE F 401 51.16 -19.85 24.23
N PHE F 402 52.69 -17.97 19.09
CA PHE F 402 53.65 -17.58 18.05
C PHE F 402 54.92 -16.99 18.67
N CYS F 403 54.76 -16.31 19.80
CA CYS F 403 55.85 -15.72 20.56
C CYS F 403 56.44 -16.76 21.49
#